data_8T0U
#
_entry.id   8T0U
#
_cell.length_a   88.785
_cell.length_b   94.506
_cell.length_c   102.056
_cell.angle_alpha   103.827
_cell.angle_beta   100.585
_cell.angle_gamma   96.521
#
_symmetry.space_group_name_H-M   'P 1'
#
loop_
_entity.id
_entity.type
_entity.pdbx_description
1 polymer 'FMNH(2)-dependent dimethylsulfone monooxygenase'
2 non-polymer 'SULFATE ION'
3 water water
#
_entity_poly.entity_id   1
_entity_poly.type   'polypeptide(L)'
_entity_poly.pdbx_seq_one_letter_code
;MGSSHHHHHHSSGLVPRGSHMASMSQQAVKFAYWVPNVSGGLVVSRIEQRTDWGIDYNRKLAQLAEAAGFEYALTQIRFT
AGYGAEFQHESVAFSHALLAATSQLKVIAAILPGPWQPALAAKQLATIDQLTNGRIAVNIVSGWFRGEFQAIGEHWLEHD
ERYRRSEEFIRSLRGIWSQDNFTFRGDFYRFDNYSLKPKPLGRPEIFQGGSSRAARDMAARVSDWYFTNGNSVEGIKAQV
DDIRAKAAANHHSVKIGVNAFVIARDTEEEAKAVLAQIIDQADPEAVNAFGDAAKQAGRASPEGEGNWAKSTFEDLVQYN
DGFKTNLIGTPQQIAERIVALKAVGVDLVLAGFLHFQEEVEYFGQRVLPLVRELEAKAQSARTAEVA
;
_entity_poly.pdbx_strand_id   A,B,C,D,E,F,G,H
#
loop_
_chem_comp.id
_chem_comp.type
_chem_comp.name
_chem_comp.formula
SO4 non-polymer 'SULFATE ION' 'O4 S -2'
#
# COMPACT_ATOMS: atom_id res chain seq x y z
N GLN A 26 42.17 20.68 -38.37
CA GLN A 26 41.92 21.44 -37.15
C GLN A 26 43.14 21.42 -36.24
N GLN A 27 43.61 22.60 -35.84
CA GLN A 27 44.79 22.70 -35.00
C GLN A 27 44.53 23.61 -33.81
N ALA A 28 43.65 24.59 -33.99
CA ALA A 28 43.36 25.56 -32.94
C ALA A 28 42.61 24.89 -31.79
N VAL A 29 42.95 25.30 -30.56
CA VAL A 29 42.29 24.76 -29.38
C VAL A 29 40.84 25.21 -29.37
N LYS A 30 39.93 24.24 -29.23
CA LYS A 30 38.51 24.52 -29.14
C LYS A 30 38.12 24.75 -27.68
N PHE A 31 37.03 25.49 -27.48
CA PHE A 31 36.59 25.83 -26.14
C PHE A 31 35.12 25.49 -25.95
N ALA A 32 34.81 24.94 -24.78
CA ALA A 32 33.45 24.60 -24.40
C ALA A 32 33.23 25.03 -22.96
N TYR A 33 31.96 25.26 -22.62
CA TYR A 33 31.59 25.66 -21.28
C TYR A 33 30.47 24.77 -20.77
N TRP A 34 30.47 24.54 -19.45
CA TRP A 34 29.39 23.80 -18.82
C TRP A 34 28.13 24.64 -18.83
N VAL A 35 27.06 24.11 -19.41
CA VAL A 35 25.77 24.80 -19.38
C VAL A 35 25.16 24.62 -18.00
N PRO A 36 24.87 25.70 -17.28
CA PRO A 36 24.21 25.57 -15.97
C PRO A 36 22.71 25.36 -16.12
N ASN A 37 22.34 24.22 -16.71
CA ASN A 37 20.92 23.88 -16.82
C ASN A 37 20.38 23.18 -15.59
N VAL A 38 21.20 22.94 -14.57
CA VAL A 38 20.74 22.48 -13.27
C VAL A 38 21.16 23.52 -12.24
N SER A 39 20.35 23.64 -11.18
CA SER A 39 20.59 24.64 -10.17
C SER A 39 21.72 24.22 -9.24
N GLY A 40 22.13 25.17 -8.38
CA GLY A 40 23.12 24.95 -7.36
C GLY A 40 24.52 25.39 -7.72
N GLY A 41 24.90 25.36 -8.99
CA GLY A 41 26.26 25.69 -9.36
C GLY A 41 27.25 24.69 -8.79
N LEU A 42 27.99 25.09 -7.77
CA LEU A 42 28.94 24.22 -7.08
C LEU A 42 28.54 24.08 -5.61
N VAL A 43 29.38 23.37 -4.85
CA VAL A 43 29.18 23.21 -3.42
C VAL A 43 29.34 24.54 -2.69
N GLU A 48 28.17 32.81 -2.80
CA GLU A 48 27.29 33.56 -3.67
C GLU A 48 27.69 33.40 -5.13
N GLN A 49 26.73 33.02 -5.97
CA GLN A 49 26.96 32.82 -7.40
C GLN A 49 25.90 33.57 -8.19
N ARG A 50 26.34 34.36 -9.17
CA ARG A 50 25.44 35.09 -10.05
C ARG A 50 25.11 34.29 -11.31
N THR A 51 24.62 33.07 -11.11
CA THR A 51 24.22 32.19 -12.20
C THR A 51 22.80 31.71 -11.96
N ASP A 52 22.15 31.35 -13.06
CA ASP A 52 20.77 30.87 -13.00
C ASP A 52 20.63 29.68 -13.95
N TRP A 53 19.69 28.80 -13.61
CA TRP A 53 19.36 27.64 -14.42
C TRP A 53 18.22 27.91 -15.40
N GLY A 54 17.67 29.13 -15.40
CA GLY A 54 16.53 29.43 -16.24
C GLY A 54 16.89 29.60 -17.70
N ILE A 55 15.84 29.60 -18.53
CA ILE A 55 16.03 29.67 -19.97
C ILE A 55 16.52 31.05 -20.40
N ASP A 56 15.99 32.12 -19.79
CA ASP A 56 16.41 33.47 -20.18
C ASP A 56 17.88 33.69 -19.89
N TYR A 57 18.36 33.25 -18.72
CA TYR A 57 19.77 33.37 -18.40
C TYR A 57 20.63 32.56 -19.36
N ASN A 58 20.19 31.34 -19.69
CA ASN A 58 21.01 30.47 -20.52
C ASN A 58 20.96 30.84 -22.01
N ARG A 59 19.85 31.40 -22.49
CA ARG A 59 19.83 31.92 -23.86
C ARG A 59 20.85 33.02 -24.04
N LYS A 60 20.89 33.97 -23.10
CA LYS A 60 21.87 35.04 -23.17
C LYS A 60 23.28 34.49 -23.02
N LEU A 61 23.48 33.54 -22.10
CA LEU A 61 24.80 32.95 -21.90
C LEU A 61 25.29 32.25 -23.15
N ALA A 62 24.40 31.51 -23.82
CA ALA A 62 24.79 30.83 -25.06
C ALA A 62 25.19 31.83 -26.14
N GLN A 63 24.42 32.92 -26.27
CA GLN A 63 24.74 33.96 -27.25
C GLN A 63 26.05 34.65 -26.89
N LEU A 64 26.27 34.93 -25.60
CA LEU A 64 27.54 35.50 -25.18
C LEU A 64 28.69 34.54 -25.43
N ALA A 65 28.48 33.25 -25.17
CA ALA A 65 29.53 32.26 -25.40
C ALA A 65 29.87 32.14 -26.88
N GLU A 66 28.85 32.21 -27.74
CA GLU A 66 29.10 32.13 -29.18
C GLU A 66 29.93 33.30 -29.66
N ALA A 67 29.62 34.51 -29.18
CA ALA A 67 30.39 35.68 -29.57
C ALA A 67 31.79 35.67 -28.95
N ALA A 68 31.94 35.04 -27.78
CA ALA A 68 33.24 34.98 -27.11
C ALA A 68 34.20 34.01 -27.77
N GLY A 69 33.74 33.19 -28.71
CA GLY A 69 34.60 32.23 -29.38
C GLY A 69 34.45 30.79 -28.95
N PHE A 70 33.51 30.48 -28.06
CA PHE A 70 33.26 29.10 -27.68
C PHE A 70 32.60 28.35 -28.82
N GLU A 71 33.01 27.10 -29.02
CA GLU A 71 32.46 26.26 -30.07
C GLU A 71 31.38 25.31 -29.57
N TYR A 72 31.51 24.79 -28.36
CA TYR A 72 30.59 23.81 -27.82
C TYR A 72 29.96 24.29 -26.52
N ALA A 73 28.73 23.83 -26.28
CA ALA A 73 28.05 24.00 -25.01
C ALA A 73 27.64 22.61 -24.53
N LEU A 74 28.07 22.26 -23.31
CA LEU A 74 27.84 20.93 -22.75
C LEU A 74 26.77 21.02 -21.67
N THR A 75 25.64 20.34 -21.90
CA THR A 75 24.57 20.29 -20.92
C THR A 75 24.83 19.16 -19.91
N GLN A 76 24.10 19.24 -18.79
CA GLN A 76 24.15 18.23 -17.76
C GLN A 76 22.81 17.51 -17.70
N ILE A 77 22.83 16.24 -17.31
CA ILE A 77 21.62 15.43 -17.26
C ILE A 77 21.38 14.99 -15.82
N ARG A 78 20.14 15.22 -15.35
CA ARG A 78 19.70 14.79 -14.03
C ARG A 78 18.22 14.47 -14.15
N PHE A 79 17.73 13.58 -13.29
CA PHE A 79 16.33 13.21 -13.32
C PHE A 79 15.55 13.57 -12.06
N THR A 80 16.08 13.30 -10.88
CA THR A 80 15.37 13.59 -9.65
C THR A 80 16.01 14.77 -8.91
N ALA A 81 15.18 15.51 -8.19
CA ALA A 81 15.65 16.65 -7.42
C ALA A 81 16.50 16.18 -6.25
N GLY A 82 17.58 16.89 -6.00
CA GLY A 82 18.50 16.56 -4.93
C GLY A 82 19.89 16.27 -5.48
N TYR A 83 20.72 15.67 -4.61
CA TYR A 83 22.10 15.33 -4.94
C TYR A 83 22.90 16.54 -5.42
N GLY A 84 22.53 17.73 -4.95
CA GLY A 84 23.20 18.97 -5.29
C GLY A 84 22.36 19.93 -6.11
N ALA A 85 21.51 19.42 -6.98
CA ALA A 85 20.70 20.25 -7.88
C ALA A 85 19.22 20.05 -7.57
N GLU A 86 18.60 21.10 -7.02
CA GLU A 86 17.18 21.03 -6.72
C GLU A 86 16.32 21.19 -7.96
N PHE A 87 16.74 22.04 -8.90
CA PHE A 87 16.02 22.30 -10.13
C PHE A 87 16.85 21.84 -11.31
N GLN A 88 16.23 21.12 -12.24
CA GLN A 88 16.94 20.52 -13.36
C GLN A 88 16.07 20.62 -14.61
N HIS A 89 16.64 21.21 -15.66
CA HIS A 89 15.99 21.22 -16.98
C HIS A 89 16.42 19.99 -17.76
N GLU A 90 15.49 19.43 -18.53
CA GLU A 90 15.79 18.24 -19.32
C GLU A 90 16.80 18.60 -20.41
N SER A 91 17.85 17.78 -20.53
CA SER A 91 19.03 18.18 -21.31
C SER A 91 18.73 18.29 -22.80
N VAL A 92 17.98 17.34 -23.36
CA VAL A 92 17.79 17.33 -24.81
C VAL A 92 16.91 18.50 -25.26
N ALA A 93 15.79 18.72 -24.56
CA ALA A 93 14.93 19.85 -24.90
C ALA A 93 15.64 21.18 -24.67
N PHE A 94 16.44 21.25 -23.61
CA PHE A 94 17.21 22.46 -23.34
C PHE A 94 18.25 22.69 -24.44
N SER A 95 18.86 21.60 -24.93
CA SER A 95 19.80 21.72 -26.03
C SER A 95 19.11 22.27 -27.26
N HIS A 96 17.88 21.81 -27.52
CA HIS A 96 17.12 22.32 -28.66
C HIS A 96 16.84 23.81 -28.50
N ALA A 97 16.55 24.25 -27.27
CA ALA A 97 16.25 25.68 -27.04
C ALA A 97 17.49 26.55 -27.22
N LEU A 98 18.64 26.11 -26.72
CA LEU A 98 19.87 26.89 -26.88
C LEU A 98 20.30 26.97 -28.34
N LEU A 99 20.11 25.89 -29.09
CA LEU A 99 20.45 25.90 -30.51
C LEU A 99 19.58 26.87 -31.28
N ALA A 100 18.29 26.93 -30.94
CA ALA A 100 17.39 27.85 -31.63
C ALA A 100 17.69 29.31 -31.33
N ALA A 101 18.41 29.60 -30.25
CA ALA A 101 18.79 30.96 -29.90
C ALA A 101 20.16 31.36 -30.40
N THR A 102 20.86 30.49 -31.13
CA THR A 102 22.20 30.76 -31.64
C THR A 102 22.25 30.45 -33.13
N SER A 103 23.41 30.69 -33.74
CA SER A 103 23.62 30.48 -35.17
C SER A 103 24.71 29.46 -35.47
N GLN A 104 25.87 29.58 -34.82
CA GLN A 104 26.99 28.68 -35.06
C GLN A 104 27.39 27.85 -33.85
N LEU A 105 26.83 28.13 -32.67
CA LEU A 105 27.18 27.39 -31.48
C LEU A 105 26.72 25.94 -31.59
N LYS A 106 27.57 25.02 -31.15
CA LYS A 106 27.22 23.62 -31.09
C LYS A 106 26.88 23.27 -29.64
N VAL A 107 25.83 22.47 -29.45
CA VAL A 107 25.36 22.08 -28.13
C VAL A 107 25.46 20.58 -28.00
N ILE A 108 26.09 20.12 -26.93
CA ILE A 108 26.26 18.70 -26.65
C ILE A 108 25.14 18.29 -25.70
N ALA A 109 24.24 17.43 -26.17
CA ALA A 109 23.13 16.95 -25.35
C ALA A 109 23.60 15.77 -24.52
N ALA A 110 23.35 15.82 -23.22
CA ALA A 110 23.76 14.74 -22.33
C ALA A 110 22.69 13.65 -22.35
N ILE A 111 23.13 12.40 -22.48
CA ILE A 111 22.24 11.25 -22.57
C ILE A 111 22.68 10.22 -21.53
N LEU A 112 21.72 9.68 -20.79
CA LEU A 112 21.98 8.70 -19.74
C LEU A 112 21.31 7.37 -20.07
N PRO A 113 22.05 6.37 -20.52
CA PRO A 113 21.45 5.05 -20.75
C PRO A 113 20.82 4.52 -19.48
N GLY A 114 19.75 3.76 -19.64
CA GLY A 114 18.86 3.47 -18.54
C GLY A 114 17.51 4.14 -18.77
N PRO A 115 17.31 5.30 -18.16
CA PRO A 115 16.11 6.08 -18.49
C PRO A 115 16.02 6.46 -19.96
N TRP A 116 17.13 6.52 -20.68
CA TRP A 116 17.16 6.74 -22.12
C TRP A 116 17.37 5.42 -22.85
N GLN A 117 16.73 5.31 -24.02
CA GLN A 117 16.94 4.19 -24.92
C GLN A 117 17.44 4.71 -26.27
N PRO A 118 18.33 3.98 -26.93
CA PRO A 118 19.00 4.54 -28.13
C PRO A 118 18.07 4.87 -29.28
N ALA A 119 16.99 4.10 -29.48
CA ALA A 119 16.10 4.37 -30.60
C ALA A 119 15.48 5.75 -30.50
N LEU A 120 14.96 6.10 -29.32
CA LEU A 120 14.39 7.42 -29.13
C LEU A 120 15.47 8.49 -29.17
N ALA A 121 16.63 8.22 -28.55
CA ALA A 121 17.72 9.18 -28.57
C ALA A 121 18.20 9.45 -29.99
N ALA A 122 18.33 8.39 -30.80
CA ALA A 122 18.80 8.58 -32.17
C ALA A 122 17.81 9.40 -32.98
N LYS A 123 16.52 9.12 -32.84
CA LYS A 123 15.52 9.82 -33.65
C LYS A 123 15.30 11.25 -33.17
N GLN A 124 15.29 11.47 -31.85
CA GLN A 124 15.08 12.82 -31.35
C GLN A 124 16.25 13.72 -31.68
N LEU A 125 17.48 13.23 -31.49
CA LEU A 125 18.65 14.02 -31.83
C LEU A 125 18.76 14.27 -33.33
N ALA A 126 18.30 13.32 -34.14
CA ALA A 126 18.34 13.49 -35.59
C ALA A 126 17.40 14.59 -36.05
N THR A 127 16.19 14.64 -35.50
CA THR A 127 15.24 15.70 -35.87
C THR A 127 15.75 17.05 -35.43
N ILE A 128 16.26 17.15 -34.19
CA ILE A 128 16.81 18.42 -33.72
C ILE A 128 18.00 18.83 -34.58
N ASP A 129 18.80 17.86 -35.02
CA ASP A 129 19.91 18.16 -35.91
C ASP A 129 19.41 18.77 -37.22
N GLN A 130 18.29 18.25 -37.74
CA GLN A 130 17.70 18.83 -38.94
C GLN A 130 17.17 20.23 -38.69
N LEU A 131 16.61 20.48 -37.49
CA LEU A 131 16.03 21.77 -37.18
C LEU A 131 17.06 22.82 -36.80
N THR A 132 18.31 22.42 -36.56
CA THR A 132 19.33 23.33 -36.07
C THR A 132 20.57 23.36 -36.98
N ASN A 133 20.42 22.96 -38.24
CA ASN A 133 21.51 23.00 -39.22
C ASN A 133 22.70 22.16 -38.77
N GLY A 134 22.42 21.00 -38.20
CA GLY A 134 23.45 20.03 -37.84
C GLY A 134 24.43 20.50 -36.77
N ARG A 135 23.92 21.09 -35.69
CA ARG A 135 24.79 21.66 -34.66
C ARG A 135 24.65 20.97 -33.31
N ILE A 136 24.15 19.73 -33.28
CA ILE A 136 23.91 19.02 -32.02
C ILE A 136 24.90 17.88 -31.88
N ALA A 137 25.41 17.69 -30.67
CA ALA A 137 26.29 16.59 -30.32
C ALA A 137 25.69 15.87 -29.10
N VAL A 138 26.34 14.78 -28.70
CA VAL A 138 25.82 13.94 -27.62
C VAL A 138 26.96 13.60 -26.66
N ASN A 139 26.65 13.64 -25.37
CA ASN A 139 27.57 13.24 -24.30
C ASN A 139 26.92 12.08 -23.55
N ILE A 140 27.53 10.91 -23.65
CA ILE A 140 26.98 9.70 -23.03
C ILE A 140 27.51 9.59 -21.60
N VAL A 141 26.61 9.68 -20.63
CA VAL A 141 26.92 9.61 -19.22
C VAL A 141 26.47 8.25 -18.70
N SER A 142 27.33 7.59 -17.92
CA SER A 142 27.01 6.29 -17.37
C SER A 142 26.37 6.34 -16.00
N GLY A 143 26.17 7.53 -15.43
CA GLY A 143 25.49 7.66 -14.16
C GLY A 143 26.39 7.50 -12.95
N TRP A 144 26.17 8.33 -11.93
CA TRP A 144 26.97 8.29 -10.71
C TRP A 144 26.20 8.03 -9.43
N PHE A 145 24.91 8.38 -9.38
CA PHE A 145 24.11 8.26 -8.16
C PHE A 145 23.10 7.12 -8.35
N ARG A 146 23.25 6.06 -7.56
CA ARG A 146 22.31 4.95 -7.64
C ARG A 146 20.94 5.31 -7.10
N GLY A 147 20.86 6.29 -6.19
CA GLY A 147 19.57 6.71 -5.67
C GLY A 147 18.68 7.34 -6.73
N GLU A 148 19.29 8.04 -7.70
CA GLU A 148 18.51 8.60 -8.80
C GLU A 148 17.96 7.50 -9.69
N PHE A 149 18.76 6.46 -9.95
CA PHE A 149 18.28 5.33 -10.74
C PHE A 149 17.17 4.59 -10.00
N GLN A 150 17.36 4.34 -8.71
CA GLN A 150 16.36 3.59 -7.95
C GLN A 150 15.04 4.36 -7.86
N ALA A 151 15.11 5.69 -7.79
CA ALA A 151 13.90 6.50 -7.72
C ALA A 151 13.05 6.36 -8.96
N ILE A 152 13.67 6.15 -10.12
CA ILE A 152 12.95 6.04 -11.38
C ILE A 152 12.75 4.60 -11.82
N GLY A 153 12.96 3.64 -10.92
CA GLY A 153 12.69 2.25 -11.22
C GLY A 153 13.76 1.52 -12.00
N GLU A 154 14.93 2.12 -12.18
CA GLU A 154 16.01 1.50 -12.93
C GLU A 154 16.92 0.72 -11.99
N HIS A 155 17.36 -0.45 -12.45
CA HIS A 155 18.30 -1.26 -11.70
C HIS A 155 19.70 -0.65 -11.80
N TRP A 156 20.51 -0.92 -10.78
CA TRP A 156 21.86 -0.36 -10.70
C TRP A 156 22.84 -1.45 -11.11
N LEU A 157 23.35 -1.34 -12.33
CA LEU A 157 24.30 -2.31 -12.85
C LEU A 157 25.68 -2.07 -12.25
N GLU A 158 26.52 -3.11 -12.32
CA GLU A 158 27.90 -2.99 -11.88
C GLU A 158 28.64 -1.95 -12.73
N HIS A 159 29.68 -1.37 -12.15
CA HIS A 159 30.39 -0.25 -12.77
C HIS A 159 30.81 -0.55 -14.20
N ASP A 160 31.59 -1.62 -14.39
CA ASP A 160 32.01 -1.97 -15.74
C ASP A 160 30.84 -2.39 -16.62
N GLU A 161 29.80 -2.98 -16.02
CA GLU A 161 28.63 -3.37 -16.79
C GLU A 161 27.88 -2.16 -17.34
N ARG A 162 27.88 -1.05 -16.61
CA ARG A 162 27.25 0.18 -17.12
C ARG A 162 27.99 0.70 -18.35
N TYR A 163 29.30 0.53 -18.40
CA TYR A 163 30.04 0.96 -19.59
C TYR A 163 29.84 0.02 -20.76
N ARG A 164 29.59 -1.27 -20.51
CA ARG A 164 29.21 -2.17 -21.59
C ARG A 164 27.86 -1.75 -22.19
N ARG A 165 26.91 -1.35 -21.34
CA ARG A 165 25.63 -0.88 -21.87
C ARG A 165 25.79 0.44 -22.60
N SER A 166 26.63 1.33 -22.08
CA SER A 166 26.85 2.61 -22.78
C SER A 166 27.52 2.39 -24.13
N GLU A 167 28.42 1.41 -24.21
CA GLU A 167 29.08 1.15 -25.49
C GLU A 167 28.10 0.62 -26.53
N GLU A 168 27.19 -0.26 -26.12
CA GLU A 168 26.12 -0.69 -27.03
C GLU A 168 25.22 0.47 -27.41
N PHE A 169 25.00 1.39 -26.47
CA PHE A 169 24.22 2.58 -26.77
C PHE A 169 24.90 3.42 -27.85
N ILE A 170 26.22 3.56 -27.76
CA ILE A 170 26.97 4.35 -28.73
C ILE A 170 26.99 3.67 -30.10
N ARG A 171 27.24 2.35 -30.13
CA ARG A 171 27.25 1.64 -31.41
C ARG A 171 25.91 1.72 -32.12
N SER A 172 24.82 1.67 -31.35
CA SER A 172 23.49 1.79 -31.94
C SER A 172 23.28 3.18 -32.55
N LEU A 173 23.76 4.24 -31.88
CA LEU A 173 23.62 5.59 -32.43
C LEU A 173 24.35 5.72 -33.76
N ARG A 174 25.60 5.25 -33.81
CA ARG A 174 26.36 5.35 -35.05
C ARG A 174 25.71 4.55 -36.17
N GLY A 175 25.23 3.35 -35.87
CA GLY A 175 24.62 2.53 -36.90
C GLY A 175 23.30 3.11 -37.40
N ILE A 176 22.46 3.58 -36.48
CA ILE A 176 21.17 4.15 -36.86
C ILE A 176 21.37 5.41 -37.71
N TRP A 177 22.32 6.25 -37.33
CA TRP A 177 22.49 7.54 -37.99
C TRP A 177 23.11 7.44 -39.38
N SER A 178 23.79 6.34 -39.71
CA SER A 178 24.55 6.33 -40.96
C SER A 178 24.08 5.33 -41.99
N GLN A 179 23.33 4.30 -41.61
CA GLN A 179 22.89 3.30 -42.57
C GLN A 179 21.41 2.98 -42.38
N ASP A 180 20.74 2.67 -43.49
CA ASP A 180 19.42 2.07 -43.40
C ASP A 180 19.58 0.59 -43.07
N ASN A 181 18.45 -0.05 -42.78
CA ASN A 181 18.38 -1.45 -42.38
C ASN A 181 19.48 -1.79 -41.38
N PHE A 182 19.43 -1.11 -40.24
CA PHE A 182 20.43 -1.32 -39.20
C PHE A 182 20.00 -2.50 -38.35
N THR A 183 20.92 -3.44 -38.12
CA THR A 183 20.66 -4.60 -37.30
C THR A 183 21.76 -4.73 -36.25
N PHE A 184 21.36 -4.95 -35.00
CA PHE A 184 22.29 -5.03 -33.88
C PHE A 184 21.72 -6.01 -32.88
N ARG A 185 22.50 -7.00 -32.48
CA ARG A 185 22.07 -8.02 -31.52
C ARG A 185 22.98 -7.94 -30.31
N GLY A 186 22.69 -6.99 -29.42
CA GLY A 186 23.47 -6.76 -28.23
C GLY A 186 22.86 -7.43 -27.01
N ASP A 187 23.62 -7.37 -25.91
CA ASP A 187 23.11 -7.85 -24.63
C ASP A 187 22.12 -6.87 -24.00
N PHE A 188 22.16 -5.61 -24.40
CA PHE A 188 21.27 -4.59 -23.86
C PHE A 188 20.27 -4.03 -24.88
N TYR A 189 20.65 -3.95 -26.16
CA TYR A 189 19.80 -3.35 -27.17
C TYR A 189 19.77 -4.20 -28.42
N ARG A 190 18.60 -4.29 -29.04
CA ARG A 190 18.40 -5.02 -30.27
C ARG A 190 17.80 -4.10 -31.33
N PHE A 191 18.24 -4.27 -32.57
CA PHE A 191 17.67 -3.59 -33.71
C PHE A 191 17.58 -4.57 -34.87
N ASP A 192 16.47 -4.50 -35.62
CA ASP A 192 16.19 -5.45 -36.69
C ASP A 192 15.76 -4.67 -37.93
N ASN A 193 16.71 -4.45 -38.84
CA ASN A 193 16.44 -3.75 -40.11
C ASN A 193 15.77 -2.41 -39.87
N TYR A 194 16.29 -1.65 -38.91
CA TYR A 194 15.71 -0.37 -38.55
C TYR A 194 16.26 0.71 -39.47
N SER A 195 15.35 1.49 -40.05
CA SER A 195 15.71 2.58 -40.96
C SER A 195 15.15 3.88 -40.40
N LEU A 196 16.04 4.74 -39.92
CA LEU A 196 15.66 6.04 -39.38
C LEU A 196 15.65 7.05 -40.51
N LYS A 197 14.51 7.72 -40.70
CA LYS A 197 14.38 8.78 -41.68
C LYS A 197 13.51 9.87 -41.09
N PRO A 198 13.96 11.14 -41.09
CA PRO A 198 15.26 11.56 -41.65
C PRO A 198 16.42 11.32 -40.70
N LYS A 199 17.61 11.20 -41.26
CA LYS A 199 18.85 11.06 -40.51
C LYS A 199 19.39 12.43 -40.14
N PRO A 200 20.41 12.50 -39.27
CA PRO A 200 20.99 13.80 -38.93
C PRO A 200 21.54 14.49 -40.17
N LEU A 201 21.46 15.82 -40.16
CA LEU A 201 22.04 16.61 -41.24
C LEU A 201 23.54 16.40 -41.32
N GLY A 202 24.21 16.44 -40.17
CA GLY A 202 25.62 16.16 -40.08
C GLY A 202 25.90 14.84 -39.38
N ARG A 203 27.13 14.72 -38.89
CA ARG A 203 27.53 13.54 -38.12
C ARG A 203 27.72 13.98 -36.68
N PRO A 204 26.76 13.72 -35.79
CA PRO A 204 26.86 14.20 -34.40
C PRO A 204 28.06 13.58 -33.70
N GLU A 205 28.94 14.44 -33.20
CA GLU A 205 30.09 13.97 -32.45
C GLU A 205 29.65 13.38 -31.11
N ILE A 206 30.40 12.39 -30.66
CA ILE A 206 30.08 11.66 -29.44
C ILE A 206 31.17 11.97 -28.42
N PHE A 207 30.79 12.74 -27.40
CA PHE A 207 31.69 13.09 -26.32
C PHE A 207 31.49 12.10 -25.17
N GLN A 208 32.56 11.88 -24.40
CA GLN A 208 32.49 10.94 -23.30
C GLN A 208 33.56 11.26 -22.27
N GLY A 209 33.18 11.21 -20.99
CA GLY A 209 34.11 11.40 -19.91
C GLY A 209 34.40 10.13 -19.13
N GLY A 210 34.73 10.27 -17.86
CA GLY A 210 35.06 9.13 -17.03
C GLY A 210 36.55 8.88 -16.98
N SER A 211 37.06 8.45 -15.83
CA SER A 211 38.49 8.23 -15.64
C SER A 211 38.86 6.78 -15.37
N SER A 212 37.89 5.90 -15.18
CA SER A 212 38.20 4.51 -14.88
C SER A 212 38.73 3.80 -16.13
N ARG A 213 39.26 2.60 -15.93
CA ARG A 213 39.79 1.83 -17.04
C ARG A 213 38.70 1.53 -18.07
N ALA A 214 37.50 1.18 -17.61
CA ALA A 214 36.41 0.90 -18.52
C ALA A 214 36.01 2.15 -19.31
N ALA A 215 36.10 3.33 -18.69
CA ALA A 215 35.69 4.55 -19.37
C ALA A 215 36.62 4.88 -20.54
N ARG A 216 37.93 4.71 -20.36
CA ARG A 216 38.86 5.04 -21.42
C ARG A 216 39.09 3.89 -22.40
N ASP A 217 38.70 2.66 -22.05
CA ASP A 217 38.68 1.60 -23.05
C ASP A 217 37.52 1.78 -24.00
N MET A 218 36.38 2.27 -23.50
CA MET A 218 35.25 2.55 -24.38
C MET A 218 35.54 3.75 -25.27
N ALA A 219 36.15 4.80 -24.72
CA ALA A 219 36.45 5.99 -25.50
C ALA A 219 37.43 5.68 -26.62
N ALA A 220 38.42 4.83 -26.35
CA ALA A 220 39.40 4.45 -27.35
C ALA A 220 38.83 3.57 -28.45
N ARG A 221 37.55 3.21 -28.39
CA ARG A 221 36.91 2.37 -29.39
C ARG A 221 35.80 3.06 -30.16
N VAL A 222 34.93 3.81 -29.49
CA VAL A 222 33.69 4.26 -30.13
C VAL A 222 33.46 5.77 -30.00
N SER A 223 34.25 6.45 -29.18
CA SER A 223 34.02 7.86 -28.90
C SER A 223 34.87 8.76 -29.79
N ASP A 224 34.30 9.91 -30.18
CA ASP A 224 35.05 10.91 -30.94
C ASP A 224 35.88 11.80 -30.01
N TRP A 225 35.31 12.20 -28.89
CA TRP A 225 35.99 13.04 -27.91
C TRP A 225 36.04 12.31 -26.58
N TYR A 226 37.14 12.51 -25.85
CA TYR A 226 37.32 11.96 -24.52
C TYR A 226 37.70 13.09 -23.57
N PHE A 227 36.94 13.25 -22.51
CA PHE A 227 37.26 14.23 -21.47
C PHE A 227 38.17 13.58 -20.44
N THR A 228 39.40 14.08 -20.34
CA THR A 228 40.33 13.62 -19.33
C THR A 228 40.20 14.46 -18.07
N ASN A 229 40.50 13.86 -16.93
CA ASN A 229 40.37 14.55 -15.66
C ASN A 229 41.39 15.67 -15.56
N GLY A 230 40.99 16.75 -14.88
CA GLY A 230 41.89 17.85 -14.63
C GLY A 230 43.10 17.44 -13.81
N ASN A 231 44.29 17.84 -14.25
CA ASN A 231 45.52 17.44 -13.58
C ASN A 231 46.62 18.42 -13.98
N SER A 232 47.83 18.15 -13.53
CA SER A 232 48.97 18.97 -13.91
C SER A 232 49.35 18.71 -15.37
N VAL A 233 50.24 19.54 -15.88
CA VAL A 233 50.68 19.39 -17.27
C VAL A 233 51.37 18.04 -17.49
N GLU A 234 52.16 17.60 -16.50
CA GLU A 234 52.83 16.32 -16.62
C GLU A 234 51.85 15.16 -16.49
N GLY A 235 50.89 15.26 -15.57
CA GLY A 235 49.91 14.20 -15.39
C GLY A 235 48.98 14.04 -16.58
N ILE A 236 48.56 15.16 -17.17
CA ILE A 236 47.68 15.11 -18.33
C ILE A 236 48.37 14.46 -19.52
N LYS A 237 49.68 14.73 -19.69
CA LYS A 237 50.43 14.11 -20.77
C LYS A 237 50.43 12.59 -20.64
N ALA A 238 50.57 12.07 -19.41
CA ALA A 238 50.54 10.64 -19.21
C ALA A 238 49.16 10.07 -19.54
N GLN A 239 48.10 10.79 -19.16
CA GLN A 239 46.75 10.35 -19.49
C GLN A 239 46.51 10.38 -20.99
N VAL A 240 47.03 11.42 -21.66
CA VAL A 240 46.89 11.52 -23.11
C VAL A 240 47.63 10.39 -23.81
N ASP A 241 48.85 10.09 -23.35
CA ASP A 241 49.64 9.03 -23.98
C ASP A 241 48.97 7.67 -23.82
N ASP A 242 48.34 7.44 -22.66
CA ASP A 242 47.69 6.15 -22.42
C ASP A 242 46.47 5.97 -23.32
N ILE A 243 45.63 7.01 -23.42
CA ILE A 243 44.40 6.90 -24.20
C ILE A 243 44.71 6.82 -25.69
N ARG A 244 45.71 7.55 -26.16
CA ARG A 244 46.08 7.48 -27.58
C ARG A 244 46.70 6.14 -27.93
N ALA A 245 47.41 5.52 -26.98
CA ALA A 245 47.95 4.19 -27.24
C ALA A 245 46.84 3.17 -27.39
N LYS A 246 45.81 3.24 -26.55
CA LYS A 246 44.68 2.32 -26.67
C LYS A 246 43.91 2.56 -27.96
N ALA A 247 43.71 3.82 -28.34
CA ALA A 247 42.99 4.13 -29.57
C ALA A 247 43.75 3.65 -30.80
N ALA A 248 45.07 3.77 -30.79
CA ALA A 248 45.86 3.31 -31.93
C ALA A 248 45.76 1.80 -32.08
N ALA A 249 45.73 1.07 -30.97
CA ALA A 249 45.61 -0.38 -31.04
C ALA A 249 44.27 -0.81 -31.62
N ASN A 250 43.22 -0.01 -31.40
CA ASN A 250 41.90 -0.29 -31.95
C ASN A 250 41.69 0.35 -33.32
N HIS A 251 42.69 1.04 -33.86
CA HIS A 251 42.57 1.76 -35.13
C HIS A 251 41.41 2.77 -35.10
N HIS A 252 41.29 3.48 -33.98
CA HIS A 252 40.23 4.44 -33.76
C HIS A 252 40.85 5.81 -33.45
N SER A 253 40.24 6.87 -33.97
CA SER A 253 40.71 8.23 -33.75
C SER A 253 39.83 8.89 -32.70
N VAL A 254 40.45 9.52 -31.70
CA VAL A 254 39.75 10.20 -30.63
C VAL A 254 40.47 11.48 -30.28
N LYS A 255 39.73 12.59 -30.22
CA LYS A 255 40.25 13.86 -29.76
C LYS A 255 40.05 13.98 -28.25
N ILE A 256 40.86 14.83 -27.62
CA ILE A 256 40.96 14.89 -26.18
C ILE A 256 40.61 16.30 -25.70
N GLY A 257 39.71 16.37 -24.72
CA GLY A 257 39.42 17.62 -24.04
C GLY A 257 39.70 17.47 -22.56
N VAL A 258 39.91 18.58 -21.86
CA VAL A 258 40.22 18.55 -20.44
C VAL A 258 39.25 19.47 -19.70
N ASN A 259 38.73 18.98 -18.58
CA ASN A 259 37.84 19.76 -17.75
C ASN A 259 38.63 20.73 -16.89
N ALA A 260 38.16 21.98 -16.82
CA ALA A 260 38.85 23.00 -16.06
C ALA A 260 37.85 24.01 -15.53
N PHE A 261 38.05 24.42 -14.28
CA PHE A 261 37.26 25.50 -13.69
C PHE A 261 38.09 26.77 -13.80
N VAL A 262 37.66 27.67 -14.68
CA VAL A 262 38.43 28.85 -15.02
C VAL A 262 38.01 29.99 -14.11
N ILE A 263 38.98 30.57 -13.40
CA ILE A 263 38.79 31.78 -12.61
C ILE A 263 39.80 32.79 -13.12
N ALA A 264 39.36 33.65 -14.05
CA ALA A 264 40.22 34.64 -14.67
C ALA A 264 39.90 36.01 -14.08
N ARG A 265 40.90 36.64 -13.46
CA ARG A 265 40.78 37.98 -12.90
C ARG A 265 41.95 38.83 -13.37
N ASP A 266 41.85 40.15 -13.14
CA ASP A 266 42.91 41.05 -13.60
C ASP A 266 44.20 40.83 -12.84
N THR A 267 44.13 40.38 -11.59
CA THR A 267 45.31 40.11 -10.79
C THR A 267 45.28 38.68 -10.27
N GLU A 268 46.47 38.10 -10.11
CA GLU A 268 46.57 36.74 -9.60
C GLU A 268 46.05 36.66 -8.17
N GLU A 269 46.25 37.72 -7.39
CA GLU A 269 45.77 37.72 -6.01
C GLU A 269 44.24 37.68 -5.94
N GLU A 270 43.57 38.39 -6.85
CA GLU A 270 42.11 38.38 -6.85
C GLU A 270 41.57 37.00 -7.23
N ALA A 271 42.18 36.34 -8.20
CA ALA A 271 41.73 35.01 -8.59
C ALA A 271 41.93 34.01 -7.46
N LYS A 272 43.09 34.05 -6.80
CA LYS A 272 43.31 33.17 -5.66
C LYS A 272 42.42 33.52 -4.48
N ALA A 273 41.95 34.77 -4.39
CA ALA A 273 41.02 35.13 -3.34
C ALA A 273 39.63 34.56 -3.61
N VAL A 274 39.23 34.51 -4.89
CA VAL A 274 37.96 33.90 -5.25
C VAL A 274 37.99 32.41 -4.94
N LEU A 275 39.11 31.75 -5.24
CA LEU A 275 39.24 30.33 -4.92
C LEU A 275 39.17 30.11 -3.41
N ALA A 276 39.74 31.03 -2.64
CA ALA A 276 39.67 30.92 -1.18
C ALA A 276 38.24 31.05 -0.69
N GLN A 277 37.46 31.97 -1.28
CA GLN A 277 36.07 32.13 -0.87
C GLN A 277 35.25 30.88 -1.22
N ILE A 278 35.60 30.20 -2.31
CA ILE A 278 34.91 28.96 -2.66
C ILE A 278 35.21 27.89 -1.63
N ILE A 279 36.47 27.76 -1.22
CA ILE A 279 36.84 26.74 -0.25
C ILE A 279 36.26 27.05 1.13
N ASP A 280 36.26 28.32 1.52
CA ASP A 280 35.80 28.72 2.84
C ASP A 280 34.28 28.73 2.96
N GLN A 281 33.54 28.47 1.89
CA GLN A 281 32.09 28.47 1.90
C GLN A 281 31.53 27.21 1.26
N ALA A 282 32.15 26.06 1.55
CA ALA A 282 31.70 24.79 1.01
C ALA A 282 31.32 23.81 2.12
N THR A 312 38.84 21.93 2.36
CA THR A 312 40.19 22.21 1.86
C THR A 312 40.22 22.12 0.34
N PHE A 313 41.34 22.53 -0.25
CA PHE A 313 41.49 22.46 -1.70
C PHE A 313 41.45 21.02 -2.19
N GLU A 314 42.12 20.11 -1.48
CA GLU A 314 42.12 18.71 -1.89
C GLU A 314 40.71 18.13 -1.84
N ASP A 315 39.93 18.50 -0.84
CA ASP A 315 38.53 18.08 -0.80
C ASP A 315 37.73 18.68 -1.93
N LEU A 316 38.06 19.91 -2.35
CA LEU A 316 37.35 20.55 -3.45
C LEU A 316 37.57 19.81 -4.76
N VAL A 317 38.77 19.25 -4.96
CA VAL A 317 39.04 18.50 -6.18
C VAL A 317 38.20 17.23 -6.25
N GLN A 318 37.95 16.61 -5.09
CA GLN A 318 37.16 15.38 -5.06
C GLN A 318 35.73 15.60 -5.57
N TYR A 319 35.26 16.83 -5.58
CA TYR A 319 33.95 17.17 -6.14
C TYR A 319 34.05 17.66 -7.59
N ASN A 320 34.99 18.55 -7.87
CA ASN A 320 35.21 19.08 -9.21
C ASN A 320 36.69 18.96 -9.51
N ASP A 321 37.05 18.09 -10.45
CA ASP A 321 38.45 17.89 -10.83
C ASP A 321 39.01 19.03 -11.65
N GLY A 322 38.18 19.98 -12.08
CA GLY A 322 38.65 21.07 -12.90
C GLY A 322 39.59 22.02 -12.20
N PHE A 323 39.61 22.01 -10.86
CA PHE A 323 40.53 22.88 -10.13
C PHE A 323 41.98 22.43 -10.29
N LYS A 324 42.20 21.12 -10.51
CA LYS A 324 43.56 20.63 -10.68
C LYS A 324 44.20 21.14 -11.96
N THR A 325 43.41 21.55 -12.95
CA THR A 325 43.97 22.14 -14.16
C THR A 325 44.66 23.46 -13.89
N ASN A 326 44.30 24.14 -12.80
CA ASN A 326 44.97 25.36 -12.35
C ASN A 326 44.88 26.48 -13.40
N LEU A 327 43.69 26.66 -13.95
CA LEU A 327 43.40 27.81 -14.80
C LEU A 327 42.87 28.97 -13.96
N ILE A 328 43.64 29.32 -12.93
CA ILE A 328 43.30 30.38 -11.99
C ILE A 328 44.41 31.41 -12.05
N GLY A 329 44.05 32.67 -12.24
CA GLY A 329 45.03 33.73 -12.28
C GLY A 329 44.72 34.81 -13.29
N THR A 330 45.75 35.49 -13.79
CA THR A 330 45.58 36.53 -14.79
C THR A 330 45.33 35.90 -16.16
N PRO A 331 44.72 36.65 -17.09
CA PRO A 331 44.52 36.10 -18.44
C PRO A 331 45.80 35.65 -19.10
N GLN A 332 46.92 36.33 -18.85
CA GLN A 332 48.18 35.92 -19.45
C GLN A 332 48.64 34.58 -18.87
N GLN A 333 48.47 34.38 -17.56
CA GLN A 333 48.85 33.11 -16.95
C GLN A 333 47.97 31.97 -17.47
N ILE A 334 46.66 32.21 -17.59
CA ILE A 334 45.75 31.18 -18.06
C ILE A 334 46.03 30.83 -19.52
N ALA A 335 46.29 31.85 -20.34
CA ALA A 335 46.56 31.60 -21.76
C ALA A 335 47.81 30.76 -21.94
N GLU A 336 48.84 31.02 -21.14
CA GLU A 336 50.07 30.23 -21.24
C GLU A 336 49.84 28.78 -20.83
N ARG A 337 49.03 28.56 -19.78
CA ARG A 337 48.77 27.20 -19.34
C ARG A 337 47.91 26.43 -20.33
N ILE A 338 47.00 27.12 -21.02
CA ILE A 338 46.18 26.47 -22.04
C ILE A 338 47.05 25.97 -23.18
N VAL A 339 47.95 26.83 -23.66
CA VAL A 339 48.85 26.42 -24.74
C VAL A 339 49.80 25.32 -24.29
N ALA A 340 50.22 25.34 -23.03
CA ALA A 340 51.06 24.25 -22.52
C ALA A 340 50.33 22.93 -22.56
N LEU A 341 49.02 22.94 -22.25
CA LEU A 341 48.22 21.73 -22.38
C LEU A 341 48.08 21.30 -23.84
N LYS A 342 48.00 22.27 -24.76
CA LYS A 342 47.94 21.93 -26.18
C LYS A 342 49.19 21.17 -26.62
N ALA A 343 50.33 21.45 -26.00
CA ALA A 343 51.58 20.78 -26.37
C ALA A 343 51.59 19.30 -25.99
N VAL A 344 50.80 18.91 -24.99
CA VAL A 344 50.76 17.52 -24.55
C VAL A 344 49.61 16.74 -25.17
N GLY A 345 48.90 17.34 -26.13
CA GLY A 345 47.86 16.65 -26.87
C GLY A 345 46.44 17.09 -26.59
N VAL A 346 46.23 18.11 -25.75
CA VAL A 346 44.89 18.58 -25.46
C VAL A 346 44.37 19.39 -26.63
N ASP A 347 43.17 19.07 -27.09
CA ASP A 347 42.55 19.74 -28.23
C ASP A 347 41.37 20.62 -27.83
N LEU A 348 40.86 20.49 -26.60
CA LEU A 348 39.71 21.24 -26.17
C LEU A 348 39.80 21.47 -24.66
N VAL A 349 39.28 22.61 -24.23
CA VAL A 349 39.22 22.97 -22.81
C VAL A 349 37.75 23.14 -22.46
N LEU A 350 37.28 22.33 -21.52
CA LEU A 350 35.91 22.42 -21.01
C LEU A 350 35.95 23.31 -19.78
N ALA A 351 35.35 24.50 -19.89
CA ALA A 351 35.48 25.53 -18.87
C ALA A 351 34.25 25.59 -17.98
N GLY A 352 34.49 25.68 -16.67
CA GLY A 352 33.46 25.98 -15.70
C GLY A 352 33.74 27.33 -15.06
N PHE A 353 32.67 28.04 -14.70
CA PHE A 353 32.78 29.39 -14.19
C PHE A 353 31.93 29.54 -12.93
N LEU A 354 32.27 30.58 -12.15
CA LEU A 354 31.48 30.91 -10.98
C LEU A 354 30.29 31.80 -11.34
N HIS A 355 30.54 32.84 -12.12
CA HIS A 355 29.50 33.73 -12.66
C HIS A 355 29.54 33.59 -14.17
N PHE A 356 28.64 32.78 -14.73
CA PHE A 356 28.79 32.35 -16.12
C PHE A 356 28.71 33.50 -17.12
N GLN A 357 27.66 34.31 -17.05
CA GLN A 357 27.49 35.36 -18.05
C GLN A 357 28.66 36.35 -18.04
N GLU A 358 29.07 36.78 -16.85
CA GLU A 358 30.15 37.77 -16.76
C GLU A 358 31.49 37.15 -17.14
N GLU A 359 31.79 35.96 -16.63
CA GLU A 359 33.12 35.39 -16.83
C GLU A 359 33.31 34.84 -18.25
N VAL A 360 32.23 34.39 -18.89
CA VAL A 360 32.34 33.98 -20.29
C VAL A 360 32.71 35.16 -21.18
N GLU A 361 32.03 36.29 -20.98
CA GLU A 361 32.35 37.49 -21.77
C GLU A 361 33.77 37.97 -21.47
N TYR A 362 34.17 37.94 -20.20
CA TYR A 362 35.55 38.27 -19.85
C TYR A 362 36.53 37.32 -20.53
N PHE A 363 36.18 36.03 -20.59
CA PHE A 363 37.06 35.05 -21.22
C PHE A 363 37.26 35.35 -22.70
N GLY A 364 36.19 35.72 -23.40
CA GLY A 364 36.29 35.99 -24.83
C GLY A 364 37.00 37.28 -25.17
N GLN A 365 37.09 38.22 -24.22
CA GLN A 365 37.76 39.49 -24.47
C GLN A 365 39.18 39.54 -23.92
N ARG A 366 39.51 38.72 -22.93
CA ARG A 366 40.80 38.80 -22.25
C ARG A 366 41.64 37.54 -22.41
N VAL A 367 41.05 36.37 -22.20
CA VAL A 367 41.84 35.13 -22.20
C VAL A 367 41.93 34.51 -23.58
N LEU A 368 40.79 34.38 -24.27
CA LEU A 368 40.80 33.73 -25.57
C LEU A 368 41.65 34.45 -26.61
N PRO A 369 41.61 35.78 -26.76
CA PRO A 369 42.53 36.42 -27.71
C PRO A 369 44.00 36.18 -27.43
N LEU A 370 44.39 36.09 -26.15
CA LEU A 370 45.78 35.80 -25.83
C LEU A 370 46.16 34.40 -26.25
N VAL A 371 45.23 33.45 -26.14
CA VAL A 371 45.49 32.09 -26.59
C VAL A 371 45.73 32.06 -28.10
N ARG A 372 44.90 32.79 -28.86
CA ARG A 372 45.06 32.83 -30.30
C ARG A 372 46.39 33.49 -30.70
N GLU A 373 46.79 34.53 -29.97
CA GLU A 373 48.07 35.19 -30.27
C GLU A 373 49.25 34.26 -30.01
N LEU A 374 49.19 33.50 -28.91
CA LEU A 374 50.27 32.55 -28.63
C LEU A 374 50.29 31.42 -29.66
N GLU A 375 49.13 31.02 -30.17
CA GLU A 375 49.09 30.01 -31.22
C GLU A 375 49.68 30.52 -32.52
N ALA A 376 49.43 31.80 -32.84
CA ALA A 376 49.98 32.38 -34.06
C ALA A 376 51.49 32.59 -33.95
N LYS A 377 52.01 32.79 -32.74
CA LYS A 377 53.45 32.94 -32.58
C LYS A 377 54.18 31.65 -32.94
N ALA A 378 53.64 30.51 -32.53
CA ALA A 378 54.20 29.22 -32.91
C ALA A 378 53.83 28.80 -34.33
N GLN A 379 52.93 29.53 -34.98
CA GLN A 379 52.56 29.21 -36.35
C GLN A 379 53.73 29.44 -37.31
N SER A 380 54.60 30.41 -37.01
CA SER A 380 55.73 30.69 -37.87
C SER A 380 56.71 29.53 -37.92
N ALA A 381 56.86 28.80 -36.82
CA ALA A 381 57.78 27.66 -36.75
C ALA A 381 57.40 26.58 -37.76
N GLN B 26 -21.52 23.48 -22.42
CA GLN B 26 -22.09 24.51 -23.27
C GLN B 26 -21.01 25.50 -23.73
N GLN B 27 -19.75 25.11 -23.55
CA GLN B 27 -18.63 25.95 -23.94
C GLN B 27 -18.40 25.87 -25.45
N ALA B 28 -17.57 26.78 -25.95
CA ALA B 28 -17.30 26.84 -27.38
C ALA B 28 -16.55 25.60 -27.85
N VAL B 29 -16.90 25.13 -29.05
CA VAL B 29 -16.22 23.98 -29.64
C VAL B 29 -14.78 24.35 -29.96
N LYS B 30 -13.85 23.48 -29.57
CA LYS B 30 -12.44 23.65 -29.85
C LYS B 30 -12.07 22.91 -31.14
N PHE B 31 -11.01 23.38 -31.78
CA PHE B 31 -10.58 22.84 -33.06
C PHE B 31 -9.10 22.48 -33.03
N ALA B 32 -8.77 21.34 -33.63
CA ALA B 32 -7.40 20.88 -33.74
C ALA B 32 -7.19 20.34 -35.15
N TYR B 33 -5.93 20.33 -35.58
CA TYR B 33 -5.57 19.83 -36.89
C TYR B 33 -4.44 18.83 -36.77
N TRP B 34 -4.44 17.83 -37.65
CA TRP B 34 -3.35 16.87 -37.72
C TRP B 34 -2.09 17.55 -38.24
N VAL B 35 -1.02 17.51 -37.45
CA VAL B 35 0.26 18.02 -37.91
C VAL B 35 0.85 17.00 -38.86
N PRO B 36 1.10 17.35 -40.11
CA PRO B 36 1.72 16.39 -41.05
C PRO B 36 3.23 16.29 -40.85
N ASN B 37 3.64 15.83 -39.67
CA ASN B 37 5.06 15.63 -39.40
C ASN B 37 5.57 14.29 -39.90
N VAL B 38 4.71 13.50 -40.56
CA VAL B 38 5.13 12.31 -41.27
C VAL B 38 4.78 12.50 -42.74
N SER B 39 5.59 11.91 -43.61
CA SER B 39 5.43 12.09 -45.04
C SER B 39 4.27 11.25 -45.58
N GLY B 40 3.91 11.51 -46.83
CA GLY B 40 2.88 10.74 -47.50
C GLY B 40 1.51 11.40 -47.47
N GLY B 41 1.20 12.09 -46.38
CA GLY B 41 -0.10 12.71 -46.22
C GLY B 41 -1.21 11.68 -46.14
N LEU B 42 -2.04 11.63 -47.17
CA LEU B 42 -3.12 10.65 -47.26
C LEU B 42 -2.60 9.55 -48.19
N VAL B 43 -1.96 8.53 -47.60
CA VAL B 43 -1.22 7.55 -48.38
C VAL B 43 -2.11 6.69 -49.25
N VAL B 44 -3.39 6.54 -48.91
CA VAL B 44 -4.27 5.66 -49.68
C VAL B 44 -4.67 6.26 -51.04
N SER B 45 -4.39 7.54 -51.27
CA SER B 45 -4.73 8.18 -52.53
C SER B 45 -3.50 8.84 -53.12
N ARG B 46 -3.32 8.68 -54.44
CA ARG B 46 -2.22 9.30 -55.16
C ARG B 46 -2.56 10.70 -55.66
N ILE B 47 -3.63 11.31 -55.13
CA ILE B 47 -4.02 12.65 -55.54
C ILE B 47 -2.97 13.65 -55.10
N GLU B 48 -2.68 14.63 -55.96
CA GLU B 48 -1.69 15.64 -55.64
C GLU B 48 -2.14 16.44 -54.42
N GLN B 49 -1.23 16.55 -53.44
CA GLN B 49 -1.51 17.24 -52.19
C GLN B 49 -0.42 18.27 -51.94
N ARG B 50 -0.84 19.51 -51.69
CA ARG B 50 0.09 20.60 -51.39
C ARG B 50 0.40 20.64 -49.89
N THR B 51 0.98 19.54 -49.42
CA THR B 51 1.36 19.35 -48.03
C THR B 51 2.78 18.81 -47.97
N ASP B 52 3.56 19.31 -47.01
CA ASP B 52 4.93 18.87 -46.81
C ASP B 52 5.13 18.55 -45.32
N TRP B 53 6.09 17.66 -45.05
CA TRP B 53 6.40 17.28 -43.68
C TRP B 53 7.56 18.07 -43.09
N GLY B 54 8.13 19.01 -43.84
CA GLY B 54 9.29 19.75 -43.38
C GLY B 54 8.94 20.80 -42.34
N ILE B 55 9.98 21.29 -41.68
CA ILE B 55 9.78 22.25 -40.59
C ILE B 55 9.28 23.59 -41.11
N ASP B 56 9.83 24.05 -42.24
CA ASP B 56 9.41 25.35 -42.76
C ASP B 56 7.94 25.36 -43.12
N TYR B 57 7.46 24.30 -43.79
CA TYR B 57 6.04 24.22 -44.10
C TYR B 57 5.21 24.17 -42.82
N ASN B 58 5.65 23.39 -41.83
CA ASN B 58 4.85 23.23 -40.62
C ASN B 58 4.85 24.47 -39.75
N ARG B 59 5.95 25.23 -39.72
N ARG B 59 5.95 25.22 -39.72
CA ARG B 59 5.97 26.46 -38.96
CA ARG B 59 5.98 26.47 -38.97
C ARG B 59 4.95 27.46 -39.50
C ARG B 59 4.95 27.46 -39.50
N LYS B 60 4.88 27.60 -40.82
CA LYS B 60 3.87 28.47 -41.42
C LYS B 60 2.47 27.92 -41.19
N LEU B 61 2.30 26.60 -41.31
CA LEU B 61 1.00 25.98 -41.07
C LEU B 61 0.53 26.20 -39.64
N ALA B 62 1.43 26.05 -38.67
CA ALA B 62 1.05 26.27 -37.27
C ALA B 62 0.67 27.74 -37.03
N GLN B 63 1.41 28.67 -37.62
CA GLN B 63 1.06 30.08 -37.51
C GLN B 63 -0.26 30.38 -38.19
N LEU B 64 -0.52 29.76 -39.34
CA LEU B 64 -1.81 29.92 -40.00
C LEU B 64 -2.93 29.33 -39.15
N ALA B 65 -2.68 28.18 -38.54
CA ALA B 65 -3.71 27.55 -37.71
C ALA B 65 -4.01 28.38 -36.47
N GLU B 66 -2.97 28.98 -35.86
CA GLU B 66 -3.20 29.84 -34.70
C GLU B 66 -4.02 31.06 -35.10
N ALA B 67 -3.71 31.65 -36.25
CA ALA B 67 -4.46 32.82 -36.71
C ALA B 67 -5.87 32.45 -37.14
N ALA B 68 -6.07 31.22 -37.63
CA ALA B 68 -7.38 30.78 -38.07
C ALA B 68 -8.33 30.46 -36.92
N GLY B 69 -7.84 30.38 -35.69
CA GLY B 69 -8.66 30.05 -34.55
C GLY B 69 -8.51 28.64 -34.03
N PHE B 70 -7.61 27.84 -34.59
CA PHE B 70 -7.36 26.51 -34.04
C PHE B 70 -6.65 26.64 -32.71
N GLU B 71 -7.05 25.80 -31.76
CA GLU B 71 -6.46 25.83 -30.42
C GLU B 71 -5.36 24.79 -30.24
N TYR B 72 -5.49 23.61 -30.86
CA TYR B 72 -4.55 22.52 -30.65
C TYR B 72 -3.95 22.09 -31.98
N ALA B 73 -2.72 21.59 -31.90
CA ALA B 73 -2.05 20.93 -33.01
C ALA B 73 -1.63 19.56 -32.53
N LEU B 74 -2.06 18.52 -33.24
CA LEU B 74 -1.82 17.14 -32.84
C LEU B 74 -0.72 16.55 -33.73
N THR B 75 0.41 16.21 -33.13
CA THR B 75 1.49 15.58 -33.85
C THR B 75 1.27 14.07 -33.92
N GLN B 76 1.99 13.42 -34.83
CA GLN B 76 1.94 11.99 -35.01
C GLN B 76 3.27 11.38 -34.62
N ILE B 77 3.24 10.17 -34.10
CA ILE B 77 4.45 9.48 -33.65
C ILE B 77 4.67 8.23 -34.49
N ARG B 78 5.86 8.12 -35.05
CA ARG B 78 6.29 6.95 -35.79
C ARG B 78 7.80 6.83 -35.62
N PHE B 79 8.29 5.61 -35.69
CA PHE B 79 9.71 5.33 -35.59
C PHE B 79 10.29 4.75 -36.87
N THR B 80 9.55 3.84 -37.50
CA THR B 80 9.95 3.20 -38.75
C THR B 80 9.07 3.71 -39.87
N ALA B 81 9.61 3.67 -41.09
CA ALA B 81 8.85 4.11 -42.25
C ALA B 81 7.71 3.14 -42.53
N GLY B 82 6.54 3.69 -42.87
CA GLY B 82 5.37 2.90 -43.15
C GLY B 82 5.10 2.81 -44.65
N TYR B 83 3.94 2.23 -44.98
CA TYR B 83 3.54 2.06 -46.37
C TYR B 83 3.03 3.41 -46.88
N GLY B 84 3.98 4.25 -47.29
CA GLY B 84 3.69 5.57 -47.82
C GLY B 84 4.37 6.70 -47.07
N ALA B 85 4.67 6.49 -45.78
CA ALA B 85 5.30 7.49 -44.95
C ALA B 85 6.78 7.15 -44.83
N GLU B 86 7.60 7.80 -45.67
CA GLU B 86 9.03 7.51 -45.68
C GLU B 86 9.82 8.29 -44.65
N PHE B 87 9.37 9.50 -44.29
CA PHE B 87 10.07 10.34 -43.34
C PHE B 87 9.13 10.77 -42.22
N GLN B 88 9.63 10.73 -40.99
CA GLN B 88 8.86 11.14 -39.82
C GLN B 88 9.76 11.94 -38.89
N HIS B 89 9.35 13.15 -38.54
CA HIS B 89 10.02 13.91 -37.50
C HIS B 89 9.59 13.40 -36.13
N GLU B 90 10.54 13.34 -35.20
CA GLU B 90 10.23 12.91 -33.85
C GLU B 90 9.23 13.87 -33.22
N SER B 91 8.17 13.31 -32.62
CA SER B 91 6.99 14.11 -32.27
C SER B 91 7.30 15.16 -31.20
N VAL B 92 8.05 14.80 -30.17
CA VAL B 92 8.27 15.72 -29.06
C VAL B 92 9.16 16.89 -29.48
N ALA B 93 10.26 16.59 -30.18
CA ALA B 93 11.13 17.67 -30.66
C ALA B 93 10.39 18.56 -31.66
N PHE B 94 9.55 17.95 -32.51
CA PHE B 94 8.76 18.73 -33.45
C PHE B 94 7.73 19.59 -32.73
N SER B 95 7.13 19.07 -31.66
CA SER B 95 6.18 19.86 -30.88
C SER B 95 6.84 21.09 -30.26
N HIS B 96 8.05 20.92 -29.74
CA HIS B 96 8.79 22.06 -29.19
C HIS B 96 9.07 23.09 -30.28
N ALA B 97 9.37 22.63 -31.50
CA ALA B 97 9.63 23.56 -32.59
C ALA B 97 8.39 24.33 -33.00
N LEU B 98 7.24 23.66 -33.07
CA LEU B 98 6.00 24.35 -33.42
C LEU B 98 5.60 25.35 -32.35
N LEU B 99 5.83 25.01 -31.08
CA LEU B 99 5.48 25.92 -29.99
C LEU B 99 6.33 27.19 -30.04
N ALA B 100 7.62 27.06 -30.36
CA ALA B 100 8.50 28.23 -30.42
C ALA B 100 8.15 29.16 -31.57
N ALA B 101 7.43 28.67 -32.57
CA ALA B 101 7.04 29.46 -33.72
C ALA B 101 5.65 30.10 -33.56
N THR B 102 5.00 29.89 -32.43
CA THR B 102 3.66 30.40 -32.16
C THR B 102 3.64 31.12 -30.82
N SER B 103 2.47 31.66 -30.47
CA SER B 103 2.32 32.40 -29.21
C SER B 103 1.29 31.77 -28.28
N GLN B 104 0.11 31.44 -28.78
CA GLN B 104 -0.94 30.86 -27.95
C GLN B 104 -1.39 29.48 -28.39
N LEU B 105 -0.95 28.99 -29.54
CA LEU B 105 -1.36 27.67 -30.00
C LEU B 105 -0.76 26.61 -29.08
N LYS B 106 -1.56 25.61 -28.75
CA LYS B 106 -1.10 24.47 -27.96
C LYS B 106 -0.85 23.29 -28.88
N VAL B 107 0.23 22.55 -28.60
CA VAL B 107 0.64 21.42 -29.42
C VAL B 107 0.58 20.16 -28.57
N ILE B 108 -0.06 19.13 -29.11
CA ILE B 108 -0.22 17.85 -28.43
C ILE B 108 0.91 16.94 -28.90
N ALA B 109 1.82 16.58 -27.99
CA ALA B 109 2.93 15.71 -28.32
C ALA B 109 2.50 14.27 -28.19
N ALA B 110 2.75 13.48 -29.24
CA ALA B 110 2.37 12.07 -29.25
C ALA B 110 3.48 11.24 -28.59
N ILE B 111 3.07 10.33 -27.70
CA ILE B 111 3.98 9.48 -26.95
C ILE B 111 3.57 8.03 -27.11
N LEU B 112 4.54 7.16 -27.37
CA LEU B 112 4.29 5.74 -27.56
C LEU B 112 4.99 4.95 -26.45
N PRO B 113 4.27 4.47 -25.44
CA PRO B 113 4.90 3.64 -24.41
C PRO B 113 5.55 2.41 -25.03
N GLY B 114 6.64 1.96 -24.40
CA GLY B 114 7.54 1.05 -25.06
C GLY B 114 8.86 1.74 -25.31
N PRO B 115 9.06 2.24 -26.54
CA PRO B 115 10.23 3.08 -26.79
C PRO B 115 10.29 4.32 -25.90
N TRP B 116 9.16 4.81 -25.39
CA TRP B 116 9.11 5.89 -24.42
C TRP B 116 8.91 5.35 -23.02
N GLN B 117 9.52 6.02 -22.04
CA GLN B 117 9.33 5.72 -20.64
C GLN B 117 8.79 6.95 -19.90
N PRO B 118 7.94 6.76 -18.90
CA PRO B 118 7.29 7.93 -18.28
C PRO B 118 8.25 8.89 -17.60
N ALA B 119 9.35 8.40 -17.03
CA ALA B 119 10.27 9.30 -16.33
C ALA B 119 10.85 10.34 -17.28
N LEU B 120 11.33 9.90 -18.44
CA LEU B 120 11.86 10.85 -19.43
C LEU B 120 10.74 11.67 -20.05
N ALA B 121 9.60 11.04 -20.34
CA ALA B 121 8.49 11.77 -20.94
C ALA B 121 7.98 12.86 -20.01
N ALA B 122 7.85 12.55 -18.72
CA ALA B 122 7.35 13.55 -17.77
C ALA B 122 8.31 14.73 -17.64
N LYS B 123 9.62 14.45 -17.57
CA LYS B 123 10.58 15.53 -17.35
C LYS B 123 10.76 16.36 -18.62
N GLN B 124 10.78 15.72 -19.79
CA GLN B 124 10.96 16.47 -21.02
C GLN B 124 9.74 17.35 -21.31
N LEU B 125 8.54 16.82 -21.13
CA LEU B 125 7.34 17.61 -21.35
C LEU B 125 7.23 18.75 -20.36
N ALA B 126 7.74 18.56 -19.14
CA ALA B 126 7.72 19.65 -18.16
C ALA B 126 8.66 20.77 -18.57
N THR B 127 9.86 20.44 -19.04
CA THR B 127 10.81 21.47 -19.47
C THR B 127 10.27 22.24 -20.67
N ILE B 128 9.75 21.52 -21.67
CA ILE B 128 9.18 22.19 -22.83
C ILE B 128 8.00 23.08 -22.41
N ASP B 129 7.21 22.61 -21.44
CA ASP B 129 6.11 23.41 -20.92
C ASP B 129 6.62 24.70 -20.31
N GLN B 130 7.73 24.64 -19.58
CA GLN B 130 8.33 25.85 -19.00
C GLN B 130 8.83 26.80 -20.07
N LEU B 131 9.40 26.26 -21.16
CA LEU B 131 9.98 27.10 -22.21
C LEU B 131 8.94 27.68 -23.14
N THR B 132 7.70 27.19 -23.10
CA THR B 132 6.66 27.60 -24.04
C THR B 132 5.42 28.15 -23.35
N ASN B 133 5.55 28.63 -22.12
CA ASN B 133 4.46 29.26 -21.38
C ASN B 133 3.27 28.31 -21.18
N GLY B 134 3.57 27.05 -20.88
CA GLY B 134 2.55 26.06 -20.55
C GLY B 134 1.59 25.70 -21.67
N ARG B 135 2.10 25.46 -22.88
CA ARG B 135 1.24 25.22 -24.03
C ARG B 135 1.40 23.83 -24.63
N ILE B 136 1.93 22.87 -23.88
CA ILE B 136 2.18 21.53 -24.39
C ILE B 136 1.22 20.53 -23.76
N ALA B 137 0.72 19.62 -24.58
CA ALA B 137 -0.14 18.52 -24.16
C ALA B 137 0.46 17.21 -24.66
N VAL B 138 -0.16 16.10 -24.29
CA VAL B 138 0.37 14.78 -24.62
C VAL B 138 -0.76 13.88 -25.12
N ASN B 139 -0.46 13.11 -26.15
CA ASN B 139 -1.39 12.11 -26.69
C ASN B 139 -0.73 10.74 -26.54
N ILE B 140 -1.33 9.89 -25.72
CA ILE B 140 -0.78 8.57 -25.44
C ILE B 140 -1.33 7.57 -26.45
N VAL B 141 -0.46 7.03 -27.29
CA VAL B 141 -0.82 6.06 -28.31
C VAL B 141 -0.31 4.70 -27.84
N SER B 142 -1.16 3.69 -27.93
CA SER B 142 -0.78 2.36 -27.49
C SER B 142 -0.19 1.50 -28.60
N GLY B 143 -0.14 2.00 -29.82
CA GLY B 143 0.50 1.28 -30.90
C GLY B 143 -0.38 0.24 -31.55
N TRP B 144 -0.33 0.16 -32.88
CA TRP B 144 -1.09 -0.82 -33.64
C TRP B 144 -0.26 -1.73 -34.53
N PHE B 145 0.95 -1.32 -34.92
CA PHE B 145 1.78 -2.07 -35.87
C PHE B 145 2.94 -2.70 -35.12
N ARG B 146 3.01 -4.04 -35.14
CA ARG B 146 4.11 -4.74 -34.47
C ARG B 146 5.46 -4.43 -35.08
N GLY B 147 5.51 -4.23 -36.40
CA GLY B 147 6.78 -4.03 -37.07
C GLY B 147 7.56 -2.85 -36.54
N GLU B 148 6.87 -1.81 -36.08
CA GLU B 148 7.57 -0.68 -35.50
C GLU B 148 8.28 -1.06 -34.20
N PHE B 149 7.63 -1.88 -33.37
CA PHE B 149 8.26 -2.33 -32.14
C PHE B 149 9.40 -3.32 -32.43
N GLN B 150 9.19 -4.24 -33.36
CA GLN B 150 10.20 -5.25 -33.66
C GLN B 150 11.49 -4.62 -34.17
N ALA B 151 11.38 -3.58 -34.99
CA ALA B 151 12.55 -2.94 -35.57
C ALA B 151 13.43 -2.29 -34.51
N ILE B 152 12.84 -1.77 -33.45
CA ILE B 152 13.57 -1.07 -32.42
C ILE B 152 13.83 -1.95 -31.19
N GLY B 153 13.64 -3.25 -31.31
CA GLY B 153 13.97 -4.17 -30.24
C GLY B 153 12.94 -4.28 -29.13
N GLU B 154 11.74 -3.73 -29.32
CA GLU B 154 10.70 -3.78 -28.30
C GLU B 154 9.81 -4.99 -28.53
N HIS B 155 9.40 -5.64 -27.44
CA HIS B 155 8.48 -6.76 -27.52
C HIS B 155 7.06 -6.29 -27.79
N TRP B 156 6.26 -7.17 -28.40
CA TRP B 156 4.89 -6.87 -28.79
C TRP B 156 3.93 -7.47 -27.77
N LEU B 157 3.40 -6.63 -26.89
CA LEU B 157 2.46 -7.08 -25.88
C LEU B 157 1.07 -7.28 -26.47
N GLU B 158 0.25 -8.05 -25.77
CA GLU B 158 -1.12 -8.29 -26.18
C GLU B 158 -1.91 -6.98 -26.17
N HIS B 159 -2.97 -6.93 -26.99
CA HIS B 159 -3.72 -5.70 -27.23
C HIS B 159 -4.15 -5.04 -25.92
N ASP B 160 -4.91 -5.76 -25.09
CA ASP B 160 -5.33 -5.19 -23.82
C ASP B 160 -4.15 -4.95 -22.88
N GLU B 161 -3.10 -5.77 -22.99
CA GLU B 161 -1.92 -5.56 -22.17
C GLU B 161 -1.21 -4.25 -22.50
N ARG B 162 -1.25 -3.84 -23.77
CA ARG B 162 -0.67 -2.54 -24.13
C ARG B 162 -1.42 -1.39 -23.49
N TYR B 163 -2.74 -1.53 -23.29
CA TYR B 163 -3.52 -0.50 -22.62
C TYR B 163 -3.32 -0.51 -21.11
N ARG B 164 -3.02 -1.66 -20.51
CA ARG B 164 -2.62 -1.67 -19.11
C ARG B 164 -1.35 -0.87 -18.90
N ARG B 165 -0.38 -1.04 -19.81
CA ARG B 165 0.87 -0.29 -19.69
C ARG B 165 0.67 1.20 -19.94
N SER B 166 -0.19 1.56 -20.90
CA SER B 166 -0.46 2.96 -21.16
C SER B 166 -1.15 3.61 -19.97
N GLU B 167 -2.05 2.88 -19.30
CA GLU B 167 -2.71 3.44 -18.13
C GLU B 167 -1.72 3.69 -17.00
N GLU B 168 -0.77 2.77 -16.78
CA GLU B 168 0.30 3.06 -15.84
C GLU B 168 1.18 4.21 -16.31
N PHE B 169 1.38 4.33 -17.63
CA PHE B 169 2.13 5.46 -18.16
C PHE B 169 1.43 6.77 -17.85
N ILE B 170 0.10 6.81 -18.01
CA ILE B 170 -0.64 8.04 -17.76
C ILE B 170 -0.66 8.38 -16.27
N ARG B 171 -0.91 7.38 -15.41
CA ARG B 171 -0.93 7.64 -13.98
C ARG B 171 0.42 8.13 -13.49
N SER B 172 1.51 7.61 -14.06
CA SER B 172 2.83 8.10 -13.70
C SER B 172 3.01 9.57 -14.09
N LEU B 173 2.51 9.95 -15.26
CA LEU B 173 2.61 11.35 -15.67
C LEU B 173 1.85 12.25 -14.71
N ARG B 174 0.61 11.88 -14.37
CA ARG B 174 -0.18 12.70 -13.45
C ARG B 174 0.48 12.80 -12.08
N GLY B 175 0.99 11.69 -11.56
CA GLY B 175 1.62 11.71 -10.25
C GLY B 175 2.93 12.48 -10.22
N ILE B 176 3.77 12.29 -11.24
CA ILE B 176 5.04 13.00 -11.30
C ILE B 176 4.80 14.50 -11.40
N TRP B 177 3.81 14.90 -12.20
CA TRP B 177 3.52 16.31 -12.43
C TRP B 177 2.82 16.98 -11.25
N SER B 178 2.24 16.22 -10.32
CA SER B 178 1.40 16.77 -9.27
C SER B 178 1.90 16.58 -7.85
N GLN B 179 2.92 15.76 -7.62
CA GLN B 179 3.36 15.46 -6.27
C GLN B 179 4.84 15.78 -6.11
N ASP B 180 5.22 16.15 -4.89
CA ASP B 180 6.62 16.41 -4.59
C ASP B 180 7.45 15.13 -4.51
N ASN B 181 6.84 14.05 -4.01
CA ASN B 181 7.54 12.77 -3.82
C ASN B 181 6.63 11.65 -4.32
N PHE B 182 6.67 11.41 -5.62
CA PHE B 182 5.79 10.44 -6.26
C PHE B 182 6.34 9.03 -6.11
N THR B 183 5.47 8.11 -5.70
CA THR B 183 5.77 6.69 -5.58
C THR B 183 4.70 5.91 -6.32
N PHE B 184 5.12 4.95 -7.14
CA PHE B 184 4.21 4.15 -7.94
C PHE B 184 4.81 2.76 -8.08
N ARG B 185 4.05 1.74 -7.71
CA ARG B 185 4.53 0.36 -7.75
C ARG B 185 3.65 -0.39 -8.74
N GLY B 186 3.97 -0.23 -10.03
CA GLY B 186 3.19 -0.83 -11.09
C GLY B 186 3.82 -2.11 -11.63
N ASP B 187 3.06 -2.79 -12.49
CA ASP B 187 3.58 -3.95 -13.17
C ASP B 187 4.53 -3.59 -14.31
N PHE B 188 4.46 -2.36 -14.82
CA PHE B 188 5.33 -1.91 -15.89
C PHE B 188 6.30 -0.82 -15.48
N TYR B 189 5.93 0.04 -14.54
CA TYR B 189 6.77 1.16 -14.14
C TYR B 189 6.82 1.27 -12.63
N ARG B 190 8.00 1.60 -12.12
CA ARG B 190 8.22 1.79 -10.68
C ARG B 190 8.79 3.18 -10.45
N PHE B 191 8.35 3.81 -9.37
CA PHE B 191 8.91 5.07 -8.91
C PHE B 191 9.00 5.02 -7.39
N ASP B 192 10.10 5.53 -6.85
CA ASP B 192 10.36 5.50 -5.40
C ASP B 192 10.83 6.89 -5.00
N ASN B 193 9.92 7.69 -4.46
CA ASN B 193 10.23 9.04 -3.98
C ASN B 193 10.89 9.88 -5.08
N TYR B 194 10.29 9.85 -6.26
CA TYR B 194 10.81 10.61 -7.39
C TYR B 194 10.28 12.03 -7.32
N SER B 195 11.18 13.01 -7.43
CA SER B 195 10.82 14.42 -7.32
C SER B 195 11.23 15.12 -8.61
N LEU B 196 10.24 15.51 -9.41
CA LEU B 196 10.49 16.27 -10.63
C LEU B 196 10.43 17.75 -10.28
N LYS B 197 11.53 18.46 -10.53
CA LYS B 197 11.59 19.91 -10.35
C LYS B 197 12.47 20.47 -11.46
N PRO B 198 11.98 21.45 -12.23
CA PRO B 198 10.66 22.08 -12.07
C PRO B 198 9.53 21.28 -12.72
N LYS B 199 8.32 21.50 -12.24
CA LYS B 199 7.11 20.91 -12.79
C LYS B 199 6.56 21.77 -13.92
N PRO B 200 5.57 21.27 -14.66
CA PRO B 200 4.97 22.09 -15.71
C PRO B 200 4.38 23.38 -15.16
N LEU B 201 4.43 24.44 -15.96
CA LEU B 201 3.77 25.69 -15.59
C LEU B 201 2.27 25.49 -15.46
N GLY B 202 1.67 24.77 -16.41
CA GLY B 202 0.28 24.41 -16.35
C GLY B 202 0.08 22.94 -16.07
N ARG B 203 -1.12 22.45 -16.38
CA ARG B 203 -1.44 21.04 -16.23
C ARG B 203 -1.59 20.46 -17.63
N PRO B 204 -0.58 19.79 -18.16
CA PRO B 204 -0.67 19.30 -19.55
C PRO B 204 -1.82 18.32 -19.71
N GLU B 205 -2.74 18.66 -20.62
CA GLU B 205 -3.88 17.80 -20.89
C GLU B 205 -3.42 16.51 -21.55
N ILE B 206 -4.15 15.44 -21.28
CA ILE B 206 -3.81 14.10 -21.76
C ILE B 206 -4.89 13.67 -22.74
N PHE B 207 -4.54 13.58 -24.01
CA PHE B 207 -5.42 13.12 -25.07
C PHE B 207 -5.17 11.64 -25.32
N GLN B 208 -6.22 10.95 -25.77
CA GLN B 208 -6.12 9.52 -26.02
C GLN B 208 -7.18 9.10 -27.03
N GLY B 209 -6.78 8.26 -27.98
CA GLY B 209 -7.72 7.71 -28.93
C GLY B 209 -8.00 6.23 -28.71
N GLY B 210 -8.34 5.53 -29.78
CA GLY B 210 -8.65 4.11 -29.69
C GLY B 210 -10.15 3.88 -29.55
N SER B 211 -10.66 2.81 -30.15
CA SER B 211 -12.08 2.52 -30.12
C SER B 211 -12.43 1.23 -29.41
N SER B 212 -11.45 0.43 -29.02
CA SER B 212 -11.74 -0.84 -28.37
C SER B 212 -12.26 -0.62 -26.95
N ARG B 213 -12.77 -1.69 -26.36
CA ARG B 213 -13.29 -1.61 -24.99
C ARG B 213 -12.19 -1.21 -24.01
N ALA B 214 -10.98 -1.74 -24.21
CA ALA B 214 -9.87 -1.37 -23.35
C ALA B 214 -9.52 0.10 -23.49
N ALA B 215 -9.64 0.65 -24.71
CA ALA B 215 -9.29 2.05 -24.93
C ALA B 215 -10.26 2.99 -24.21
N ARG B 216 -11.56 2.69 -24.24
CA ARG B 216 -12.52 3.59 -23.61
C ARG B 216 -12.73 3.30 -22.13
N ASP B 217 -12.28 2.15 -21.64
CA ASP B 217 -12.23 1.96 -20.19
C ASP B 217 -11.08 2.75 -19.58
N MET B 218 -9.95 2.84 -20.30
CA MET B 218 -8.84 3.65 -19.82
C MET B 218 -9.14 5.13 -19.87
N ALA B 219 -9.77 5.60 -20.96
CA ALA B 219 -10.09 7.02 -21.08
C ALA B 219 -11.08 7.44 -20.01
N ALA B 220 -12.03 6.57 -19.68
CA ALA B 220 -13.03 6.86 -18.68
C ALA B 220 -12.46 6.91 -17.27
N ARG B 221 -11.17 6.65 -17.09
CA ARG B 221 -10.52 6.67 -15.79
C ARG B 221 -9.44 7.72 -15.65
N VAL B 222 -8.59 7.90 -16.67
CA VAL B 222 -7.35 8.66 -16.48
C VAL B 222 -7.16 9.76 -17.53
N SER B 223 -7.96 9.75 -18.59
CA SER B 223 -7.75 10.67 -19.70
C SER B 223 -8.59 11.94 -19.58
N ASP B 224 -8.02 13.05 -20.03
CA ASP B 224 -8.76 14.30 -20.08
C ASP B 224 -9.59 14.39 -21.35
N TRP B 225 -9.02 14.02 -22.48
CA TRP B 225 -9.71 14.04 -23.76
C TRP B 225 -9.71 12.65 -24.36
N TYR B 226 -10.82 12.30 -25.00
CA TYR B 226 -10.96 11.03 -25.69
C TYR B 226 -11.41 11.31 -27.12
N PHE B 227 -10.66 10.80 -28.09
CA PHE B 227 -11.04 10.91 -29.49
C PHE B 227 -11.91 9.71 -29.85
N THR B 228 -13.16 9.98 -30.19
CA THR B 228 -14.06 8.93 -30.65
C THR B 228 -13.96 8.80 -32.16
N ASN B 229 -14.21 7.60 -32.66
CA ASN B 229 -14.08 7.33 -34.08
C ASN B 229 -15.12 8.11 -34.89
N GLY B 230 -14.72 8.50 -36.10
CA GLY B 230 -15.62 9.21 -37.00
C GLY B 230 -16.83 8.38 -37.35
N ASN B 231 -18.02 8.98 -37.28
CA ASN B 231 -19.26 8.26 -37.52
C ASN B 231 -20.35 9.27 -37.85
N SER B 232 -21.57 8.76 -38.01
CA SER B 232 -22.73 9.63 -38.22
C SER B 232 -23.10 10.32 -36.91
N VAL B 233 -24.04 11.27 -37.00
CA VAL B 233 -24.47 12.00 -35.82
C VAL B 233 -25.10 11.03 -34.81
N GLU B 234 -25.86 10.04 -35.31
CA GLU B 234 -26.46 9.08 -34.40
C GLU B 234 -25.40 8.14 -33.81
N GLY B 235 -24.44 7.70 -34.63
CA GLY B 235 -23.41 6.81 -34.13
C GLY B 235 -22.49 7.48 -33.14
N ILE B 236 -22.15 8.75 -33.37
CA ILE B 236 -21.29 9.48 -32.45
C ILE B 236 -22.01 9.69 -31.12
N LYS B 237 -23.31 9.95 -31.16
CA LYS B 237 -24.09 10.11 -29.94
C LYS B 237 -24.06 8.84 -29.10
N ALA B 238 -24.11 7.67 -29.74
CA ALA B 238 -24.03 6.41 -29.02
C ALA B 238 -22.66 6.24 -28.39
N GLN B 239 -21.60 6.60 -29.10
CA GLN B 239 -20.26 6.50 -28.53
C GLN B 239 -20.07 7.46 -27.37
N VAL B 240 -20.63 8.67 -27.48
CA VAL B 240 -20.53 9.65 -26.40
C VAL B 240 -21.26 9.16 -25.15
N ASP B 241 -22.45 8.59 -25.32
CA ASP B 241 -23.22 8.13 -24.17
C ASP B 241 -22.51 6.99 -23.44
N ASP B 242 -21.85 6.11 -24.18
CA ASP B 242 -21.16 4.98 -23.57
C ASP B 242 -19.97 5.45 -22.74
N ILE B 243 -19.17 6.37 -23.29
CA ILE B 243 -17.97 6.80 -22.59
C ILE B 243 -18.33 7.64 -21.37
N ARG B 244 -19.36 8.48 -21.48
CA ARG B 244 -19.76 9.30 -20.35
C ARG B 244 -20.40 8.46 -19.24
N ALA B 245 -21.09 7.38 -19.61
CA ALA B 245 -21.65 6.49 -18.59
C ALA B 245 -20.54 5.79 -17.81
N LYS B 246 -19.51 5.31 -18.50
CA LYS B 246 -18.38 4.70 -17.81
C LYS B 246 -17.62 5.72 -16.98
N ALA B 247 -17.43 6.93 -17.51
CA ALA B 247 -16.69 7.96 -16.79
C ALA B 247 -17.46 8.41 -15.54
N ALA B 248 -18.78 8.49 -15.63
CA ALA B 248 -19.57 8.88 -14.47
C ALA B 248 -19.46 7.86 -13.34
N ALA B 249 -19.39 6.57 -13.70
CA ALA B 249 -19.25 5.52 -12.69
C ALA B 249 -17.94 5.64 -11.94
N ASN B 250 -16.89 6.14 -12.60
CA ASN B 250 -15.60 6.38 -11.96
C ASN B 250 -15.48 7.77 -11.37
N HIS B 251 -16.53 8.59 -11.47
CA HIS B 251 -16.47 9.98 -11.01
C HIS B 251 -15.34 10.74 -11.68
N HIS B 252 -15.18 10.52 -12.98
CA HIS B 252 -14.11 11.10 -13.77
C HIS B 252 -14.73 11.91 -14.90
N SER B 253 -14.11 13.05 -15.21
CA SER B 253 -14.56 13.93 -16.27
C SER B 253 -13.68 13.75 -17.50
N VAL B 254 -14.31 13.59 -18.66
CA VAL B 254 -13.59 13.43 -19.91
C VAL B 254 -14.31 14.21 -21.00
N LYS B 255 -13.57 15.05 -21.72
CA LYS B 255 -14.10 15.74 -22.88
C LYS B 255 -13.87 14.91 -24.13
N ILE B 256 -14.69 15.16 -25.14
CA ILE B 256 -14.76 14.29 -26.32
C ILE B 256 -14.43 15.10 -27.57
N GLY B 257 -13.53 14.55 -28.38
CA GLY B 257 -13.26 15.08 -29.70
C GLY B 257 -13.57 14.02 -30.75
N VAL B 258 -13.81 14.45 -31.98
CA VAL B 258 -14.12 13.54 -33.07
C VAL B 258 -13.16 13.81 -34.22
N ASN B 259 -12.64 12.74 -34.80
CA ASN B 259 -11.74 12.85 -35.95
C ASN B 259 -12.55 13.07 -37.21
N ALA B 260 -12.11 14.00 -38.05
CA ALA B 260 -12.85 14.32 -39.26
C ALA B 260 -11.89 14.79 -40.35
N PHE B 261 -12.15 14.32 -41.57
CA PHE B 261 -11.43 14.79 -42.75
C PHE B 261 -12.30 15.85 -43.41
N VAL B 262 -11.86 17.11 -43.32
CA VAL B 262 -12.67 18.25 -43.75
C VAL B 262 -12.35 18.59 -45.20
N ILE B 263 -13.39 18.63 -46.03
CA ILE B 263 -13.28 19.07 -47.42
C ILE B 263 -14.25 20.24 -47.56
N ALA B 264 -13.74 21.46 -47.39
CA ALA B 264 -14.55 22.66 -47.46
C ALA B 264 -14.28 23.37 -48.78
N ARG B 265 -15.32 23.52 -49.60
CA ARG B 265 -15.24 24.22 -50.88
C ARG B 265 -16.38 25.22 -50.97
N ASP B 266 -16.29 26.11 -51.98
CA ASP B 266 -17.31 27.15 -52.15
C ASP B 266 -18.65 26.58 -52.58
N THR B 267 -18.64 25.46 -53.28
CA THR B 267 -19.87 24.81 -53.75
C THR B 267 -19.88 23.37 -53.27
N GLU B 268 -21.08 22.84 -53.03
CA GLU B 268 -21.19 21.45 -52.59
C GLU B 268 -20.71 20.49 -53.68
N GLU B 269 -20.95 20.82 -54.94
CA GLU B 269 -20.49 19.95 -56.03
C GLU B 269 -18.97 19.90 -56.09
N GLU B 270 -18.31 21.04 -55.88
CA GLU B 270 -16.86 21.08 -55.92
C GLU B 270 -16.25 20.26 -54.79
N ALA B 271 -16.84 20.34 -53.59
CA ALA B 271 -16.34 19.53 -52.48
C ALA B 271 -16.55 18.04 -52.74
N LYS B 272 -17.73 17.68 -53.25
CA LYS B 272 -17.99 16.29 -53.59
C LYS B 272 -17.12 15.80 -54.74
N ALA B 273 -16.63 16.70 -55.58
CA ALA B 273 -15.71 16.31 -56.65
C ALA B 273 -14.34 15.98 -56.09
N VAL B 274 -13.91 16.70 -55.06
CA VAL B 274 -12.62 16.41 -54.42
C VAL B 274 -12.66 15.04 -53.76
N LEU B 275 -13.77 14.70 -53.11
CA LEU B 275 -13.92 13.38 -52.52
C LEU B 275 -13.88 12.30 -53.58
N ALA B 276 -14.48 12.57 -54.75
CA ALA B 276 -14.42 11.59 -55.84
C ALA B 276 -13.00 11.38 -56.33
N GLN B 277 -12.23 12.46 -56.43
CA GLN B 277 -10.84 12.34 -56.88
C GLN B 277 -9.99 11.54 -55.89
N ILE B 278 -10.30 11.61 -54.60
CA ILE B 278 -9.56 10.82 -53.61
C ILE B 278 -9.83 9.34 -53.82
N ILE B 279 -11.09 8.97 -54.04
CA ILE B 279 -11.43 7.57 -54.28
C ILE B 279 -10.92 7.13 -55.64
N ASP B 280 -11.06 8.00 -56.65
CA ASP B 280 -10.65 7.64 -58.00
C ASP B 280 -9.15 7.39 -58.10
N GLN B 281 -8.34 8.12 -57.33
CA GLN B 281 -6.89 7.96 -57.33
C GLN B 281 -6.40 7.12 -56.16
N ALA B 282 -7.18 6.13 -55.74
CA ALA B 282 -6.78 5.27 -54.64
C ALA B 282 -5.66 4.33 -55.07
N ASP B 283 -4.64 4.21 -54.23
CA ASP B 283 -3.49 3.36 -54.53
C ASP B 283 -3.79 1.89 -54.23
N THR B 312 -13.21 1.90 -53.33
CA THR B 312 -14.54 2.37 -52.98
C THR B 312 -14.49 3.33 -51.78
N PHE B 313 -15.65 3.90 -51.45
CA PHE B 313 -15.72 4.83 -50.32
C PHE B 313 -15.49 4.12 -48.98
N GLU B 314 -15.94 2.86 -48.87
CA GLU B 314 -15.75 2.13 -47.63
C GLU B 314 -14.27 1.83 -47.36
N ASP B 315 -13.43 1.85 -48.39
CA ASP B 315 -12.00 1.62 -48.18
C ASP B 315 -11.33 2.81 -47.50
N LEU B 316 -11.80 4.04 -47.78
CA LEU B 316 -11.26 5.20 -47.09
C LEU B 316 -11.58 5.17 -45.61
N VAL B 317 -12.78 4.71 -45.26
CA VAL B 317 -13.16 4.61 -43.85
C VAL B 317 -12.27 3.62 -43.12
N GLN B 318 -11.95 2.49 -43.77
CA GLN B 318 -11.08 1.50 -43.15
C GLN B 318 -9.68 2.05 -42.87
N TYR B 319 -9.26 3.07 -43.60
CA TYR B 319 -7.98 3.73 -43.37
C TYR B 319 -8.12 5.00 -42.53
N ASN B 320 -9.05 5.88 -42.90
CA ASN B 320 -9.28 7.13 -42.18
C ASN B 320 -10.77 7.23 -41.88
N ASP B 321 -11.13 7.05 -40.60
CA ASP B 321 -12.52 7.12 -40.19
C ASP B 321 -13.08 8.54 -40.28
N GLY B 322 -12.24 9.55 -40.48
CA GLY B 322 -12.70 10.92 -40.51
C GLY B 322 -13.66 11.24 -41.64
N PHE B 323 -13.70 10.39 -42.68
CA PHE B 323 -14.64 10.62 -43.77
C PHE B 323 -16.08 10.35 -43.34
N LYS B 324 -16.30 9.47 -42.36
CA LYS B 324 -17.65 9.19 -41.90
C LYS B 324 -18.28 10.39 -41.19
N THR B 325 -17.47 11.30 -40.66
CA THR B 325 -18.00 12.49 -40.02
C THR B 325 -18.72 13.39 -41.02
N ASN B 326 -18.40 13.27 -42.31
CA ASN B 326 -19.12 13.96 -43.38
C ASN B 326 -19.02 15.48 -43.24
N LEU B 327 -17.82 15.96 -42.95
CA LEU B 327 -17.57 17.41 -43.01
C LEU B 327 -17.11 17.80 -44.40
N ILE B 328 -17.91 17.41 -45.39
CA ILE B 328 -17.65 17.65 -46.80
C ILE B 328 -18.80 18.47 -47.35
N GLY B 329 -18.47 19.59 -48.00
CA GLY B 329 -19.49 20.45 -48.57
C GLY B 329 -19.17 21.92 -48.44
N THR B 330 -20.20 22.75 -48.42
CA THR B 330 -20.05 24.19 -48.27
C THR B 330 -19.72 24.54 -46.82
N PRO B 331 -19.11 25.70 -46.58
CA PRO B 331 -18.83 26.11 -45.20
C PRO B 331 -20.07 26.18 -44.33
N GLN B 332 -21.22 26.56 -44.89
CA GLN B 332 -22.44 26.59 -44.10
C GLN B 332 -22.86 25.18 -43.69
N GLN B 333 -22.75 24.22 -44.60
CA GLN B 333 -23.11 22.84 -44.28
C GLN B 333 -22.19 22.27 -43.20
N ILE B 334 -20.90 22.53 -43.31
CA ILE B 334 -19.94 21.99 -42.34
C ILE B 334 -20.19 22.60 -40.97
N ALA B 335 -20.44 23.91 -40.92
CA ALA B 335 -20.68 24.57 -39.63
C ALA B 335 -21.94 24.02 -38.97
N GLU B 336 -22.98 23.73 -39.76
CA GLU B 336 -24.21 23.18 -39.20
C GLU B 336 -23.97 21.79 -38.63
N ARG B 337 -23.18 20.97 -39.33
CA ARG B 337 -22.92 19.63 -38.83
C ARG B 337 -22.03 19.64 -37.59
N ILE B 338 -21.11 20.61 -37.50
CA ILE B 338 -20.27 20.74 -36.31
C ILE B 338 -21.13 21.07 -35.09
N VAL B 339 -22.04 22.02 -35.24
CA VAL B 339 -22.94 22.36 -34.13
C VAL B 339 -23.86 21.19 -33.81
N ALA B 340 -24.27 20.42 -34.83
CA ALA B 340 -25.07 19.23 -34.57
C ALA B 340 -24.28 18.21 -33.75
N LEU B 341 -22.98 18.08 -34.03
CA LEU B 341 -22.13 17.22 -33.21
C LEU B 341 -21.99 17.78 -31.80
N LYS B 342 -21.95 19.12 -31.66
CA LYS B 342 -21.88 19.72 -30.34
C LYS B 342 -23.10 19.35 -29.51
N ALA B 343 -24.26 19.18 -30.15
CA ALA B 343 -25.48 18.83 -29.43
C ALA B 343 -25.47 17.42 -28.87
N VAL B 344 -24.68 16.51 -29.46
CA VAL B 344 -24.62 15.13 -28.97
C VAL B 344 -23.43 14.90 -28.03
N GLY B 345 -22.73 15.96 -27.65
CA GLY B 345 -21.67 15.86 -26.66
C GLY B 345 -20.27 16.08 -27.18
N VAL B 346 -20.09 16.41 -28.46
CA VAL B 346 -18.76 16.61 -29.01
C VAL B 346 -18.23 17.97 -28.56
N ASP B 347 -17.01 17.99 -28.04
CA ASP B 347 -16.38 19.21 -27.55
C ASP B 347 -15.22 19.69 -28.41
N LEU B 348 -14.73 18.86 -29.32
CA LEU B 348 -13.57 19.21 -30.15
C LEU B 348 -13.67 18.49 -31.48
N VAL B 349 -13.18 19.14 -32.52
CA VAL B 349 -13.11 18.57 -33.86
C VAL B 349 -11.65 18.52 -34.29
N LEU B 350 -11.16 17.32 -34.56
CA LEU B 350 -9.81 17.11 -35.07
C LEU B 350 -9.90 17.04 -36.59
N ALA B 351 -9.34 18.04 -37.27
CA ALA B 351 -9.52 18.19 -38.71
C ALA B 351 -8.30 17.70 -39.49
N GLY B 352 -8.55 16.96 -40.55
CA GLY B 352 -7.52 16.61 -41.52
C GLY B 352 -7.86 17.23 -42.86
N PHE B 353 -6.82 17.61 -43.60
CA PHE B 353 -6.98 18.31 -44.86
C PHE B 353 -6.08 17.70 -45.93
N LEU B 354 -6.41 17.98 -47.19
CA LEU B 354 -5.56 17.57 -48.30
C LEU B 354 -4.44 18.57 -48.53
N HIS B 355 -4.78 19.85 -48.57
CA HIS B 355 -3.81 20.93 -48.71
C HIS B 355 -3.89 21.73 -47.41
N PHE B 356 -2.95 21.46 -46.50
CA PHE B 356 -3.09 21.95 -45.13
C PHE B 356 -3.02 23.48 -45.06
N GLN B 357 -1.98 24.08 -45.65
CA GLN B 357 -1.80 25.52 -45.52
C GLN B 357 -2.97 26.29 -46.14
N GLU B 358 -3.51 25.79 -47.26
CA GLU B 358 -4.61 26.49 -47.92
CA GLU B 358 -4.60 26.50 -47.92
C GLU B 358 -5.93 26.26 -47.21
N GLU B 359 -6.22 25.01 -46.83
CA GLU B 359 -7.53 24.70 -46.26
C GLU B 359 -7.65 25.14 -44.80
N VAL B 360 -6.56 25.16 -44.05
CA VAL B 360 -6.60 25.70 -42.68
C VAL B 360 -6.92 27.18 -42.71
N GLU B 361 -6.27 27.92 -43.61
CA GLU B 361 -6.57 29.34 -43.76
C GLU B 361 -8.01 29.54 -44.22
N TYR B 362 -8.46 28.72 -45.17
CA TYR B 362 -9.85 28.78 -45.63
C TYR B 362 -10.80 28.46 -44.49
N PHE B 363 -10.45 27.48 -43.65
CA PHE B 363 -11.32 27.10 -42.55
C PHE B 363 -11.52 28.26 -41.57
N GLY B 364 -10.45 28.96 -41.23
CA GLY B 364 -10.54 30.05 -40.27
C GLY B 364 -11.26 31.28 -40.77
N GLN B 365 -11.36 31.44 -42.09
CA GLN B 365 -12.02 32.60 -42.67
C GLN B 365 -13.46 32.33 -43.09
N ARG B 366 -13.82 31.08 -43.33
CA ARG B 366 -15.13 30.71 -43.87
C ARG B 366 -15.95 29.83 -42.95
N VAL B 367 -15.35 28.79 -42.38
CA VAL B 367 -16.10 27.81 -41.60
C VAL B 367 -16.16 28.19 -40.13
N LEU B 368 -15.02 28.55 -39.55
CA LEU B 368 -15.00 28.87 -38.12
C LEU B 368 -15.89 30.05 -37.74
N PRO B 369 -15.91 31.18 -38.46
CA PRO B 369 -16.87 32.24 -38.09
C PRO B 369 -18.32 31.80 -38.14
N LEU B 370 -18.68 30.92 -39.08
CA LEU B 370 -20.05 30.42 -39.14
C LEU B 370 -20.37 29.52 -37.95
N VAL B 371 -19.39 28.73 -37.49
CA VAL B 371 -19.60 27.90 -36.31
C VAL B 371 -19.86 28.78 -35.09
N ARG B 372 -19.06 29.85 -34.93
CA ARG B 372 -19.25 30.73 -33.79
C ARG B 372 -20.59 31.45 -33.86
N GLU B 373 -21.01 31.85 -35.06
CA GLU B 373 -22.31 32.48 -35.23
C GLU B 373 -23.44 31.52 -34.89
N LEU B 374 -23.32 30.26 -35.33
CA LEU B 374 -24.32 29.26 -34.99
C LEU B 374 -24.31 28.95 -33.50
N GLU B 375 -23.15 28.99 -32.85
CA GLU B 375 -23.10 28.77 -31.41
C GLU B 375 -23.80 29.89 -30.65
N ALA B 376 -23.61 31.14 -31.09
CA ALA B 376 -24.34 32.26 -30.49
C ALA B 376 -25.83 32.14 -30.75
N LYS B 377 -26.21 31.68 -31.94
CA LYS B 377 -27.62 31.46 -32.24
C LYS B 377 -28.21 30.39 -31.33
N ALA B 378 -27.49 29.28 -31.13
CA ALA B 378 -27.96 28.25 -30.21
C ALA B 378 -28.03 28.76 -28.78
N GLN B 379 -27.03 29.54 -28.36
CA GLN B 379 -27.03 30.07 -27.01
C GLN B 379 -28.15 31.07 -26.79
N SER B 380 -28.50 31.84 -27.82
CA SER B 380 -29.56 32.83 -27.69
C SER B 380 -30.94 32.17 -27.62
N ALA B 381 -31.11 31.03 -28.27
CA ALA B 381 -32.42 30.36 -28.27
C ALA B 381 -32.71 29.68 -26.94
N ARG B 382 -31.67 29.21 -26.23
CA ARG B 382 -31.89 28.52 -24.96
C ARG B 382 -32.40 29.48 -23.89
N THR B 383 -31.89 30.71 -23.88
CA THR B 383 -32.29 31.69 -22.87
C THR B 383 -33.70 32.23 -23.16
N GLN C 26 3.81 -47.66 -40.32
CA GLN C 26 5.01 -47.18 -39.65
C GLN C 26 5.46 -48.17 -38.57
N GLN C 27 5.43 -47.72 -37.32
CA GLN C 27 5.80 -48.54 -36.17
C GLN C 27 4.59 -48.78 -35.29
N ALA C 28 4.83 -49.42 -34.14
CA ALA C 28 3.75 -49.70 -33.20
C ALA C 28 3.19 -48.40 -32.64
N VAL C 29 1.87 -48.37 -32.44
CA VAL C 29 1.21 -47.18 -31.91
C VAL C 29 1.62 -47.00 -30.46
N LYS C 30 2.18 -45.83 -30.15
CA LYS C 30 2.54 -45.50 -28.78
C LYS C 30 1.34 -44.89 -28.06
N PHE C 31 1.32 -45.04 -26.74
CA PHE C 31 0.22 -44.57 -25.91
C PHE C 31 0.73 -43.74 -24.76
N ALA C 32 0.03 -42.64 -24.47
CA ALA C 32 0.34 -41.77 -23.36
C ALA C 32 -0.95 -41.40 -22.64
N TYR C 33 -0.82 -41.02 -21.38
CA TYR C 33 -1.96 -40.65 -20.56
C TYR C 33 -1.71 -39.32 -19.85
N TRP C 34 -2.78 -38.57 -19.63
CA TRP C 34 -2.70 -37.32 -18.89
C TRP C 34 -2.43 -37.62 -17.42
N VAL C 35 -1.33 -37.08 -16.89
CA VAL C 35 -1.03 -37.21 -15.46
C VAL C 35 -1.91 -36.21 -14.70
N PRO C 36 -2.76 -36.67 -13.79
CA PRO C 36 -3.58 -35.75 -12.98
C PRO C 36 -2.81 -35.14 -11.82
N ASN C 37 -1.79 -34.35 -12.15
CA ASN C 37 -1.02 -33.66 -11.12
C ASN C 37 -1.66 -32.33 -10.70
N VAL C 38 -2.80 -31.97 -11.28
CA VAL C 38 -3.60 -30.84 -10.83
C VAL C 38 -4.98 -31.35 -10.43
N SER C 39 -5.60 -30.66 -9.47
CA SER C 39 -6.87 -31.09 -8.93
C SER C 39 -8.01 -30.77 -9.90
N GLY C 40 -9.20 -31.27 -9.56
CA GLY C 40 -10.39 -30.98 -10.33
C GLY C 40 -10.73 -32.04 -11.34
N GLY C 41 -9.71 -32.59 -12.01
CA GLY C 41 -9.93 -33.57 -13.04
C GLY C 41 -10.62 -32.97 -14.26
N LEU C 42 -11.86 -33.37 -14.51
CA LEU C 42 -12.67 -32.81 -15.59
C LEU C 42 -13.68 -31.87 -14.94
N VAL C 43 -13.40 -30.57 -15.01
CA VAL C 43 -14.25 -29.58 -14.36
C VAL C 43 -15.55 -29.35 -15.12
N VAL C 44 -15.62 -29.75 -16.39
CA VAL C 44 -16.82 -29.51 -17.19
C VAL C 44 -18.00 -30.35 -16.72
N SER C 45 -17.76 -31.41 -15.96
CA SER C 45 -18.82 -32.32 -15.51
C SER C 45 -18.74 -32.47 -14.00
N ARG C 46 -19.92 -32.58 -13.37
CA ARG C 46 -20.02 -32.78 -11.93
C ARG C 46 -20.06 -34.25 -11.55
N ILE C 47 -19.62 -35.14 -12.45
CA ILE C 47 -19.62 -36.58 -12.17
C ILE C 47 -18.48 -36.90 -11.21
N GLU C 48 -18.76 -37.76 -10.23
CA GLU C 48 -17.74 -38.17 -9.27
C GLU C 48 -16.66 -38.97 -9.98
N GLN C 49 -15.40 -38.62 -9.73
CA GLN C 49 -14.27 -39.29 -10.36
C GLN C 49 -13.22 -39.66 -9.33
N ASP C 52 -7.36 -38.72 -8.18
CA ASP C 52 -6.83 -37.79 -7.19
C ASP C 52 -5.51 -37.18 -7.68
N TRP C 53 -5.13 -36.04 -7.11
CA TRP C 53 -3.93 -35.32 -7.50
C TRP C 53 -2.74 -35.59 -6.59
N GLY C 54 -2.89 -36.46 -5.58
CA GLY C 54 -1.80 -36.73 -4.68
C GLY C 54 -0.69 -37.54 -5.32
N ILE C 55 0.46 -37.56 -4.64
CA ILE C 55 1.61 -38.28 -5.16
C ILE C 55 1.39 -39.80 -5.07
N ASP C 56 0.77 -40.26 -3.99
CA ASP C 56 0.56 -41.70 -3.84
C ASP C 56 -0.35 -42.24 -4.94
N TYR C 57 -1.40 -41.50 -5.29
CA TYR C 57 -2.27 -41.92 -6.37
C TYR C 57 -1.54 -41.93 -7.71
N ASN C 58 -0.56 -41.04 -7.88
CA ASN C 58 0.14 -40.93 -9.16
C ASN C 58 1.33 -41.88 -9.28
N ARG C 59 2.02 -42.19 -8.18
CA ARG C 59 3.08 -43.18 -8.25
CA ARG C 59 3.08 -43.18 -8.25
C ARG C 59 2.52 -44.54 -8.64
N LYS C 60 1.39 -44.93 -8.04
CA LYS C 60 0.76 -46.19 -8.43
C LYS C 60 0.21 -46.12 -9.84
N LEU C 61 -0.32 -44.96 -10.23
CA LEU C 61 -0.82 -44.77 -11.59
C LEU C 61 0.28 -44.92 -12.62
N ALA C 62 1.45 -44.35 -12.36
CA ALA C 62 2.57 -44.48 -13.28
C ALA C 62 2.99 -45.94 -13.42
N GLN C 63 3.06 -46.66 -12.31
CA GLN C 63 3.43 -48.08 -12.36
C GLN C 63 2.37 -48.91 -13.07
N LEU C 64 1.10 -48.61 -12.83
CA LEU C 64 0.03 -49.31 -13.54
C LEU C 64 0.09 -49.01 -15.04
N ALA C 65 0.33 -47.75 -15.40
CA ALA C 65 0.43 -47.40 -16.82
C ALA C 65 1.64 -48.05 -17.48
N GLU C 66 2.75 -48.14 -16.74
CA GLU C 66 3.94 -48.81 -17.27
C GLU C 66 3.66 -50.28 -17.55
N ALA C 67 2.97 -50.95 -16.63
CA ALA C 67 2.61 -52.35 -16.85
C ALA C 67 1.54 -52.49 -17.91
N ALA C 68 0.68 -51.49 -18.05
CA ALA C 68 -0.40 -51.52 -19.04
C ALA C 68 0.12 -51.31 -20.46
N GLY C 69 1.37 -50.90 -20.64
CA GLY C 69 1.94 -50.69 -21.95
C GLY C 69 2.07 -49.24 -22.38
N PHE C 70 1.74 -48.29 -21.50
CA PHE C 70 1.92 -46.88 -21.84
C PHE C 70 3.40 -46.54 -21.85
N GLU C 71 3.79 -45.72 -22.83
CA GLU C 71 5.19 -45.31 -22.97
C GLU C 71 5.47 -43.95 -22.37
N TYR C 72 4.52 -43.02 -22.44
CA TYR C 72 4.72 -41.66 -21.98
C TYR C 72 3.68 -41.28 -20.94
N ALA C 73 4.09 -40.40 -20.03
CA ALA C 73 3.19 -39.76 -19.06
C ALA C 73 3.35 -38.26 -19.24
N LEU C 74 2.24 -37.57 -19.48
CA LEU C 74 2.25 -36.14 -19.77
C LEU C 74 1.74 -35.37 -18.54
N THR C 75 2.62 -34.57 -17.96
CA THR C 75 2.26 -33.73 -16.82
C THR C 75 1.66 -32.41 -17.30
N GLN C 76 0.97 -31.74 -16.38
CA GLN C 76 0.39 -30.43 -16.64
C GLN C 76 1.09 -29.37 -15.78
N ILE C 77 1.15 -28.15 -16.29
CA ILE C 77 1.83 -27.06 -15.62
C ILE C 77 0.83 -25.96 -15.28
N ARG C 78 0.82 -25.54 -14.02
CA ARG C 78 0.01 -24.43 -13.54
C ARG C 78 0.80 -23.74 -12.45
N PHE C 79 0.53 -22.46 -12.25
CA PHE C 79 1.23 -21.70 -11.22
C PHE C 79 0.34 -21.17 -10.11
N THR C 80 -0.81 -20.59 -10.43
CA THR C 80 -1.69 -20.04 -9.42
C THR C 80 -2.94 -20.89 -9.27
N ALA C 81 -3.50 -20.88 -8.06
CA ALA C 81 -4.71 -21.64 -7.77
C ALA C 81 -5.91 -21.03 -8.47
N GLY C 82 -6.76 -21.88 -9.01
CA GLY C 82 -7.96 -21.45 -9.72
C GLY C 82 -7.93 -21.88 -11.17
N TYR C 83 -8.84 -21.31 -11.95
CA TYR C 83 -8.97 -21.60 -13.37
C TYR C 83 -9.18 -23.10 -13.63
N GLY C 84 -9.99 -23.73 -12.79
CA GLY C 84 -10.32 -25.13 -12.96
C GLY C 84 -9.66 -26.05 -11.95
N ALA C 85 -8.38 -25.77 -11.64
CA ALA C 85 -7.60 -26.59 -10.73
C ALA C 85 -7.23 -25.76 -9.51
N GLU C 86 -7.68 -26.20 -8.33
CA GLU C 86 -7.38 -25.47 -7.10
C GLU C 86 -6.02 -25.86 -6.52
N PHE C 87 -5.63 -27.12 -6.67
CA PHE C 87 -4.36 -27.63 -6.19
C PHE C 87 -3.53 -28.10 -7.36
N GLN C 88 -2.25 -27.71 -7.40
CA GLN C 88 -1.38 -28.03 -8.52
C GLN C 88 0.00 -28.38 -8.00
N HIS C 89 0.55 -29.49 -8.47
CA HIS C 89 1.94 -29.85 -8.18
C HIS C 89 2.84 -29.36 -9.29
N GLU C 90 4.06 -28.95 -8.92
CA GLU C 90 5.02 -28.47 -9.90
C GLU C 90 5.42 -29.60 -10.85
N SER C 91 5.34 -29.32 -12.16
CA SER C 91 5.42 -30.38 -13.16
C SER C 91 6.79 -31.07 -13.15
N VAL C 92 7.87 -30.30 -13.06
CA VAL C 92 9.20 -30.88 -13.18
C VAL C 92 9.54 -31.74 -11.97
N ALA C 93 9.28 -31.24 -10.76
CA ALA C 93 9.52 -32.03 -9.56
C ALA C 93 8.61 -33.26 -9.52
N PHE C 94 7.35 -33.10 -9.94
CA PHE C 94 6.44 -34.24 -9.99
C PHE C 94 6.90 -35.25 -11.03
N SER C 95 7.45 -34.78 -12.15
CA SER C 95 7.99 -35.69 -13.16
C SER C 95 9.15 -36.49 -12.59
N HIS C 96 10.01 -35.84 -11.81
CA HIS C 96 11.13 -36.55 -11.18
C HIS C 96 10.64 -37.64 -10.24
N ALA C 97 9.55 -37.36 -9.51
CA ALA C 97 9.01 -38.34 -8.57
C ALA C 97 8.41 -39.54 -9.30
N LEU C 98 7.68 -39.29 -10.39
CA LEU C 98 7.10 -40.39 -11.15
C LEU C 98 8.19 -41.23 -11.83
N LEU C 99 9.26 -40.58 -12.29
CA LEU C 99 10.36 -41.31 -12.90
C LEU C 99 11.08 -42.19 -11.89
N ALA C 100 11.24 -41.71 -10.66
CA ALA C 100 11.91 -42.50 -9.63
C ALA C 100 11.08 -43.69 -9.17
N ALA C 101 9.77 -43.68 -9.41
CA ALA C 101 8.90 -44.78 -9.03
C ALA C 101 8.67 -45.79 -10.15
N THR C 102 9.31 -45.61 -11.30
CA THR C 102 9.15 -46.49 -12.44
C THR C 102 10.52 -46.93 -12.95
N SER C 103 10.52 -47.77 -13.98
CA SER C 103 11.74 -48.28 -14.57
C SER C 103 11.90 -47.92 -16.04
N GLN C 104 10.87 -48.12 -16.85
CA GLN C 104 10.93 -47.84 -18.28
C GLN C 104 9.98 -46.75 -18.75
N LEU C 105 9.06 -46.29 -17.90
CA LEU C 105 8.11 -45.26 -18.30
C LEU C 105 8.82 -43.93 -18.52
N LYS C 106 8.43 -43.23 -19.59
CA LYS C 106 8.96 -41.91 -19.90
C LYS C 106 7.94 -40.85 -19.48
N VAL C 107 8.43 -39.76 -18.88
CA VAL C 107 7.57 -38.70 -18.38
C VAL C 107 7.89 -37.41 -19.12
N ILE C 108 6.85 -36.77 -19.65
CA ILE C 108 6.97 -35.53 -20.39
C ILE C 108 6.68 -34.39 -19.41
N ALA C 109 7.71 -33.60 -19.11
CA ALA C 109 7.59 -32.48 -18.18
C ALA C 109 7.10 -31.25 -18.93
N ALA C 110 6.05 -30.62 -18.40
CA ALA C 110 5.49 -29.42 -19.02
C ALA C 110 6.27 -28.18 -18.58
N ILE C 111 6.63 -27.34 -19.54
CA ILE C 111 7.43 -26.14 -19.29
C ILE C 111 6.70 -24.94 -19.89
N LEU C 112 6.61 -23.86 -19.11
CA LEU C 112 5.92 -22.65 -19.52
C LEU C 112 6.89 -21.48 -19.60
N PRO C 113 7.32 -21.08 -20.80
CA PRO C 113 8.18 -19.90 -20.92
C PRO C 113 7.50 -18.67 -20.34
N GLY C 114 8.32 -17.77 -19.79
CA GLY C 114 7.81 -16.76 -18.89
C GLY C 114 8.31 -17.03 -17.49
N PRO C 115 7.49 -17.66 -16.66
CA PRO C 115 7.99 -18.11 -15.36
C PRO C 115 9.17 -19.05 -15.46
N TRP C 116 9.34 -19.75 -16.58
CA TRP C 116 10.51 -20.59 -16.85
C TRP C 116 11.49 -19.88 -17.76
N GLN C 117 12.78 -20.12 -17.53
CA GLN C 117 13.84 -19.65 -18.39
C GLN C 117 14.65 -20.82 -18.93
N PRO C 118 15.12 -20.74 -20.18
CA PRO C 118 15.74 -21.93 -20.81
C PRO C 118 17.00 -22.41 -20.10
N ALA C 119 17.81 -21.52 -19.53
CA ALA C 119 19.04 -21.94 -18.88
C ALA C 119 18.76 -22.87 -17.70
N LEU C 120 17.80 -22.49 -16.84
CA LEU C 120 17.44 -23.36 -15.72
C LEU C 120 16.73 -24.61 -16.19
N ALA C 121 15.85 -24.47 -17.18
CA ALA C 121 15.12 -25.63 -17.68
C ALA C 121 16.08 -26.64 -18.31
N ALA C 122 17.06 -26.16 -19.09
CA ALA C 122 18.00 -27.06 -19.73
C ALA C 122 18.84 -27.81 -18.72
N LYS C 123 19.33 -27.11 -17.68
CA LYS C 123 20.20 -27.76 -16.71
C LYS C 123 19.42 -28.70 -15.78
N GLN C 124 18.23 -28.29 -15.36
CA GLN C 124 17.46 -29.12 -14.45
C GLN C 124 16.98 -30.40 -15.14
N LEU C 125 16.47 -30.28 -16.36
CA LEU C 125 16.03 -31.47 -17.09
C LEU C 125 17.20 -32.38 -17.44
N ALA C 126 18.38 -31.81 -17.66
CA ALA C 126 19.55 -32.64 -17.95
C ALA C 126 19.97 -33.45 -16.73
N THR C 127 19.94 -32.83 -15.55
CA THR C 127 20.30 -33.57 -14.33
C THR C 127 19.29 -34.68 -14.05
N ILE C 128 18.00 -34.37 -14.16
CA ILE C 128 16.97 -35.40 -13.95
C ILE C 128 17.11 -36.51 -14.98
N ASP C 129 17.46 -36.16 -16.22
CA ASP C 129 17.68 -37.18 -17.25
C ASP C 129 18.81 -38.11 -16.84
N GLN C 130 19.88 -37.56 -16.24
CA GLN C 130 20.99 -38.40 -15.78
C GLN C 130 20.54 -39.30 -14.63
N LEU C 131 19.68 -38.81 -13.75
CA LEU C 131 19.25 -39.55 -12.57
C LEU C 131 18.17 -40.58 -12.87
N THR C 132 17.56 -40.54 -14.05
CA THR C 132 16.44 -41.41 -14.38
C THR C 132 16.69 -42.24 -15.64
N ASN C 133 17.97 -42.43 -16.00
CA ASN C 133 18.34 -43.25 -17.15
C ASN C 133 17.74 -42.73 -18.45
N GLY C 134 17.73 -41.41 -18.60
CA GLY C 134 17.28 -40.77 -19.83
C GLY C 134 15.83 -40.99 -20.19
N ARG C 135 14.93 -40.82 -19.22
CA ARG C 135 13.52 -41.10 -19.43
C ARG C 135 12.63 -39.86 -19.31
N ILE C 136 13.19 -38.66 -19.44
CA ILE C 136 12.44 -37.43 -19.27
C ILE C 136 12.30 -36.72 -20.62
N ALA C 137 11.12 -36.17 -20.87
CA ALA C 137 10.82 -35.38 -22.05
C ALA C 137 10.24 -34.04 -21.61
N VAL C 138 9.99 -33.17 -22.57
CA VAL C 138 9.53 -31.81 -22.29
C VAL C 138 8.36 -31.46 -23.21
N ASN C 139 7.35 -30.82 -22.65
CA ASN C 139 6.21 -30.28 -23.39
C ASN C 139 6.17 -28.78 -23.18
N ILE C 140 6.39 -28.03 -24.25
CA ILE C 140 6.45 -26.57 -24.19
C ILE C 140 5.06 -25.99 -24.36
N VAL C 141 4.57 -25.33 -23.31
CA VAL C 141 3.24 -24.72 -23.29
C VAL C 141 3.40 -23.22 -23.41
N SER C 142 2.57 -22.61 -24.27
CA SER C 142 2.63 -21.17 -24.49
C SER C 142 1.68 -20.37 -23.60
N GLY C 143 0.90 -21.04 -22.76
CA GLY C 143 0.02 -20.35 -21.83
C GLY C 143 -1.32 -19.95 -22.42
N TRP C 144 -2.39 -20.09 -21.62
CA TRP C 144 -3.74 -19.74 -22.05
C TRP C 144 -4.42 -18.70 -21.19
N PHE C 145 -4.07 -18.58 -19.92
CA PHE C 145 -4.73 -17.68 -18.98
C PHE C 145 -3.80 -16.52 -18.65
N ARG C 146 -4.20 -15.31 -19.05
CA ARG C 146 -3.38 -14.13 -18.75
C ARG C 146 -3.38 -13.81 -17.27
N GLY C 147 -4.44 -14.19 -16.54
CA GLY C 147 -4.48 -13.92 -15.12
C GLY C 147 -3.39 -14.64 -14.35
N GLU C 148 -3.00 -15.83 -14.81
CA GLU C 148 -1.90 -16.54 -14.15
C GLU C 148 -0.58 -15.79 -14.35
N PHE C 149 -0.32 -15.30 -15.56
CA PHE C 149 0.90 -14.55 -15.81
C PHE C 149 0.92 -13.25 -15.04
N GLN C 150 -0.21 -12.54 -14.97
CA GLN C 150 -0.25 -11.26 -14.27
C GLN C 150 -0.05 -11.45 -12.78
N ALA C 151 -0.57 -12.55 -12.22
CA ALA C 151 -0.43 -12.80 -10.79
C ALA C 151 1.04 -12.98 -10.40
N ILE C 152 1.85 -13.55 -11.29
CA ILE C 152 3.25 -13.82 -11.01
C ILE C 152 4.18 -12.76 -11.59
N GLY C 153 3.64 -11.61 -12.00
CA GLY C 153 4.46 -10.51 -12.45
C GLY C 153 4.95 -10.60 -13.88
N GLU C 154 4.44 -11.53 -14.67
CA GLU C 154 4.88 -11.67 -16.06
C GLU C 154 3.97 -10.87 -16.98
N HIS C 155 4.58 -10.24 -17.98
CA HIS C 155 3.81 -9.52 -18.98
C HIS C 155 3.16 -10.50 -19.94
N TRP C 156 2.03 -10.08 -20.52
CA TRP C 156 1.24 -10.94 -21.39
C TRP C 156 1.56 -10.55 -22.82
N LEU C 157 2.37 -11.36 -23.49
CA LEU C 157 2.75 -11.09 -24.87
C LEU C 157 1.60 -11.46 -25.80
N GLU C 158 1.63 -10.89 -27.01
CA GLU C 158 0.64 -11.21 -28.02
C GLU C 158 0.74 -12.69 -28.40
N HIS C 159 -0.38 -13.23 -28.88
CA HIS C 159 -0.51 -14.67 -29.12
C HIS C 159 0.64 -15.21 -29.98
N ASP C 160 0.83 -14.66 -31.18
CA ASP C 160 1.91 -15.12 -32.04
C ASP C 160 3.27 -14.80 -31.45
N GLU C 161 3.37 -13.70 -30.69
CA GLU C 161 4.62 -13.35 -30.03
C GLU C 161 5.00 -14.36 -28.96
N ARG C 162 4.02 -14.96 -28.28
CA ARG C 162 4.32 -16.00 -27.30
C ARG C 162 4.93 -17.22 -27.96
N TYR C 163 4.53 -17.52 -29.19
CA TYR C 163 5.11 -18.66 -29.91
C TYR C 163 6.50 -18.34 -30.44
N ARG C 164 6.78 -17.07 -30.73
CA ARG C 164 8.15 -16.70 -31.09
C ARG C 164 9.09 -16.90 -29.90
N ARG C 165 8.64 -16.57 -28.69
CA ARG C 165 9.46 -16.82 -27.51
C ARG C 165 9.60 -18.30 -27.22
N SER C 166 8.52 -19.08 -27.39
CA SER C 166 8.61 -20.51 -27.13
C SER C 166 9.57 -21.19 -28.10
N GLU C 167 9.58 -20.73 -29.35
CA GLU C 167 10.50 -21.31 -30.33
C GLU C 167 11.96 -21.02 -29.96
N GLU C 168 12.27 -19.78 -29.56
CA GLU C 168 13.60 -19.49 -29.07
C GLU C 168 13.91 -20.30 -27.81
N PHE C 169 12.90 -20.55 -26.99
CA PHE C 169 13.08 -21.42 -25.82
C PHE C 169 13.46 -22.83 -26.26
N ILE C 170 12.80 -23.34 -27.31
CA ILE C 170 13.08 -24.68 -27.79
C ILE C 170 14.46 -24.74 -28.43
N ARG C 171 14.81 -23.74 -29.25
CA ARG C 171 16.13 -23.72 -29.88
C ARG C 171 17.24 -23.64 -28.84
N SER C 172 17.00 -22.91 -27.76
CA SER C 172 18.01 -22.83 -26.69
C SER C 172 18.21 -24.18 -26.01
N LEU C 173 17.13 -24.93 -25.77
CA LEU C 173 17.27 -26.24 -25.15
C LEU C 173 18.09 -27.17 -26.04
N ARG C 174 17.78 -27.20 -27.34
CA ARG C 174 18.49 -28.07 -28.27
C ARG C 174 19.97 -27.72 -28.34
N GLY C 175 20.29 -26.42 -28.40
CA GLY C 175 21.68 -26.02 -28.49
C GLY C 175 22.45 -26.31 -27.21
N ILE C 176 21.84 -26.03 -26.06
CA ILE C 176 22.50 -26.28 -24.77
C ILE C 176 22.74 -27.78 -24.57
N TRP C 177 21.74 -28.61 -24.92
CA TRP C 177 21.86 -30.03 -24.65
C TRP C 177 22.81 -30.75 -25.60
N SER C 178 23.13 -30.17 -26.75
CA SER C 178 23.89 -30.87 -27.76
C SER C 178 25.25 -30.27 -28.08
N GLN C 179 25.52 -29.03 -27.72
CA GLN C 179 26.76 -28.37 -28.11
C GLN C 179 27.45 -27.76 -26.91
N ASP C 180 28.77 -27.82 -26.90
CA ASP C 180 29.56 -26.99 -26.00
C ASP C 180 29.73 -25.61 -26.61
N ASN C 181 30.01 -24.64 -25.74
CA ASN C 181 30.18 -23.24 -26.14
C ASN C 181 29.03 -22.80 -27.05
N PHE C 182 27.84 -22.77 -26.45
CA PHE C 182 26.63 -22.40 -27.17
C PHE C 182 26.43 -20.90 -27.16
N THR C 183 26.16 -20.32 -28.33
CA THR C 183 25.88 -18.90 -28.46
C THR C 183 24.58 -18.74 -29.22
N PHE C 184 23.70 -17.90 -28.69
CA PHE C 184 22.38 -17.67 -29.26
C PHE C 184 22.04 -16.21 -29.01
N ARG C 185 21.70 -15.49 -30.07
CA ARG C 185 21.37 -14.06 -29.98
C ARG C 185 19.92 -13.91 -30.42
N GLY C 186 19.00 -14.19 -29.49
CA GLY C 186 17.60 -14.11 -29.76
C GLY C 186 16.99 -12.80 -29.26
N ASP C 187 15.73 -12.61 -29.63
CA ASP C 187 14.96 -11.46 -29.15
C ASP C 187 14.49 -11.65 -27.71
N PHE C 188 14.41 -12.90 -27.24
CA PHE C 188 13.96 -13.20 -25.90
C PHE C 188 15.03 -13.81 -25.01
N TYR C 189 15.95 -14.60 -25.57
CA TYR C 189 16.97 -15.27 -24.79
C TYR C 189 18.33 -15.11 -25.45
N ARG C 190 19.36 -14.92 -24.63
CA ARG C 190 20.74 -14.78 -25.08
C ARG C 190 21.61 -15.82 -24.41
N PHE C 191 22.57 -16.34 -25.16
CA PHE C 191 23.59 -17.21 -24.61
C PHE C 191 24.93 -16.84 -25.24
N ASP C 192 25.98 -16.84 -24.42
CA ASP C 192 27.30 -16.40 -24.85
C ASP C 192 28.34 -17.40 -24.38
N ASN C 193 28.78 -18.28 -25.28
CA ASN C 193 29.84 -19.26 -25.00
C ASN C 193 29.49 -20.12 -23.79
N TYR C 194 28.24 -20.58 -23.73
CA TYR C 194 27.75 -21.38 -22.62
C TYR C 194 27.97 -22.87 -22.87
N SER C 195 28.57 -23.56 -21.89
CA SER C 195 28.83 -24.99 -21.95
C SER C 195 28.18 -25.66 -20.76
N LEU C 196 27.13 -26.44 -21.00
CA LEU C 196 26.43 -27.18 -19.95
C LEU C 196 27.07 -28.54 -19.75
N LYS C 197 27.46 -28.84 -18.51
CA LYS C 197 28.00 -30.13 -18.13
C LYS C 197 27.46 -30.47 -16.74
N PRO C 198 26.87 -31.66 -16.55
CA PRO C 198 26.70 -32.68 -17.60
C PRO C 198 25.47 -32.44 -18.48
N LYS C 199 25.51 -32.98 -19.68
CA LYS C 199 24.41 -32.94 -20.62
C LYS C 199 23.48 -34.12 -20.40
N PRO C 200 22.30 -34.13 -21.02
CA PRO C 200 21.40 -35.28 -20.87
C PRO C 200 22.04 -36.57 -21.38
N LEU C 201 21.68 -37.68 -20.74
CA LEU C 201 22.16 -38.99 -21.20
C LEU C 201 21.67 -39.28 -22.61
N GLY C 202 20.38 -39.03 -22.87
CA GLY C 202 19.81 -39.19 -24.18
C GLY C 202 19.48 -37.87 -24.84
N ARG C 203 18.59 -37.93 -25.81
CA ARG C 203 18.11 -36.73 -26.50
C ARG C 203 16.66 -36.53 -26.08
N PRO C 204 16.38 -35.62 -25.14
CA PRO C 204 15.00 -35.44 -24.66
C PRO C 204 14.09 -34.97 -25.79
N GLU C 205 13.04 -35.74 -26.03
CA GLU C 205 12.06 -35.39 -27.05
C GLU C 205 11.27 -34.16 -26.62
N ILE C 206 10.87 -33.37 -27.61
CA ILE C 206 10.17 -32.11 -27.38
C ILE C 206 8.76 -32.24 -27.91
N PHE C 207 7.79 -32.29 -27.00
CA PHE C 207 6.38 -32.37 -27.34
C PHE C 207 5.78 -30.96 -27.34
N GLN C 208 4.76 -30.77 -28.17
CA GLN C 208 4.12 -29.47 -28.30
C GLN C 208 2.72 -29.64 -28.86
N GLY C 209 1.77 -28.91 -28.29
CA GLY C 209 0.41 -28.90 -28.78
C GLY C 209 0.07 -27.59 -29.47
N GLY C 210 -1.21 -27.20 -29.42
CA GLY C 210 -1.66 -25.98 -30.05
C GLY C 210 -2.24 -26.20 -31.44
N SER C 211 -3.28 -25.45 -31.78
CA SER C 211 -3.96 -25.60 -33.06
C SER C 211 -3.88 -24.37 -33.96
N SER C 212 -3.36 -23.25 -33.46
CA SER C 212 -3.29 -22.03 -34.26
C SER C 212 -2.22 -22.15 -35.34
N ARG C 213 -2.24 -21.19 -36.28
CA ARG C 213 -1.26 -21.20 -37.35
C ARG C 213 0.15 -21.06 -36.81
N ALA C 214 0.34 -20.21 -35.79
CA ALA C 214 1.66 -20.06 -35.19
C ALA C 214 2.09 -21.34 -34.48
N ALA C 215 1.14 -22.07 -33.89
CA ALA C 215 1.48 -23.30 -33.19
C ALA C 215 1.97 -24.37 -34.16
N ARG C 216 1.35 -24.47 -35.33
CA ARG C 216 1.73 -25.50 -36.29
C ARG C 216 2.90 -25.08 -37.19
N ASP C 217 3.22 -23.80 -37.25
CA ASP C 217 4.46 -23.39 -37.90
C ASP C 217 5.67 -23.67 -37.01
N MET C 218 5.52 -23.50 -35.69
CA MET C 218 6.61 -23.82 -34.78
C MET C 218 6.85 -25.31 -34.70
N ALA C 219 5.77 -26.10 -34.65
CA ALA C 219 5.92 -27.56 -34.58
C ALA C 219 6.60 -28.11 -35.82
N ALA C 220 6.29 -27.55 -36.99
CA ALA C 220 6.89 -28.00 -38.24
C ALA C 220 8.36 -27.61 -38.37
N ARG C 221 8.91 -26.88 -37.40
CA ARG C 221 10.31 -26.45 -37.47
C ARG C 221 11.20 -27.03 -36.38
N VAL C 222 10.74 -27.07 -35.13
CA VAL C 222 11.64 -27.36 -34.02
C VAL C 222 11.13 -28.48 -33.11
N SER C 223 9.89 -28.90 -33.29
CA SER C 223 9.27 -29.86 -32.40
C SER C 223 9.40 -31.28 -32.92
N ASP C 224 9.61 -32.23 -32.00
CA ASP C 224 9.65 -33.64 -32.37
C ASP C 224 8.26 -34.25 -32.46
N TRP C 225 7.39 -33.91 -31.52
CA TRP C 225 6.03 -34.40 -31.50
C TRP C 225 5.06 -33.22 -31.54
N TYR C 226 3.93 -33.41 -32.21
CA TYR C 226 2.89 -32.40 -32.29
C TYR C 226 1.58 -33.04 -31.87
N PHE C 227 0.92 -32.46 -30.86
CA PHE C 227 -0.39 -32.91 -30.42
C PHE C 227 -1.44 -32.19 -31.24
N THR C 228 -2.18 -32.94 -32.05
CA THR C 228 -3.29 -32.38 -32.80
C THR C 228 -4.58 -32.54 -32.00
N ASN C 229 -5.51 -31.61 -32.23
CA ASN C 229 -6.76 -31.62 -31.50
C ASN C 229 -7.61 -32.82 -31.89
N GLY C 230 -8.37 -33.33 -30.91
CA GLY C 230 -9.27 -34.43 -31.16
C GLY C 230 -10.32 -34.12 -32.19
N ASN C 231 -10.54 -35.02 -33.14
CA ASN C 231 -11.47 -34.81 -34.23
C ASN C 231 -11.85 -36.16 -34.81
N SER C 232 -12.66 -36.12 -35.87
CA SER C 232 -13.05 -37.35 -36.56
C SER C 232 -11.86 -37.90 -37.36
N VAL C 233 -12.06 -39.11 -37.89
CA VAL C 233 -11.00 -39.75 -38.67
C VAL C 233 -10.71 -38.93 -39.93
N GLU C 234 -11.74 -38.35 -40.54
CA GLU C 234 -11.54 -37.52 -41.73
C GLU C 234 -10.87 -36.20 -41.37
N GLY C 235 -11.28 -35.60 -40.25
CA GLY C 235 -10.69 -34.33 -39.85
C GLY C 235 -9.23 -34.47 -39.43
N ILE C 236 -8.90 -35.57 -38.76
CA ILE C 236 -7.52 -35.79 -38.33
C ILE C 236 -6.61 -35.98 -39.54
N LYS C 237 -7.08 -36.66 -40.58
CA LYS C 237 -6.29 -36.83 -41.78
C LYS C 237 -5.96 -35.48 -42.42
N ALA C 238 -6.92 -34.55 -42.42
CA ALA C 238 -6.67 -33.22 -42.97
C ALA C 238 -5.65 -32.46 -42.14
N GLN C 239 -5.73 -32.58 -40.81
CA GLN C 239 -4.76 -31.91 -39.95
C GLN C 239 -3.37 -32.53 -40.10
N VAL C 240 -3.30 -33.85 -40.24
CA VAL C 240 -2.00 -34.52 -40.41
C VAL C 240 -1.33 -34.10 -41.72
N ASP C 241 -2.11 -34.05 -42.80
CA ASP C 241 -1.53 -33.70 -44.10
C ASP C 241 -0.99 -32.27 -44.09
N ASP C 242 -1.69 -31.36 -43.42
CA ASP C 242 -1.24 -29.97 -43.39
C ASP C 242 0.06 -29.83 -42.63
N ILE C 243 0.17 -30.46 -41.45
CA ILE C 243 1.35 -30.30 -40.63
C ILE C 243 2.56 -30.98 -41.27
N ARG C 244 2.35 -32.16 -41.89
CA ARG C 244 3.44 -32.86 -42.54
C ARG C 244 3.92 -32.13 -43.79
N ALA C 245 3.01 -31.44 -44.49
CA ALA C 245 3.42 -30.64 -45.64
C ALA C 245 4.31 -29.48 -45.21
N LYS C 246 3.96 -28.80 -44.11
CA LYS C 246 4.80 -27.74 -43.60
C LYS C 246 6.14 -28.28 -43.12
N ALA C 247 6.12 -29.43 -42.43
CA ALA C 247 7.35 -30.00 -41.92
C ALA C 247 8.28 -30.42 -43.06
N ALA C 248 7.71 -30.96 -44.14
CA ALA C 248 8.52 -31.35 -45.29
C ALA C 248 9.18 -30.13 -45.94
N ALA C 249 8.47 -29.00 -45.99
CA ALA C 249 9.04 -27.80 -46.58
C ALA C 249 10.25 -27.30 -45.79
N ASN C 250 10.27 -27.54 -44.49
CA ASN C 250 11.39 -27.17 -43.64
C ASN C 250 12.43 -28.28 -43.53
N HIS C 251 12.22 -29.41 -44.20
CA HIS C 251 13.09 -30.58 -44.07
C HIS C 251 13.19 -31.04 -42.61
N HIS C 252 12.06 -31.03 -41.93
CA HIS C 252 11.96 -31.38 -40.52
C HIS C 252 11.00 -32.55 -40.37
N SER C 253 11.34 -33.48 -39.50
CA SER C 253 10.51 -34.65 -39.24
C SER C 253 9.79 -34.44 -37.91
N VAL C 254 8.48 -34.68 -37.91
CA VAL C 254 7.66 -34.51 -36.72
C VAL C 254 6.69 -35.68 -36.62
N LYS C 255 6.63 -36.31 -35.45
CA LYS C 255 5.66 -37.34 -35.19
C LYS C 255 4.39 -36.70 -34.61
N ILE C 256 3.27 -37.40 -34.77
CA ILE C 256 1.96 -36.84 -34.49
C ILE C 256 1.25 -37.69 -33.45
N GLY C 257 0.71 -37.04 -32.43
CA GLY C 257 -0.17 -37.68 -31.47
C GLY C 257 -1.51 -36.99 -31.45
N VAL C 258 -2.55 -37.68 -30.97
CA VAL C 258 -3.90 -37.12 -30.92
C VAL C 258 -4.44 -37.26 -29.50
N ASN C 259 -5.05 -36.19 -29.00
CA ASN C 259 -5.66 -36.22 -27.69
C ASN C 259 -7.04 -36.86 -27.78
N ALA C 260 -7.34 -37.74 -26.83
CA ALA C 260 -8.59 -38.47 -26.83
C ALA C 260 -8.98 -38.81 -25.40
N PHE C 261 -10.27 -38.69 -25.10
CA PHE C 261 -10.82 -39.09 -23.81
C PHE C 261 -11.41 -40.49 -23.98
N VAL C 262 -10.73 -41.49 -23.43
CA VAL C 262 -11.09 -42.88 -23.65
C VAL C 262 -12.04 -43.34 -22.56
N ILE C 263 -13.20 -43.85 -22.97
CA ILE C 263 -14.17 -44.46 -22.06
C ILE C 263 -14.39 -45.87 -22.58
N ALA C 264 -13.66 -46.83 -22.02
CA ALA C 264 -13.73 -48.23 -22.44
C ALA C 264 -14.52 -49.02 -21.40
N ARG C 265 -15.63 -49.63 -21.82
CA ARG C 265 -16.46 -50.45 -20.95
C ARG C 265 -16.72 -51.78 -21.64
N ASP C 266 -17.24 -52.73 -20.86
CA ASP C 266 -17.49 -54.08 -21.39
C ASP C 266 -18.61 -54.09 -22.42
N THR C 267 -19.56 -53.17 -22.31
CA THR C 267 -20.68 -53.08 -23.24
C THR C 267 -20.74 -51.68 -23.84
N GLU C 268 -21.21 -51.60 -25.08
CA GLU C 268 -21.35 -50.31 -25.73
C GLU C 268 -22.38 -49.44 -25.04
N GLU C 269 -23.44 -50.03 -24.50
CA GLU C 269 -24.45 -49.26 -23.79
C GLU C 269 -23.88 -48.66 -22.50
N GLU C 270 -23.04 -49.43 -21.79
CA GLU C 270 -22.44 -48.92 -20.56
C GLU C 270 -21.50 -47.76 -20.83
N ALA C 271 -20.70 -47.85 -21.91
CA ALA C 271 -19.79 -46.76 -22.25
C ALA C 271 -20.55 -45.51 -22.65
N LYS C 272 -21.61 -45.66 -23.45
CA LYS C 272 -22.44 -44.51 -23.81
C LYS C 272 -23.19 -43.94 -22.61
N ALA C 273 -23.42 -44.77 -21.57
CA ALA C 273 -24.06 -44.27 -20.37
C ALA C 273 -23.13 -43.37 -19.55
N VAL C 274 -21.83 -43.68 -19.54
CA VAL C 274 -20.87 -42.84 -18.82
C VAL C 274 -20.80 -41.45 -19.43
N LEU C 275 -20.80 -41.37 -20.77
CA LEU C 275 -20.79 -40.08 -21.44
C LEU C 275 -22.05 -39.28 -21.11
N ALA C 276 -23.20 -39.96 -21.04
CA ALA C 276 -24.43 -39.28 -20.69
C ALA C 276 -24.40 -38.77 -19.26
N GLN C 277 -23.84 -39.55 -18.33
CA GLN C 277 -23.77 -39.12 -16.94
C GLN C 277 -22.87 -37.90 -16.77
N ILE C 278 -21.82 -37.78 -17.58
CA ILE C 278 -20.96 -36.61 -17.49
C ILE C 278 -21.70 -35.36 -17.94
N ILE C 279 -22.43 -35.46 -19.05
CA ILE C 279 -23.19 -34.33 -19.57
C ILE C 279 -24.40 -34.01 -18.69
N THR C 312 -24.47 -29.61 -23.02
CA THR C 312 -24.66 -30.53 -24.13
C THR C 312 -23.35 -31.15 -24.57
N PHE C 313 -23.39 -31.97 -25.63
CA PHE C 313 -22.18 -32.60 -26.12
C PHE C 313 -21.25 -31.60 -26.79
N GLU C 314 -21.82 -30.66 -27.56
CA GLU C 314 -20.99 -29.65 -28.22
C GLU C 314 -20.30 -28.75 -27.21
N ASP C 315 -20.97 -28.44 -26.09
CA ASP C 315 -20.33 -27.63 -25.05
C ASP C 315 -19.19 -28.38 -24.37
N LEU C 316 -19.29 -29.72 -24.31
CA LEU C 316 -18.22 -30.50 -23.67
C LEU C 316 -16.95 -30.48 -24.50
N VAL C 317 -17.08 -30.47 -25.83
CA VAL C 317 -15.91 -30.45 -26.70
C VAL C 317 -15.14 -29.15 -26.53
N GLN C 318 -15.85 -28.04 -26.28
CA GLN C 318 -15.17 -26.76 -26.05
C GLN C 318 -14.27 -26.81 -24.83
N TYR C 319 -14.57 -27.68 -23.86
CA TYR C 319 -13.74 -27.83 -22.67
C TYR C 319 -12.65 -28.88 -22.85
N ASN C 320 -12.98 -30.00 -23.47
CA ASN C 320 -12.01 -31.08 -23.72
C ASN C 320 -12.25 -31.58 -25.13
N ASP C 321 -11.32 -31.29 -26.04
CA ASP C 321 -11.45 -31.71 -27.43
C ASP C 321 -11.22 -33.20 -27.63
N GLY C 322 -10.77 -33.91 -26.60
CA GLY C 322 -10.54 -35.34 -26.74
C GLY C 322 -11.80 -36.16 -26.94
N PHE C 323 -12.97 -35.60 -26.61
CA PHE C 323 -14.21 -36.31 -26.83
C PHE C 323 -14.54 -36.43 -28.32
N LYS C 324 -14.07 -35.48 -29.13
CA LYS C 324 -14.34 -35.51 -30.56
C LYS C 324 -13.64 -36.66 -31.26
N THR C 325 -12.56 -37.20 -30.67
CA THR C 325 -11.90 -38.37 -31.25
C THR C 325 -12.80 -39.59 -31.22
N ASN C 326 -13.79 -39.62 -30.33
CA ASN C 326 -14.79 -40.69 -30.28
C ASN C 326 -14.16 -42.05 -30.00
N LEU C 327 -13.28 -42.09 -29.00
CA LEU C 327 -12.76 -43.36 -28.48
C LEU C 327 -13.62 -43.86 -27.33
N ILE C 328 -14.92 -43.96 -27.58
CA ILE C 328 -15.91 -44.37 -26.59
C ILE C 328 -16.59 -45.63 -27.11
N GLY C 329 -16.66 -46.66 -26.26
CA GLY C 329 -17.31 -47.90 -26.64
C GLY C 329 -16.64 -49.14 -26.10
N THR C 330 -16.82 -50.26 -26.79
CA THR C 330 -16.21 -51.52 -26.38
C THR C 330 -14.73 -51.52 -26.74
N PRO C 331 -13.94 -52.35 -26.06
CA PRO C 331 -12.51 -52.43 -26.41
C PRO C 331 -12.25 -52.78 -27.86
N GLN C 332 -13.10 -53.62 -28.47
CA GLN C 332 -12.93 -53.94 -29.88
C GLN C 332 -13.19 -52.72 -30.75
N GLN C 333 -14.23 -51.93 -30.43
CA GLN C 333 -14.52 -50.73 -31.21
C GLN C 333 -13.40 -49.71 -31.08
N ILE C 334 -12.88 -49.51 -29.87
CA ILE C 334 -11.81 -48.55 -29.66
C ILE C 334 -10.53 -48.99 -30.37
N ALA C 335 -10.21 -50.29 -30.28
CA ALA C 335 -9.00 -50.79 -30.93
C ALA C 335 -9.07 -50.62 -32.44
N GLU C 336 -10.25 -50.84 -33.04
CA GLU C 336 -10.39 -50.66 -34.48
C GLU C 336 -10.21 -49.20 -34.87
N ARG C 337 -10.74 -48.28 -34.06
CA ARG C 337 -10.60 -46.86 -34.38
C ARG C 337 -9.17 -46.38 -34.20
N ILE C 338 -8.43 -46.96 -33.24
CA ILE C 338 -7.04 -46.58 -33.04
C ILE C 338 -6.21 -46.92 -34.27
N VAL C 339 -6.39 -48.14 -34.79
CA VAL C 339 -5.69 -48.53 -36.01
C VAL C 339 -6.15 -47.69 -37.19
N ALA C 340 -7.42 -47.31 -37.21
CA ALA C 340 -7.92 -46.42 -38.27
C ALA C 340 -7.23 -45.06 -38.21
N LEU C 341 -7.01 -44.55 -37.00
CA LEU C 341 -6.26 -43.29 -36.86
C LEU C 341 -4.81 -43.47 -37.29
N LYS C 342 -4.23 -44.65 -37.02
CA LYS C 342 -2.87 -44.93 -37.46
C LYS C 342 -2.74 -44.85 -38.98
N ALA C 343 -3.81 -45.20 -39.70
CA ALA C 343 -3.77 -45.18 -41.16
C ALA C 343 -3.68 -43.77 -41.73
N VAL C 344 -4.14 -42.76 -41.00
CA VAL C 344 -4.12 -41.38 -41.48
C VAL C 344 -2.91 -40.61 -40.95
N GLY C 345 -1.98 -41.28 -40.28
CA GLY C 345 -0.74 -40.67 -39.86
C GLY C 345 -0.57 -40.49 -38.36
N VAL C 346 -1.50 -40.95 -37.55
CA VAL C 346 -1.39 -40.82 -36.10
C VAL C 346 -0.40 -41.86 -35.58
N ASP C 347 0.57 -41.40 -34.79
CA ASP C 347 1.60 -42.26 -34.22
C ASP C 347 1.48 -42.46 -32.72
N LEU C 348 0.63 -41.67 -32.05
CA LEU C 348 0.50 -41.75 -30.60
C LEU C 348 -0.91 -41.32 -30.23
N VAL C 349 -1.42 -41.91 -29.14
CA VAL C 349 -2.73 -41.56 -28.61
C VAL C 349 -2.55 -41.04 -27.19
N LEU C 350 -2.96 -39.81 -26.95
CA LEU C 350 -2.93 -39.20 -25.63
C LEU C 350 -4.29 -39.41 -24.98
N ALA C 351 -4.34 -40.26 -23.95
CA ALA C 351 -5.58 -40.73 -23.38
C ALA C 351 -5.91 -39.98 -22.09
N GLY C 352 -7.16 -39.56 -21.95
CA GLY C 352 -7.67 -39.05 -20.70
C GLY C 352 -8.76 -39.96 -20.19
N PHE C 353 -8.85 -40.08 -18.86
CA PHE C 353 -9.78 -41.00 -18.22
C PHE C 353 -10.51 -40.29 -17.10
N LEU C 354 -11.66 -40.87 -16.72
CA LEU C 354 -12.41 -40.35 -15.58
C LEU C 354 -11.89 -40.93 -14.28
N HIS C 355 -11.69 -42.24 -14.22
CA HIS C 355 -11.08 -42.92 -13.08
C HIS C 355 -9.78 -43.53 -13.60
N PHE C 356 -8.67 -42.85 -13.33
CA PHE C 356 -7.41 -43.19 -13.99
C PHE C 356 -6.90 -44.56 -13.61
N GLN C 357 -6.82 -44.85 -12.30
CA GLN C 357 -6.22 -46.11 -11.87
C GLN C 357 -6.99 -47.31 -12.42
N GLU C 358 -8.33 -47.22 -12.46
CA GLU C 358 -9.12 -48.36 -12.91
C GLU C 358 -9.10 -48.48 -14.43
N GLU C 359 -9.28 -47.37 -15.14
CA GLU C 359 -9.38 -47.44 -16.59
C GLU C 359 -8.04 -47.67 -17.28
N VAL C 360 -6.94 -47.19 -16.68
CA VAL C 360 -5.63 -47.42 -17.28
C VAL C 360 -5.26 -48.91 -17.24
N GLU C 361 -5.45 -49.54 -16.08
CA GLU C 361 -5.22 -50.98 -15.99
C GLU C 361 -6.17 -51.74 -16.90
N TYR C 362 -7.43 -51.31 -16.97
CA TYR C 362 -8.38 -51.89 -17.90
C TYR C 362 -7.91 -51.72 -19.34
N PHE C 363 -7.34 -50.56 -19.66
CA PHE C 363 -6.86 -50.31 -21.02
C PHE C 363 -5.75 -51.29 -21.40
N GLY C 364 -4.80 -51.52 -20.48
CA GLY C 364 -3.67 -52.39 -20.78
C GLY C 364 -4.02 -53.86 -20.85
N GLN C 365 -5.13 -54.27 -20.24
CA GLN C 365 -5.55 -55.65 -20.25
C GLN C 365 -6.61 -55.96 -21.30
N ARG C 366 -7.36 -54.96 -21.75
CA ARG C 366 -8.48 -55.17 -22.66
C ARG C 366 -8.31 -54.50 -24.00
N VAL C 367 -7.91 -53.23 -24.03
CA VAL C 367 -7.86 -52.47 -25.28
C VAL C 367 -6.51 -52.56 -25.96
N LEU C 368 -5.43 -52.36 -25.20
CA LEU C 368 -4.10 -52.38 -25.80
C LEU C 368 -3.72 -53.73 -26.42
N PRO C 369 -3.97 -54.88 -25.79
CA PRO C 369 -3.67 -56.15 -26.47
C PRO C 369 -4.40 -56.32 -27.79
N LEU C 370 -5.63 -55.81 -27.89
CA LEU C 370 -6.33 -55.88 -29.17
C LEU C 370 -5.66 -55.02 -30.23
N VAL C 371 -5.10 -53.88 -29.82
CA VAL C 371 -4.37 -53.02 -30.76
C VAL C 371 -3.15 -53.74 -31.29
N ARG C 372 -2.40 -54.43 -30.41
CA ARG C 372 -1.24 -55.19 -30.86
C ARG C 372 -1.67 -56.36 -31.74
N GLU C 373 -2.77 -57.02 -31.40
CA GLU C 373 -3.27 -58.11 -32.23
C GLU C 373 -3.74 -57.61 -33.59
N LEU C 374 -4.43 -56.46 -33.62
CA LEU C 374 -4.88 -55.91 -34.89
C LEU C 374 -3.71 -55.45 -35.74
N GLU C 375 -2.64 -54.94 -35.12
CA GLU C 375 -1.46 -54.56 -35.90
C GLU C 375 -0.74 -55.77 -36.47
N ALA C 376 -0.74 -56.90 -35.75
CA ALA C 376 -0.11 -58.11 -36.25
C ALA C 376 -0.82 -58.62 -37.51
N LYS C 377 -2.15 -58.55 -37.51
CA LYS C 377 -2.91 -59.01 -38.68
C LYS C 377 -2.58 -58.19 -39.92
N ALA C 378 -2.47 -56.87 -39.77
CA ALA C 378 -2.16 -56.00 -40.90
C ALA C 378 -0.66 -55.80 -41.06
N GLN D 27 20.16 -25.18 22.84
CA GLN D 27 19.84 -26.55 22.43
C GLN D 27 21.08 -27.27 21.92
N ALA D 28 20.87 -28.45 21.32
CA ALA D 28 21.97 -29.24 20.81
C ALA D 28 22.54 -28.62 19.55
N VAL D 29 23.86 -28.70 19.40
CA VAL D 29 24.51 -28.19 18.21
C VAL D 29 24.16 -29.06 17.01
N LYS D 30 23.71 -28.44 15.94
CA LYS D 30 23.39 -29.14 14.71
C LYS D 30 24.61 -29.19 13.79
N PHE D 31 24.64 -30.19 12.92
CA PHE D 31 25.77 -30.42 12.04
C PHE D 31 25.31 -30.56 10.60
N ALA D 32 26.06 -29.96 9.68
CA ALA D 32 25.80 -30.06 8.26
C ALA D 32 27.11 -30.28 7.54
N TYR D 33 27.03 -30.86 6.34
CA TYR D 33 28.21 -31.14 5.54
C TYR D 33 28.01 -30.61 4.13
N TRP D 34 29.11 -30.17 3.52
CA TRP D 34 29.09 -29.73 2.13
C TRP D 34 28.85 -30.92 1.21
N VAL D 35 27.78 -30.86 0.43
CA VAL D 35 27.49 -31.89 -0.57
C VAL D 35 28.40 -31.67 -1.77
N PRO D 36 29.26 -32.62 -2.11
CA PRO D 36 30.11 -32.47 -3.30
C PRO D 36 29.36 -32.78 -4.60
N ASN D 37 28.33 -31.99 -4.89
CA ASN D 37 27.57 -32.13 -6.12
C ASN D 37 28.21 -31.39 -7.29
N VAL D 38 29.35 -30.75 -7.06
CA VAL D 38 30.17 -30.16 -8.13
C VAL D 38 31.53 -30.83 -8.09
N SER D 39 32.16 -30.93 -9.25
CA SER D 39 33.43 -31.63 -9.34
C SER D 39 34.56 -30.75 -8.81
N GLY D 40 35.73 -31.36 -8.62
CA GLY D 40 36.91 -30.68 -8.17
C GLY D 40 37.17 -30.80 -6.68
N GLY D 41 36.12 -30.89 -5.88
CA GLY D 41 36.27 -30.99 -4.44
C GLY D 41 36.89 -29.74 -3.85
N LEU D 42 38.14 -29.84 -3.42
CA LEU D 42 38.92 -28.71 -2.92
C LEU D 42 40.01 -28.46 -3.94
N VAL D 43 39.70 -27.66 -4.96
CA VAL D 43 40.66 -27.36 -6.02
C VAL D 43 41.71 -26.36 -5.54
N ASP D 52 33.89 -37.72 -4.95
CA ASP D 52 33.33 -37.75 -6.29
C ASP D 52 32.03 -36.96 -6.35
N TRP D 53 31.68 -36.48 -7.54
CA TRP D 53 30.48 -35.67 -7.75
C TRP D 53 29.27 -36.48 -8.22
N GLY D 54 29.45 -37.77 -8.49
CA GLY D 54 28.37 -38.57 -9.05
C GLY D 54 27.24 -38.81 -8.06
N ILE D 55 26.12 -39.26 -8.61
CA ILE D 55 24.92 -39.46 -7.79
C ILE D 55 25.08 -40.64 -6.84
N ASP D 56 25.66 -41.74 -7.32
CA ASP D 56 25.79 -42.94 -6.49
C ASP D 56 26.68 -42.67 -5.28
N TYR D 57 27.76 -41.91 -5.48
CA TYR D 57 28.62 -41.53 -4.36
C TYR D 57 27.86 -40.69 -3.33
N ASN D 58 27.07 -39.72 -3.81
CA ASN D 58 26.39 -38.81 -2.90
C ASN D 58 25.18 -39.46 -2.21
N ARG D 59 24.54 -40.43 -2.86
CA ARG D 59 23.43 -41.12 -2.23
C ARG D 59 23.89 -41.87 -0.99
N LYS D 60 24.99 -42.62 -1.10
CA LYS D 60 25.53 -43.33 0.06
C LYS D 60 26.06 -42.36 1.11
N LEU D 61 26.69 -41.27 0.66
CA LEU D 61 27.21 -40.27 1.59
C LEU D 61 26.08 -39.62 2.39
N ALA D 62 24.95 -39.33 1.73
CA ALA D 62 23.82 -38.77 2.44
C ALA D 62 23.29 -39.76 3.48
N GLN D 63 23.23 -41.04 3.13
CA GLN D 63 22.77 -42.06 4.07
C GLN D 63 23.75 -42.22 5.23
N LEU D 64 25.06 -42.18 4.94
CA LEU D 64 26.05 -42.24 6.01
C LEU D 64 25.96 -41.02 6.92
N ALA D 65 25.75 -39.84 6.34
CA ALA D 65 25.65 -38.62 7.13
C ALA D 65 24.40 -38.62 8.01
N GLU D 66 23.29 -39.15 7.49
CA GLU D 66 22.07 -39.21 8.29
C GLU D 66 22.26 -40.12 9.50
N ALA D 67 22.90 -41.28 9.30
CA ALA D 67 23.14 -42.19 10.41
C ALA D 67 24.18 -41.63 11.38
N ALA D 68 25.13 -40.84 10.89
CA ALA D 68 26.17 -40.27 11.73
C ALA D 68 25.65 -39.17 12.64
N GLY D 69 24.43 -38.69 12.43
CA GLY D 69 23.86 -37.64 13.24
C GLY D 69 23.82 -36.27 12.59
N PHE D 70 24.25 -36.14 11.34
CA PHE D 70 24.13 -34.87 10.65
C PHE D 70 22.68 -34.58 10.33
N GLU D 71 22.27 -33.32 10.50
CA GLU D 71 20.90 -32.92 10.25
C GLU D 71 20.68 -32.31 8.87
N TYR D 72 21.65 -31.58 8.35
CA TYR D 72 21.49 -30.87 7.10
C TYR D 72 22.56 -31.29 6.09
N ALA D 73 22.20 -31.21 4.82
CA ALA D 73 23.13 -31.37 3.70
C ALA D 73 23.02 -30.12 2.84
N LEU D 74 24.14 -29.46 2.61
CA LEU D 74 24.17 -28.19 1.88
C LEU D 74 24.68 -28.41 0.47
N THR D 75 23.83 -28.19 -0.53
CA THR D 75 24.20 -28.30 -1.92
C THR D 75 24.80 -26.99 -2.42
N GLN D 76 25.49 -27.07 -3.56
CA GLN D 76 26.08 -25.92 -4.22
C GLN D 76 25.39 -25.71 -5.57
N ILE D 77 25.33 -24.46 -6.01
CA ILE D 77 24.67 -24.11 -7.26
C ILE D 77 25.70 -23.53 -8.22
N ARG D 78 25.74 -24.06 -9.43
CA ARG D 78 26.61 -23.57 -10.49
C ARG D 78 25.92 -23.80 -11.83
N PHE D 79 26.24 -22.96 -12.80
CA PHE D 79 25.70 -23.06 -14.15
C PHE D 79 26.75 -23.31 -15.20
N THR D 80 27.89 -22.64 -15.11
CA THR D 80 28.98 -22.78 -16.06
C THR D 80 30.16 -23.50 -15.39
N ALA D 81 30.95 -24.20 -16.20
CA ALA D 81 32.11 -24.91 -15.69
C ALA D 81 33.18 -23.91 -15.24
N GLY D 82 33.80 -24.22 -14.10
CA GLY D 82 34.83 -23.34 -13.55
C GLY D 82 36.16 -24.03 -13.32
N GLU D 86 33.98 -28.38 -13.31
CA GLU D 86 33.82 -28.88 -14.67
C GLU D 86 32.41 -29.43 -14.89
N PHE D 87 31.94 -30.26 -13.96
CA PHE D 87 30.60 -30.83 -14.02
C PHE D 87 29.89 -30.52 -12.71
N GLN D 88 28.68 -29.97 -12.81
CA GLN D 88 27.89 -29.58 -11.65
C GLN D 88 26.46 -30.04 -11.83
N HIS D 89 25.92 -30.74 -10.84
CA HIS D 89 24.53 -31.15 -10.87
C HIS D 89 23.61 -30.01 -10.43
N GLU D 90 22.44 -29.93 -11.06
CA GLU D 90 21.47 -28.89 -10.70
C GLU D 90 21.03 -29.10 -9.26
N SER D 91 21.14 -28.04 -8.45
CA SER D 91 21.05 -28.19 -7.00
C SER D 91 19.67 -28.68 -6.55
N VAL D 92 18.61 -28.15 -7.12
CA VAL D 92 17.27 -28.49 -6.65
C VAL D 92 16.91 -29.93 -7.01
N ALA D 93 17.18 -30.32 -8.25
CA ALA D 93 16.92 -31.70 -8.65
C ALA D 93 17.79 -32.66 -7.86
N PHE D 94 19.04 -32.29 -7.61
CA PHE D 94 19.92 -33.12 -6.79
C PHE D 94 19.42 -33.19 -5.35
N SER D 95 18.90 -32.08 -4.82
CA SER D 95 18.35 -32.08 -3.47
C SER D 95 17.16 -33.03 -3.38
N HIS D 96 16.30 -33.04 -4.40
CA HIS D 96 15.17 -33.96 -4.41
C HIS D 96 15.66 -35.41 -4.42
N ALA D 97 16.75 -35.68 -5.14
CA ALA D 97 17.28 -37.04 -5.19
C ALA D 97 17.88 -37.46 -3.85
N LEU D 98 18.60 -36.56 -3.19
CA LEU D 98 19.18 -36.90 -1.89
C LEU D 98 18.10 -37.13 -0.84
N LEU D 99 17.02 -36.35 -0.89
CA LEU D 99 15.93 -36.54 0.06
C LEU D 99 15.23 -37.88 -0.16
N ALA D 100 15.07 -38.29 -1.41
CA ALA D 100 14.42 -39.56 -1.71
C ALA D 100 15.26 -40.75 -1.27
N ALA D 101 16.55 -40.56 -1.05
CA ALA D 101 17.44 -41.62 -0.59
C ALA D 101 17.62 -41.63 0.92
N THR D 102 16.93 -40.76 1.65
CA THR D 102 17.03 -40.67 3.10
C THR D 102 15.63 -40.69 3.70
N SER D 103 15.58 -40.63 5.03
CA SER D 103 14.31 -40.64 5.74
C SER D 103 14.08 -39.40 6.57
N GLN D 104 15.06 -38.98 7.37
CA GLN D 104 14.95 -37.79 8.20
C GLN D 104 15.97 -36.71 7.89
N LEU D 105 16.95 -36.98 7.03
CA LEU D 105 17.94 -35.98 6.69
C LEU D 105 17.30 -34.84 5.90
N LYS D 106 17.70 -33.61 6.23
CA LYS D 106 17.25 -32.42 5.53
C LYS D 106 18.31 -31.96 4.54
N VAL D 107 17.87 -31.53 3.37
CA VAL D 107 18.78 -31.10 2.31
C VAL D 107 18.48 -29.63 2.00
N ILE D 108 19.52 -28.81 1.98
CA ILE D 108 19.42 -27.39 1.70
C ILE D 108 19.70 -27.19 0.21
N ALA D 109 18.68 -26.79 -0.54
CA ALA D 109 18.81 -26.56 -1.98
C ALA D 109 19.32 -25.14 -2.21
N ALA D 110 20.37 -25.02 -3.02
CA ALA D 110 20.95 -23.72 -3.33
C ALA D 110 20.18 -23.06 -4.46
N ILE D 111 19.85 -21.78 -4.28
CA ILE D 111 19.06 -21.00 -5.25
C ILE D 111 19.82 -19.72 -5.56
N LEU D 112 19.91 -19.39 -6.85
CA LEU D 112 20.61 -18.19 -7.31
C LEU D 112 19.62 -17.27 -8.01
N PRO D 113 19.17 -16.20 -7.37
CA PRO D 113 18.30 -15.23 -8.05
C PRO D 113 18.97 -14.67 -9.30
N GLY D 114 18.15 -14.37 -10.29
CA GLY D 114 18.66 -14.17 -11.64
C GLY D 114 18.18 -15.30 -12.52
N PRO D 115 19.02 -16.31 -12.74
CA PRO D 115 18.54 -17.51 -13.46
C PRO D 115 17.35 -18.17 -12.78
N TRP D 116 17.19 -18.00 -11.47
CA TRP D 116 16.01 -18.47 -10.75
C TRP D 116 15.06 -17.31 -10.51
N GLN D 117 13.76 -17.61 -10.56
CA GLN D 117 12.74 -16.64 -10.24
C GLN D 117 11.90 -17.14 -9.07
N PRO D 118 11.46 -16.23 -8.18
CA PRO D 118 10.80 -16.69 -6.95
C PRO D 118 9.52 -17.49 -7.17
N ALA D 119 8.75 -17.18 -8.22
CA ALA D 119 7.49 -17.91 -8.44
C ALA D 119 7.76 -19.39 -8.69
N LEU D 120 8.72 -19.70 -9.55
CA LEU D 120 9.05 -21.10 -9.80
C LEU D 120 9.74 -21.72 -8.60
N ALA D 121 10.65 -20.97 -7.96
CA ALA D 121 11.37 -21.51 -6.81
C ALA D 121 10.42 -21.81 -5.66
N ALA D 122 9.46 -20.93 -5.39
CA ALA D 122 8.52 -21.17 -4.30
C ALA D 122 7.67 -22.40 -4.58
N LYS D 123 7.19 -22.55 -5.81
CA LYS D 123 6.30 -23.67 -6.12
C LYS D 123 7.06 -24.99 -6.19
N GLN D 124 8.27 -24.97 -6.76
CA GLN D 124 9.04 -26.21 -6.88
C GLN D 124 9.49 -26.71 -5.51
N LEU D 125 9.96 -25.81 -4.65
CA LEU D 125 10.36 -26.23 -3.31
C LEU D 125 9.17 -26.69 -2.49
N ALA D 126 7.98 -26.11 -2.73
CA ALA D 126 6.79 -26.54 -2.01
C ALA D 126 6.37 -27.95 -2.42
N THR D 127 6.44 -28.26 -3.72
CA THR D 127 6.10 -29.60 -4.18
C THR D 127 7.09 -30.63 -3.63
N ILE D 128 8.39 -30.32 -3.69
CA ILE D 128 9.39 -31.22 -3.13
C ILE D 128 9.20 -31.37 -1.63
N ASP D 129 8.79 -30.30 -0.95
CA ASP D 129 8.50 -30.38 0.47
C ASP D 129 7.37 -31.36 0.74
N GLN D 130 6.34 -31.36 -0.11
CA GLN D 130 5.24 -32.30 0.06
C GLN D 130 5.70 -33.74 -0.18
N LEU D 131 6.60 -33.93 -1.14
CA LEU D 131 7.04 -35.29 -1.50
C LEU D 131 8.10 -35.85 -0.55
N THR D 132 8.69 -35.03 0.31
CA THR D 132 9.79 -35.46 1.15
C THR D 132 9.54 -35.23 2.65
N ASN D 133 8.28 -35.13 3.05
CA ASN D 133 7.91 -34.97 4.46
C ASN D 133 8.52 -33.72 5.08
N GLY D 134 8.52 -32.62 4.32
CA GLY D 134 8.97 -31.33 4.82
C GLY D 134 10.44 -31.27 5.20
N ARG D 135 11.31 -31.80 4.34
CA ARG D 135 12.74 -31.89 4.64
C ARG D 135 13.59 -31.06 3.69
N ILE D 136 13.01 -30.05 3.04
CA ILE D 136 13.73 -29.24 2.06
C ILE D 136 13.96 -27.85 2.65
N ALA D 137 15.16 -27.33 2.44
CA ALA D 137 15.55 -25.99 2.83
C ALA D 137 16.14 -25.27 1.62
N VAL D 138 16.44 -23.99 1.79
CA VAL D 138 16.90 -23.15 0.68
C VAL D 138 18.09 -22.32 1.14
N ASN D 139 19.10 -22.20 0.28
CA ASN D 139 20.25 -21.34 0.49
C ASN D 139 20.27 -20.32 -0.64
N ILE D 140 20.06 -19.05 -0.29
CA ILE D 140 19.99 -17.97 -1.28
C ILE D 140 21.39 -17.43 -1.51
N VAL D 141 21.90 -17.61 -2.73
CA VAL D 141 23.23 -17.16 -3.11
C VAL D 141 23.06 -15.93 -4.00
N SER D 142 23.83 -14.89 -3.72
CA SER D 142 23.75 -13.65 -4.49
C SER D 142 24.70 -13.61 -5.66
N GLY D 143 25.50 -14.65 -5.87
CA GLY D 143 26.38 -14.72 -7.02
C GLY D 143 27.70 -14.00 -6.82
N TRP D 144 28.79 -14.62 -7.28
CA TRP D 144 30.13 -14.06 -7.17
C TRP D 144 30.85 -13.90 -8.50
N PHE D 145 30.53 -14.71 -9.50
CA PHE D 145 31.22 -14.69 -10.79
C PHE D 145 30.30 -14.12 -11.86
N ARG D 146 30.75 -13.05 -12.52
CA ARG D 146 29.95 -12.44 -13.57
C ARG D 146 29.86 -13.34 -14.80
N GLY D 147 30.89 -14.14 -15.07
CA GLY D 147 30.88 -15.00 -16.25
C GLY D 147 29.74 -15.99 -16.25
N GLU D 148 29.32 -16.44 -15.07
CA GLU D 148 28.19 -17.35 -14.98
C GLU D 148 26.91 -16.67 -15.45
N PHE D 149 26.71 -15.41 -15.07
CA PHE D 149 25.53 -14.67 -15.53
C PHE D 149 25.63 -14.31 -17.00
N GLN D 150 26.82 -13.91 -17.45
CA GLN D 150 26.99 -13.49 -18.84
C GLN D 150 26.68 -14.62 -19.82
N ALA D 151 27.07 -15.84 -19.47
CA ALA D 151 26.84 -16.98 -20.36
C ALA D 151 25.37 -17.26 -20.57
N ILE D 152 24.54 -17.03 -19.54
CA ILE D 152 23.11 -17.35 -19.62
C ILE D 152 22.26 -16.12 -19.90
N GLY D 153 22.88 -15.02 -20.36
CA GLY D 153 22.13 -13.85 -20.78
C GLY D 153 21.67 -12.93 -19.68
N GLU D 154 22.15 -13.12 -18.45
CA GLU D 154 21.74 -12.31 -17.32
C GLU D 154 22.69 -11.13 -17.15
N HIS D 155 22.13 -9.97 -16.81
CA HIS D 155 22.93 -8.78 -16.54
C HIS D 155 23.60 -8.87 -15.17
N TRP D 156 24.72 -8.19 -15.03
CA TRP D 156 25.53 -8.22 -13.81
C TRP D 156 25.23 -6.96 -13.01
N LEU D 157 24.42 -7.10 -11.97
CA LEU D 157 24.07 -5.99 -11.10
C LEU D 157 25.21 -5.70 -10.12
N GLU D 158 25.19 -4.48 -9.57
CA GLU D 158 26.16 -4.07 -8.58
C GLU D 158 26.04 -4.94 -7.32
N HIS D 159 27.14 -5.04 -6.58
CA HIS D 159 27.23 -5.96 -5.44
C HIS D 159 26.07 -5.78 -4.47
N ASP D 160 25.88 -4.57 -3.95
CA ASP D 160 24.77 -4.34 -3.03
C ASP D 160 23.42 -4.50 -3.72
N GLU D 161 23.34 -4.20 -5.01
CA GLU D 161 22.08 -4.38 -5.73
C GLU D 161 21.70 -5.84 -5.86
N ARG D 162 22.67 -6.74 -5.96
CA ARG D 162 22.36 -8.16 -6.00
C ARG D 162 21.75 -8.63 -4.67
N TYR D 163 22.16 -8.03 -3.56
CA TYR D 163 21.57 -8.38 -2.28
C TYR D 163 20.19 -7.78 -2.09
N ARG D 164 19.91 -6.62 -2.68
CA ARG D 164 18.56 -6.08 -2.64
CA ARG D 164 18.56 -6.09 -2.64
C ARG D 164 17.60 -6.99 -3.38
N ARG D 165 18.00 -7.49 -4.55
CA ARG D 165 17.17 -8.44 -5.29
C ARG D 165 16.99 -9.74 -4.52
N SER D 166 18.05 -10.21 -3.86
CA SER D 166 17.93 -11.43 -3.06
C SER D 166 16.96 -11.25 -1.90
N GLU D 167 16.95 -10.07 -1.29
CA GLU D 167 16.03 -9.84 -0.18
C GLU D 167 14.59 -9.82 -0.66
N GLU D 168 14.33 -9.25 -1.84
CA GLU D 168 13.00 -9.36 -2.42
C GLU D 168 12.68 -10.80 -2.80
N PHE D 169 13.69 -11.56 -3.24
CA PHE D 169 13.49 -12.98 -3.54
C PHE D 169 13.06 -13.73 -2.29
N ILE D 170 13.71 -13.45 -1.16
CA ILE D 170 13.37 -14.14 0.08
C ILE D 170 12.00 -13.74 0.58
N ARG D 171 11.69 -12.43 0.55
CA ARG D 171 10.37 -11.99 1.00
C ARG D 171 9.26 -12.58 0.16
N SER D 172 9.51 -12.76 -1.14
CA SER D 172 8.52 -13.42 -2.00
C SER D 172 8.31 -14.87 -1.59
N LEU D 173 9.39 -15.58 -1.24
CA LEU D 173 9.26 -16.96 -0.81
C LEU D 173 8.43 -17.08 0.46
N ARG D 174 8.71 -16.23 1.44
CA ARG D 174 7.96 -16.27 2.69
C ARG D 174 6.50 -15.94 2.47
N GLY D 175 6.22 -14.92 1.66
CA GLY D 175 4.84 -14.51 1.44
C GLY D 175 4.04 -15.54 0.65
N ILE D 176 4.64 -16.12 -0.39
CA ILE D 176 3.93 -17.12 -1.19
C ILE D 176 3.60 -18.33 -0.33
N TRP D 177 4.55 -18.75 0.52
CA TRP D 177 4.38 -19.94 1.33
C TRP D 177 3.41 -19.75 2.49
N SER D 178 3.10 -18.50 2.86
CA SER D 178 2.35 -18.24 4.08
C SER D 178 1.00 -17.58 3.88
N GLN D 179 0.68 -17.09 2.68
CA GLN D 179 -0.55 -16.33 2.45
C GLN D 179 -1.38 -16.98 1.35
N ASP D 180 -2.70 -16.81 1.48
CA ASP D 180 -3.62 -17.32 0.46
C ASP D 180 -3.59 -16.47 -0.81
N ASN D 181 -3.38 -15.16 -0.68
CA ASN D 181 -3.37 -14.23 -1.82
C ASN D 181 -2.21 -13.26 -1.62
N PHE D 182 -1.02 -13.68 -2.04
CA PHE D 182 0.18 -12.88 -1.81
C PHE D 182 0.31 -11.80 -2.87
N THR D 183 0.58 -10.57 -2.41
CA THR D 183 0.80 -9.42 -3.27
C THR D 183 2.10 -8.74 -2.86
N PHE D 184 2.95 -8.44 -3.83
CA PHE D 184 4.26 -7.85 -3.56
C PHE D 184 4.60 -6.93 -4.72
N ARG D 185 4.94 -5.68 -4.42
CA ARG D 185 5.25 -4.69 -5.44
C ARG D 185 6.70 -4.27 -5.24
N GLY D 186 7.63 -5.10 -5.75
CA GLY D 186 9.04 -4.85 -5.60
C GLY D 186 9.67 -4.22 -6.83
N ASP D 187 10.94 -3.82 -6.68
CA ASP D 187 11.69 -3.31 -7.82
C ASP D 187 12.17 -4.42 -8.74
N PHE D 188 12.25 -5.66 -8.27
CA PHE D 188 12.70 -6.78 -9.08
C PHE D 188 11.61 -7.81 -9.34
N TYR D 189 10.68 -8.01 -8.41
CA TYR D 189 9.65 -9.03 -8.54
C TYR D 189 8.30 -8.45 -8.14
N ARG D 190 7.27 -8.83 -8.90
CA ARG D 190 5.90 -8.40 -8.64
C ARG D 190 5.01 -9.62 -8.47
N PHE D 191 4.05 -9.52 -7.55
CA PHE D 191 3.02 -10.53 -7.37
C PHE D 191 1.69 -9.84 -7.11
N ASP D 192 0.63 -10.36 -7.71
CA ASP D 192 -0.72 -9.78 -7.60
C ASP D 192 -1.70 -10.90 -7.32
N ASN D 193 -2.07 -11.06 -6.05
CA ASN D 193 -3.06 -12.06 -5.63
C ASN D 193 -2.66 -13.47 -6.07
N TYR D 194 -1.41 -13.82 -5.84
CA TYR D 194 -0.90 -15.14 -6.21
C TYR D 194 -1.25 -16.14 -5.12
N SER D 195 -1.83 -17.27 -5.52
CA SER D 195 -2.28 -18.29 -4.58
C SER D 195 -1.56 -19.60 -4.91
N LEU D 196 -0.62 -19.99 -4.06
CA LEU D 196 0.10 -21.25 -4.20
C LEU D 196 -0.65 -22.33 -3.44
N LYS D 197 -1.05 -23.39 -4.14
CA LYS D 197 -1.72 -24.53 -3.52
C LYS D 197 -1.19 -25.76 -4.25
N PRO D 198 -0.69 -26.77 -3.53
CA PRO D 198 -0.59 -26.80 -2.07
C PRO D 198 0.66 -26.07 -1.56
N LYS D 199 0.62 -25.65 -0.31
CA LYS D 199 1.77 -25.00 0.31
C LYS D 199 2.71 -26.05 0.87
N PRO D 200 3.92 -25.66 1.30
CA PRO D 200 4.84 -26.64 1.87
C PRO D 200 4.24 -27.33 3.09
N LEU D 201 4.62 -28.60 3.27
CA LEU D 201 4.20 -29.35 4.45
C LEU D 201 4.74 -28.70 5.72
N GLY D 202 6.02 -28.31 5.71
CA GLY D 202 6.62 -27.59 6.79
C GLY D 202 6.92 -26.15 6.42
N ARG D 203 7.82 -25.54 7.18
CA ARG D 203 8.27 -24.18 6.90
C ARG D 203 9.71 -24.25 6.44
N PRO D 204 9.98 -24.15 5.13
CA PRO D 204 11.35 -24.31 4.64
C PRO D 204 12.26 -23.24 5.20
N GLU D 205 13.32 -23.68 5.88
CA GLU D 205 14.29 -22.76 6.45
C GLU D 205 15.11 -22.09 5.35
N ILE D 206 15.53 -20.86 5.62
CA ILE D 206 16.25 -20.04 4.66
C ILE D 206 17.66 -19.83 5.19
N PHE D 207 18.64 -20.47 4.55
CA PHE D 207 20.05 -20.32 4.89
C PHE D 207 20.69 -19.27 3.98
N GLN D 208 21.71 -18.60 4.50
CA GLN D 208 22.38 -17.56 3.74
C GLN D 208 23.77 -17.31 4.30
N GLY D 209 24.74 -17.18 3.41
CA GLY D 209 26.09 -16.84 3.81
C GLY D 209 26.47 -15.42 3.42
N GLY D 210 27.76 -15.20 3.16
CA GLY D 210 28.25 -13.88 2.80
C GLY D 210 28.78 -13.11 3.99
N SER D 211 29.86 -12.35 3.79
CA SER D 211 30.48 -11.61 4.87
C SER D 211 30.43 -10.09 4.71
N SER D 212 29.96 -9.60 3.57
CA SER D 212 29.90 -8.16 3.36
C SER D 212 28.79 -7.55 4.22
N ARG D 213 28.80 -6.21 4.29
CA ARG D 213 27.78 -5.50 5.06
C ARG D 213 26.39 -5.78 4.51
N ALA D 214 26.24 -5.82 3.18
CA ALA D 214 24.94 -6.10 2.59
C ALA D 214 24.49 -7.52 2.91
N ALA D 215 25.43 -8.47 2.97
CA ALA D 215 25.06 -9.85 3.24
C ALA D 215 24.50 -10.04 4.64
N ARG D 216 25.12 -9.43 5.64
CA ARG D 216 24.66 -9.62 7.01
C ARG D 216 23.56 -8.63 7.41
N ASP D 217 23.37 -7.55 6.66
CA ASP D 217 22.18 -6.74 6.88
C ASP D 217 20.94 -7.44 6.35
N MET D 218 21.08 -8.17 5.24
CA MET D 218 19.96 -8.95 4.73
C MET D 218 19.66 -10.14 5.65
N ALA D 219 20.70 -10.82 6.13
CA ALA D 219 20.50 -11.96 7.00
C ALA D 219 19.83 -11.54 8.30
N ALA D 220 20.19 -10.36 8.82
CA ALA D 220 19.61 -9.86 10.06
C ALA D 220 18.15 -9.45 9.92
N ARG D 221 17.57 -9.54 8.74
CA ARG D 221 16.18 -9.17 8.50
C ARG D 221 15.30 -10.33 8.06
N VAL D 222 15.76 -11.19 7.15
CA VAL D 222 14.86 -12.12 6.49
C VAL D 222 15.34 -13.57 6.54
N SER D 223 16.58 -13.78 6.99
CA SER D 223 17.18 -15.11 6.95
C SER D 223 16.99 -15.85 8.27
N ASP D 224 16.77 -17.17 8.19
CA ASP D 224 16.68 -18.00 9.37
C ASP D 224 18.06 -18.41 9.89
N TRP D 225 18.96 -18.79 8.98
CA TRP D 225 20.32 -19.18 9.34
C TRP D 225 21.31 -18.29 8.61
N TYR D 226 22.41 -17.98 9.27
CA TYR D 226 23.49 -17.19 8.69
C TYR D 226 24.79 -17.95 8.86
N PHE D 227 25.49 -18.18 7.76
CA PHE D 227 26.81 -18.82 7.78
C PHE D 227 27.88 -17.74 7.94
N THR D 228 28.58 -17.76 9.06
CA THR D 228 29.69 -16.85 9.28
C THR D 228 30.99 -17.50 8.84
N ASN D 229 31.96 -16.66 8.44
CA ASN D 229 33.23 -17.17 7.95
C ASN D 229 34.01 -17.87 9.05
N GLY D 230 34.74 -18.90 8.67
CA GLY D 230 35.60 -19.61 9.60
C GLY D 230 36.67 -18.70 10.18
N ASN D 231 36.84 -18.75 11.50
CA ASN D 231 37.79 -17.88 12.18
C ASN D 231 38.10 -18.51 13.53
N SER D 232 38.91 -17.81 14.32
CA SER D 232 39.21 -18.27 15.67
C SER D 232 37.99 -18.09 16.57
N VAL D 233 38.08 -18.64 17.78
CA VAL D 233 36.97 -18.54 18.72
C VAL D 233 36.69 -17.08 19.07
N GLU D 234 37.75 -16.28 19.20
CA GLU D 234 37.57 -14.86 19.52
C GLU D 234 36.98 -14.10 18.34
N GLY D 235 37.44 -14.41 17.12
CA GLY D 235 36.93 -13.72 15.95
C GLY D 235 35.48 -14.08 15.66
N ILE D 236 35.11 -15.35 15.84
CA ILE D 236 33.74 -15.78 15.60
C ILE D 236 32.79 -15.11 16.58
N LYS D 237 33.22 -14.95 17.84
CA LYS D 237 32.38 -14.27 18.82
C LYS D 237 32.08 -12.84 18.40
N ALA D 238 33.07 -12.15 17.84
CA ALA D 238 32.85 -10.78 17.37
C ALA D 238 31.86 -10.76 16.22
N GLN D 239 31.98 -11.71 15.28
CA GLN D 239 31.04 -11.78 14.17
C GLN D 239 29.64 -12.14 14.66
N VAL D 240 29.54 -13.05 15.63
CA VAL D 240 28.24 -13.43 16.17
C VAL D 240 27.58 -12.24 16.88
N ASP D 241 28.36 -11.49 17.65
CA ASP D 241 27.81 -10.35 18.37
C ASP D 241 27.32 -9.27 17.41
N ASP D 242 28.02 -9.06 16.30
CA ASP D 242 27.62 -8.05 15.34
C ASP D 242 26.32 -8.42 14.65
N ILE D 243 26.19 -9.67 14.21
CA ILE D 243 24.99 -10.08 13.48
C ILE D 243 23.78 -10.12 14.41
N ARG D 244 23.97 -10.57 15.65
CA ARG D 244 22.85 -10.59 16.59
C ARG D 244 22.43 -9.19 17.00
N ALA D 245 23.37 -8.25 17.06
CA ALA D 245 23.01 -6.87 17.34
C ALA D 245 22.17 -6.28 16.22
N LYS D 246 22.55 -6.55 14.97
CA LYS D 246 21.74 -6.08 13.84
C LYS D 246 20.37 -6.75 13.81
N ALA D 247 20.32 -8.05 14.11
CA ALA D 247 19.04 -8.77 14.08
C ALA D 247 18.12 -8.26 15.18
N ALA D 248 18.66 -7.92 16.35
CA ALA D 248 17.84 -7.40 17.43
C ALA D 248 17.20 -6.06 17.05
N ALA D 249 17.95 -5.23 16.32
CA ALA D 249 17.39 -3.94 15.89
C ALA D 249 16.23 -4.12 14.93
N ASN D 250 16.23 -5.19 14.14
CA ASN D 250 15.12 -5.49 13.24
C ASN D 250 14.06 -6.36 13.89
N HIS D 251 14.25 -6.73 15.16
CA HIS D 251 13.34 -7.64 15.87
C HIS D 251 13.19 -8.95 15.12
N HIS D 252 14.30 -9.47 14.62
CA HIS D 252 14.34 -10.68 13.81
C HIS D 252 15.24 -11.70 14.48
N SER D 253 14.85 -12.97 14.40
CA SER D 253 15.60 -14.07 14.99
C SER D 253 16.38 -14.78 13.88
N VAL D 254 17.67 -15.00 14.12
CA VAL D 254 18.55 -15.67 13.17
C VAL D 254 19.49 -16.59 13.95
N LYS D 255 19.58 -17.85 13.52
CA LYS D 255 20.55 -18.78 14.07
C LYS D 255 21.84 -18.72 13.26
N ILE D 256 22.94 -19.11 13.89
CA ILE D 256 24.28 -18.87 13.35
C ILE D 256 24.99 -20.21 13.18
N GLY D 257 25.55 -20.42 11.99
CA GLY D 257 26.44 -21.54 11.74
C GLY D 257 27.79 -21.05 11.27
N VAL D 258 28.83 -21.88 11.41
CA VAL D 258 30.17 -21.51 11.00
C VAL D 258 30.73 -22.59 10.09
N ASN D 259 31.38 -22.17 9.00
CA ASN D 259 32.01 -23.10 8.08
C ASN D 259 33.35 -23.55 8.63
N ALA D 260 33.61 -24.85 8.54
CA ALA D 260 34.84 -25.43 9.07
C ALA D 260 35.21 -26.65 8.25
N PHE D 261 36.51 -26.79 7.96
CA PHE D 261 37.05 -27.97 7.31
C PHE D 261 37.61 -28.89 8.38
N VAL D 262 36.93 -29.99 8.65
CA VAL D 262 37.26 -30.89 9.75
C VAL D 262 38.21 -31.97 9.25
N ILE D 263 39.37 -32.07 9.88
CA ILE D 263 40.33 -33.14 9.62
C ILE D 263 40.56 -33.84 10.95
N ALA D 264 39.84 -34.92 11.19
CA ALA D 264 39.91 -35.66 12.45
C ALA D 264 40.72 -36.93 12.25
N ARG D 265 41.81 -37.05 13.01
CA ARG D 265 42.67 -38.23 12.98
C ARG D 265 42.90 -38.72 14.41
N ASP D 266 43.46 -39.92 14.51
CA ASP D 266 43.69 -40.52 15.82
C ASP D 266 44.77 -39.79 16.61
N THR D 267 45.74 -39.19 15.92
CA THR D 267 46.82 -38.45 16.57
C THR D 267 46.89 -37.04 15.98
N GLU D 268 47.31 -36.09 16.81
CA GLU D 268 47.46 -34.72 16.37
C GLU D 268 48.51 -34.57 15.28
N GLU D 269 49.58 -35.39 15.34
CA GLU D 269 50.62 -35.31 14.33
C GLU D 269 50.10 -35.72 12.95
N GLU D 270 49.25 -36.74 12.89
CA GLU D 270 48.70 -37.17 11.61
C GLU D 270 47.81 -36.11 11.00
N ALA D 271 46.99 -35.44 11.83
CA ALA D 271 46.12 -34.39 11.32
C ALA D 271 46.94 -33.22 10.78
N LYS D 272 47.99 -32.83 11.50
CA LYS D 272 48.87 -31.77 11.01
C LYS D 272 49.63 -32.20 9.76
N ALA D 273 49.83 -33.50 9.56
CA ALA D 273 50.48 -33.97 8.34
C ALA D 273 49.55 -33.86 7.14
N VAL D 274 48.24 -34.08 7.35
CA VAL D 274 47.28 -33.94 6.27
C VAL D 274 47.21 -32.49 5.80
N LEU D 275 47.24 -31.55 6.75
CA LEU D 275 47.24 -30.13 6.39
C LEU D 275 48.49 -29.78 5.58
N ALA D 276 49.63 -30.35 5.95
CA ALA D 276 50.86 -30.10 5.19
C ALA D 276 50.75 -30.66 3.77
N GLN D 277 50.16 -31.85 3.63
CA GLN D 277 50.00 -32.43 2.31
C GLN D 277 49.04 -31.62 1.44
N ILE D 278 48.02 -31.01 2.05
CA ILE D 278 47.11 -30.16 1.30
C ILE D 278 47.81 -28.90 0.81
N ILE D 279 48.59 -28.26 1.68
CA ILE D 279 49.30 -27.04 1.30
C ILE D 279 50.40 -27.34 0.28
N ASP D 280 51.11 -28.45 0.47
CA ASP D 280 52.23 -28.78 -0.42
C ASP D 280 51.76 -29.15 -1.82
N GLN D 281 50.52 -29.61 -1.99
CA GLN D 281 49.99 -30.03 -3.28
C GLN D 281 48.93 -29.08 -3.80
N ALA D 282 49.00 -27.80 -3.42
CA ALA D 282 48.03 -26.81 -3.89
C ALA D 282 48.17 -26.57 -5.38
N ASN D 320 39.57 -21.22 0.92
CA ASN D 320 38.66 -21.89 1.83
C ASN D 320 38.85 -21.38 3.25
N ASP D 321 37.91 -20.57 3.73
CA ASP D 321 37.99 -19.96 5.05
C ASP D 321 37.74 -20.95 6.18
N GLY D 322 37.26 -22.16 5.87
CA GLY D 322 36.96 -23.15 6.90
C GLY D 322 38.17 -23.63 7.68
N PHE D 323 39.37 -23.42 7.15
CA PHE D 323 40.58 -23.85 7.86
C PHE D 323 40.85 -22.98 9.09
N LYS D 324 40.38 -21.73 9.09
CA LYS D 324 40.61 -20.86 10.24
C LYS D 324 39.87 -21.32 11.48
N THR D 325 38.80 -22.10 11.33
CA THR D 325 38.10 -22.63 12.49
C THR D 325 38.96 -23.60 13.29
N ASN D 326 39.96 -24.20 12.65
CA ASN D 326 40.94 -25.05 13.32
C ASN D 326 40.30 -26.26 13.99
N LEU D 327 39.42 -26.93 13.25
CA LEU D 327 38.89 -28.22 13.67
C LEU D 327 39.75 -29.37 13.15
N ILE D 328 41.05 -29.29 13.43
CA ILE D 328 42.03 -30.27 12.97
C ILE D 328 42.68 -30.89 14.20
N GLY D 329 42.69 -32.23 14.25
CA GLY D 329 43.30 -32.91 15.37
C GLY D 329 42.57 -34.15 15.81
N THR D 330 42.72 -34.51 17.08
CA THR D 330 42.06 -35.69 17.64
C THR D 330 40.58 -35.39 17.87
N PRO D 331 39.76 -36.45 17.94
CA PRO D 331 38.33 -36.22 18.24
C PRO D 331 38.09 -35.47 19.53
N GLN D 332 38.92 -35.68 20.55
CA GLN D 332 38.76 -34.94 21.80
C GLN D 332 39.05 -33.47 21.62
N GLN D 333 40.10 -33.14 20.85
CA GLN D 333 40.43 -31.74 20.59
C GLN D 333 39.33 -31.05 19.79
N ILE D 334 38.81 -31.73 18.76
CA ILE D 334 37.76 -31.13 17.93
C ILE D 334 36.47 -30.96 18.73
N ALA D 335 36.11 -31.96 19.54
CA ALA D 335 34.90 -31.87 20.34
C ALA D 335 35.00 -30.72 21.34
N GLU D 336 36.18 -30.52 21.93
CA GLU D 336 36.36 -29.41 22.86
C GLU D 336 36.24 -28.08 22.14
N ARG D 337 36.76 -27.99 20.91
CA ARG D 337 36.66 -26.74 20.16
C ARG D 337 35.23 -26.48 19.70
N ILE D 338 34.47 -27.54 19.41
CA ILE D 338 33.08 -27.36 18.99
C ILE D 338 32.25 -26.78 20.13
N VAL D 339 32.40 -27.33 21.34
CA VAL D 339 31.66 -26.82 22.48
C VAL D 339 32.08 -25.39 22.82
N ALA D 340 33.36 -25.06 22.61
CA ALA D 340 33.80 -23.68 22.80
C ALA D 340 33.12 -22.74 21.82
N LEU D 341 32.92 -23.18 20.58
CA LEU D 341 32.18 -22.37 19.62
C LEU D 341 30.71 -22.22 20.03
N LYS D 342 30.13 -23.27 20.62
CA LYS D 342 28.76 -23.17 21.11
C LYS D 342 28.62 -22.08 22.17
N ALA D 343 29.68 -21.86 22.95
CA ALA D 343 29.65 -20.86 24.00
C ALA D 343 29.61 -19.43 23.46
N VAL D 344 30.10 -19.20 22.25
CA VAL D 344 30.13 -17.85 21.67
C VAL D 344 28.95 -17.60 20.74
N GLY D 345 27.99 -18.53 20.68
CA GLY D 345 26.77 -18.31 19.92
C GLY D 345 26.60 -19.16 18.68
N VAL D 346 27.52 -20.07 18.39
CA VAL D 346 27.41 -20.91 17.20
C VAL D 346 26.39 -22.00 17.46
N ASP D 347 25.45 -22.17 16.53
CA ASP D 347 24.40 -23.17 16.64
C ASP D 347 24.55 -24.32 15.65
N LEU D 348 25.41 -24.18 14.65
CA LEU D 348 25.58 -25.21 13.63
C LEU D 348 27.00 -25.17 13.11
N VAL D 349 27.51 -26.33 12.72
CA VAL D 349 28.83 -26.46 12.14
C VAL D 349 28.67 -27.02 10.74
N LEU D 350 29.14 -26.27 9.74
CA LEU D 350 29.15 -26.71 8.36
C LEU D 350 30.52 -27.33 8.09
N ALA D 351 30.54 -28.64 7.88
CA ALA D 351 31.78 -29.40 7.83
C ALA D 351 32.18 -29.69 6.39
N GLY D 352 33.46 -29.50 6.09
CA GLY D 352 34.04 -29.96 4.85
C GLY D 352 35.10 -31.00 5.14
N PHE D 353 35.21 -31.97 4.23
CA PHE D 353 36.09 -33.11 4.43
C PHE D 353 36.92 -33.38 3.17
N LEU D 354 38.02 -34.11 3.36
CA LEU D 354 38.85 -34.51 2.24
C LEU D 354 38.31 -35.79 1.58
N HIS D 355 38.01 -36.80 2.38
CA HIS D 355 37.38 -38.03 1.92
C HIS D 355 36.02 -38.12 2.61
N PHE D 356 34.96 -37.74 1.90
CA PHE D 356 33.67 -37.51 2.55
C PHE D 356 33.09 -38.80 3.11
N GLN D 357 33.00 -39.86 2.29
CA GLN D 357 32.36 -41.09 2.76
C GLN D 357 33.08 -41.72 3.95
N GLU D 358 34.37 -41.46 4.10
CA GLU D 358 35.15 -42.05 5.19
C GLU D 358 35.17 -41.16 6.42
N GLU D 359 35.41 -39.87 6.25
CA GLU D 359 35.55 -38.97 7.41
C GLU D 359 34.20 -38.65 8.05
N VAL D 360 33.11 -38.66 7.26
CA VAL D 360 31.79 -38.48 7.85
C VAL D 360 31.45 -39.63 8.79
N GLU D 361 31.74 -40.86 8.37
CA GLU D 361 31.52 -42.02 9.22
C GLU D 361 32.39 -41.94 10.47
N TYR D 362 33.64 -41.49 10.32
CA TYR D 362 34.52 -41.31 11.47
C TYR D 362 33.98 -40.23 12.40
N PHE D 363 33.44 -39.14 11.84
CA PHE D 363 32.93 -38.05 12.66
C PHE D 363 31.77 -38.52 13.52
N GLY D 364 30.85 -39.30 12.94
CA GLY D 364 29.69 -39.75 13.68
C GLY D 364 29.98 -40.80 14.73
N GLN D 365 31.11 -41.51 14.59
CA GLN D 365 31.48 -42.54 15.55
C GLN D 365 32.51 -42.09 16.57
N ARG D 366 33.29 -41.06 16.26
CA ARG D 366 34.40 -40.63 17.12
C ARG D 366 34.24 -39.20 17.63
N VAL D 367 33.90 -38.25 16.76
CA VAL D 367 33.87 -36.84 17.14
C VAL D 367 32.51 -36.43 17.66
N LEU D 368 31.44 -36.79 16.94
CA LEU D 368 30.10 -36.38 17.33
C LEU D 368 29.68 -36.91 18.70
N PRO D 369 29.89 -38.18 19.05
CA PRO D 369 29.53 -38.63 20.40
C PRO D 369 30.25 -37.88 21.51
N LEU D 370 31.50 -37.48 21.30
CA LEU D 370 32.21 -36.71 22.32
C LEU D 370 31.60 -35.33 22.48
N VAL D 371 31.11 -34.73 21.39
CA VAL D 371 30.43 -33.44 21.49
C VAL D 371 29.15 -33.59 22.31
N ARG D 372 28.40 -34.66 22.07
CA ARG D 372 27.17 -34.89 22.82
C ARG D 372 27.48 -35.15 24.29
N GLU D 373 28.58 -35.87 24.58
CA GLU D 373 28.96 -36.12 25.96
C GLU D 373 29.35 -34.82 26.67
N LEU D 374 30.09 -33.95 25.98
CA LEU D 374 30.46 -32.66 26.57
C LEU D 374 29.23 -31.79 26.80
N GLU D 375 28.22 -31.93 25.94
CA GLU D 375 26.97 -31.19 26.15
C GLU D 375 26.24 -31.69 27.38
N ALA D 376 26.23 -33.01 27.60
CA ALA D 376 25.53 -33.57 28.75
C ALA D 376 26.17 -33.12 30.06
N LYS D 377 27.50 -33.03 30.09
CA LYS D 377 28.18 -32.56 31.30
C LYS D 377 27.79 -31.12 31.61
N ALA D 378 27.70 -30.28 30.59
CA ALA D 378 27.27 -28.90 30.76
C ALA D 378 25.81 -28.84 31.20
N GLN E 26 -9.81 -36.40 4.67
CA GLN E 26 -10.87 -37.04 5.44
C GLN E 26 -10.33 -37.52 6.80
N GLN E 27 -10.04 -36.56 7.66
CA GLN E 27 -9.52 -36.85 8.99
C GLN E 27 -10.66 -37.24 9.93
N ALA E 28 -10.30 -37.75 11.10
CA ALA E 28 -11.29 -38.14 12.09
C ALA E 28 -12.09 -36.93 12.55
N VAL E 29 -13.37 -37.15 12.86
CA VAL E 29 -14.20 -36.07 13.37
C VAL E 29 -13.66 -35.63 14.73
N LYS E 30 -13.54 -34.32 14.90
CA LYS E 30 -13.14 -33.75 16.18
C LYS E 30 -14.38 -33.39 16.98
N PHE E 31 -14.23 -33.38 18.30
CA PHE E 31 -15.35 -33.13 19.19
C PHE E 31 -15.00 -32.02 20.18
N ALA E 32 -15.97 -31.15 20.43
CA ALA E 32 -15.82 -30.06 21.38
C ALA E 32 -17.07 -29.96 22.22
N TYR E 33 -16.92 -29.36 23.41
CA TYR E 33 -18.05 -29.17 24.31
C TYR E 33 -18.10 -27.72 24.76
N TRP E 34 -19.32 -27.24 25.00
CA TRP E 34 -19.50 -25.91 25.55
C TRP E 34 -19.04 -25.90 26.99
N VAL E 35 -18.10 -25.01 27.30
CA VAL E 35 -17.66 -24.83 28.68
C VAL E 35 -18.72 -24.02 29.41
N PRO E 36 -19.33 -24.55 30.46
CA PRO E 36 -20.32 -23.75 31.22
C PRO E 36 -19.63 -22.77 32.17
N ASN E 37 -18.90 -21.82 31.60
CA ASN E 37 -18.25 -20.78 32.38
C ASN E 37 -19.17 -19.61 32.67
N VAL E 38 -20.42 -19.69 32.21
CA VAL E 38 -21.48 -18.76 32.59
C VAL E 38 -22.56 -19.57 33.28
N SER E 39 -23.26 -18.93 34.22
CA SER E 39 -24.25 -19.63 35.02
C SER E 39 -25.53 -19.84 34.21
N GLY E 40 -26.43 -20.66 34.77
CA GLY E 40 -27.71 -20.91 34.15
C GLY E 40 -27.78 -22.18 33.33
N GLY E 41 -26.71 -22.46 32.59
CA GLY E 41 -26.69 -23.61 31.70
C GLY E 41 -27.71 -23.46 30.59
N LEU E 42 -28.75 -24.29 30.61
CA LEU E 42 -29.86 -24.20 29.66
C LEU E 42 -30.96 -23.41 30.37
N VAL E 43 -31.04 -22.12 30.07
CA VAL E 43 -31.92 -21.23 30.82
C VAL E 43 -33.39 -21.35 30.41
N VAL E 44 -33.67 -21.79 29.18
CA VAL E 44 -35.06 -21.86 28.72
C VAL E 44 -35.85 -22.92 29.49
N SER E 45 -35.19 -23.98 29.95
CA SER E 45 -35.83 -25.05 30.69
C SER E 45 -35.46 -24.97 32.16
N ARG E 46 -36.45 -25.15 33.03
CA ARG E 46 -36.24 -25.16 34.47
C ARG E 46 -35.85 -26.54 35.00
N ILE E 47 -35.38 -27.43 34.12
CA ILE E 47 -35.03 -28.78 34.53
C ILE E 47 -33.74 -28.75 35.33
N GLU E 48 -33.66 -29.60 36.36
CA GLU E 48 -32.46 -29.69 37.18
C GLU E 48 -31.27 -30.12 36.33
N GLN E 49 -30.15 -29.40 36.48
CA GLN E 49 -28.94 -29.67 35.71
C GLN E 49 -27.76 -29.79 36.67
N ARG E 50 -26.98 -30.85 36.49
CA ARG E 50 -25.80 -31.08 37.33
C ARG E 50 -24.53 -30.78 36.55
N ASP E 52 -22.98 -26.42 36.78
CA ASP E 52 -22.38 -25.39 37.61
C ASP E 52 -21.34 -24.61 36.81
N TRP E 53 -21.01 -23.40 37.27
CA TRP E 53 -20.09 -22.51 36.58
C TRP E 53 -18.76 -22.33 37.29
N GLY E 54 -18.55 -22.98 38.43
CA GLY E 54 -17.33 -22.78 39.18
C GLY E 54 -16.13 -23.45 38.55
N ILE E 55 -14.95 -23.04 39.02
CA ILE E 55 -13.71 -23.57 38.47
C ILE E 55 -13.51 -25.03 38.84
N ASP E 56 -13.88 -25.41 40.07
CA ASP E 56 -13.69 -26.79 40.50
C ASP E 56 -14.49 -27.75 39.65
N TYR E 57 -15.74 -27.40 39.34
CA TYR E 57 -16.55 -28.23 38.45
C TYR E 57 -15.95 -28.28 37.06
N ASN E 58 -15.47 -27.14 36.55
CA ASN E 58 -14.93 -27.08 35.20
C ASN E 58 -13.52 -27.67 35.11
N ARG E 59 -12.75 -27.64 36.19
CA ARG E 59 -11.46 -28.31 36.18
C ARG E 59 -11.65 -29.82 36.00
N LYS E 60 -12.59 -30.40 36.74
CA LYS E 60 -12.88 -31.81 36.60
C LYS E 60 -13.53 -32.12 35.25
N LEU E 61 -14.40 -31.22 34.78
CA LEU E 61 -15.05 -31.44 33.49
C LEU E 61 -14.06 -31.43 32.34
N ALA E 62 -13.08 -30.51 32.38
CA ALA E 62 -12.08 -30.47 31.32
C ALA E 62 -11.22 -31.73 31.32
N GLN E 63 -10.84 -32.22 32.51
CA GLN E 63 -10.09 -33.46 32.58
C GLN E 63 -10.92 -34.64 32.10
N LEU E 64 -12.22 -34.65 32.45
CA LEU E 64 -13.10 -35.69 31.95
C LEU E 64 -13.24 -35.60 30.43
N ALA E 65 -13.34 -34.38 29.90
CA ALA E 65 -13.47 -34.22 28.45
C ALA E 65 -12.21 -34.68 27.73
N GLU E 66 -11.03 -34.40 28.31
CA GLU E 66 -9.79 -34.86 27.72
C GLU E 66 -9.72 -36.38 27.68
N ALA E 67 -10.11 -37.04 28.77
CA ALA E 67 -10.09 -38.49 28.81
C ALA E 67 -11.18 -39.09 27.92
N ALA E 68 -12.29 -38.38 27.73
CA ALA E 68 -13.37 -38.86 26.89
C ALA E 68 -13.06 -38.77 25.40
N GLY E 69 -11.98 -38.09 25.02
CA GLY E 69 -11.62 -37.96 23.62
C GLY E 69 -11.93 -36.63 23.01
N PHE E 70 -12.44 -35.67 23.78
CA PHE E 70 -12.68 -34.33 23.24
C PHE E 70 -11.35 -33.63 23.01
N GLU E 71 -11.29 -32.90 21.89
CA GLU E 71 -10.08 -32.16 21.55
C GLU E 71 -10.15 -30.70 21.95
N TYR E 72 -11.34 -30.09 21.90
CA TYR E 72 -11.50 -28.66 22.17
C TYR E 72 -12.49 -28.42 23.28
N ALA E 73 -12.27 -27.32 24.00
CA ALA E 73 -13.21 -26.78 24.98
C ALA E 73 -13.48 -25.35 24.56
N LEU E 74 -14.76 -25.02 24.36
CA LEU E 74 -15.16 -23.71 23.89
C LEU E 74 -15.76 -22.90 25.04
N THR E 75 -15.09 -21.81 25.41
CA THR E 75 -15.59 -20.93 26.44
C THR E 75 -16.57 -19.93 25.84
N GLN E 76 -17.35 -19.31 26.73
CA GLN E 76 -18.30 -18.27 26.35
C GLN E 76 -17.84 -16.95 26.94
N ILE E 77 -18.15 -15.85 26.26
CA ILE E 77 -17.73 -14.52 26.68
C ILE E 77 -18.96 -13.68 26.97
N ARG E 78 -19.00 -13.11 28.17
CA ARG E 78 -20.04 -12.18 28.59
C ARG E 78 -19.43 -11.18 29.56
N PHE E 79 -20.02 -9.99 29.61
CA PHE E 79 -19.59 -8.94 30.51
C PHE E 79 -20.65 -8.56 31.54
N THR E 80 -21.91 -8.47 31.13
CA THR E 80 -23.02 -8.12 31.99
C THR E 80 -23.91 -9.35 32.21
N ALA E 81 -24.61 -9.36 33.34
CA ALA E 81 -25.52 -10.46 33.63
C ALA E 81 -26.69 -10.42 32.67
N GLY E 82 -27.08 -11.60 32.18
CA GLY E 82 -28.17 -11.72 31.24
C GLY E 82 -29.45 -12.26 31.86
N TYR E 83 -30.39 -12.62 30.99
CA TYR E 83 -31.68 -13.17 31.41
C TYR E 83 -31.50 -14.66 31.70
N GLY E 84 -31.00 -14.96 32.90
CA GLY E 84 -30.73 -16.32 33.33
C GLY E 84 -29.28 -16.57 33.72
N ALA E 85 -28.35 -15.82 33.12
CA ALA E 85 -26.93 -15.95 33.39
C ALA E 85 -26.53 -14.88 34.40
N GLU E 86 -26.58 -15.24 35.69
CA GLU E 86 -26.25 -14.29 36.74
C GLU E 86 -24.74 -14.07 36.88
N PHE E 87 -23.94 -15.11 36.64
CA PHE E 87 -22.50 -15.03 36.84
C PHE E 87 -21.79 -15.53 35.59
N GLN E 88 -20.69 -14.87 35.24
CA GLN E 88 -19.86 -15.26 34.10
C GLN E 88 -18.41 -15.03 34.47
N HIS E 89 -17.58 -16.07 34.36
CA HIS E 89 -16.14 -15.91 34.45
C HIS E 89 -15.60 -15.36 33.15
N GLU E 90 -14.55 -14.54 33.25
CA GLU E 90 -13.90 -13.96 32.07
C GLU E 90 -13.28 -15.07 31.23
N SER E 91 -13.54 -15.05 29.92
CA SER E 91 -13.25 -16.20 29.08
C SER E 91 -11.75 -16.49 29.00
N VAL E 92 -10.92 -15.47 28.85
CA VAL E 92 -9.49 -15.70 28.64
C VAL E 92 -8.83 -16.20 29.93
N ALA E 93 -9.13 -15.56 31.06
CA ALA E 93 -8.55 -16.02 32.33
C ALA E 93 -9.04 -17.42 32.67
N PHE E 94 -10.32 -17.71 32.40
CA PHE E 94 -10.84 -19.06 32.62
C PHE E 94 -10.18 -20.06 31.68
N SER E 95 -9.92 -19.65 30.44
CA SER E 95 -9.24 -20.53 29.49
C SER E 95 -7.84 -20.91 29.97
N HIS E 96 -7.11 -19.93 30.52
CA HIS E 96 -5.79 -20.22 31.07
C HIS E 96 -5.89 -21.20 32.23
N ALA E 97 -6.94 -21.08 33.05
CA ALA E 97 -7.11 -21.99 34.18
C ALA E 97 -7.42 -23.41 33.72
N LEU E 98 -8.29 -23.56 32.73
CA LEU E 98 -8.61 -24.90 32.24
C LEU E 98 -7.41 -25.54 31.58
N LEU E 99 -6.60 -24.75 30.87
CA LEU E 99 -5.40 -25.29 30.25
C LEU E 99 -4.40 -25.77 31.29
N ALA E 100 -4.27 -25.05 32.40
CA ALA E 100 -3.36 -25.47 33.46
C ALA E 100 -3.85 -26.72 34.17
N ALA E 101 -5.13 -27.04 34.06
CA ALA E 101 -5.71 -28.22 34.67
C ALA E 101 -5.75 -29.42 33.74
N THR E 102 -5.22 -29.29 32.51
CA THR E 102 -5.21 -30.37 31.54
C THR E 102 -3.80 -30.52 30.98
N SER E 103 -3.64 -31.50 30.09
CA SER E 103 -2.34 -31.78 29.48
C SER E 103 -2.35 -31.65 27.97
N GLN E 104 -3.36 -32.23 27.30
CA GLN E 104 -3.46 -32.19 25.85
C GLN E 104 -4.72 -31.48 25.36
N LEU E 105 -5.65 -31.16 26.25
CA LEU E 105 -6.88 -30.51 25.83
C LEU E 105 -6.59 -29.10 25.34
N LYS E 106 -7.25 -28.72 24.25
CA LYS E 106 -7.14 -27.37 23.71
C LYS E 106 -8.37 -26.58 24.11
N VAL E 107 -8.16 -25.32 24.48
CA VAL E 107 -9.24 -24.46 24.94
C VAL E 107 -9.36 -23.27 24.00
N ILE E 108 -10.58 -23.01 23.54
CA ILE E 108 -10.86 -21.91 22.62
C ILE E 108 -11.34 -20.74 23.47
N ALA E 109 -10.55 -19.67 23.51
CA ALA E 109 -10.88 -18.49 24.29
C ALA E 109 -11.77 -17.58 23.47
N ALA E 110 -12.90 -17.18 24.05
CA ALA E 110 -13.85 -16.33 23.35
C ALA E 110 -13.44 -14.87 23.49
N ILE E 111 -13.44 -14.15 22.36
CA ILE E 111 -13.02 -12.76 22.28
C ILE E 111 -14.13 -11.96 21.61
N LEU E 112 -14.48 -10.82 22.20
CA LEU E 112 -15.55 -9.95 21.69
C LEU E 112 -14.95 -8.60 21.30
N PRO E 113 -14.76 -8.34 20.01
CA PRO E 113 -14.28 -7.01 19.60
C PRO E 113 -15.19 -5.92 20.09
N GLY E 114 -14.60 -4.76 20.38
CA GLY E 114 -15.27 -3.76 21.19
C GLY E 114 -14.57 -3.62 22.52
N PRO E 115 -15.11 -4.28 23.55
CA PRO E 115 -14.39 -4.32 24.83
C PRO E 115 -13.01 -4.95 24.71
N TRP E 116 -12.76 -5.77 23.70
CA TRP E 116 -11.44 -6.31 23.42
C TRP E 116 -10.80 -5.54 22.26
N GLN E 117 -9.49 -5.39 22.34
CA GLN E 117 -8.70 -4.81 21.25
C GLN E 117 -7.66 -5.82 20.79
N PRO E 118 -7.34 -5.85 19.49
CA PRO E 118 -6.47 -6.92 18.98
C PRO E 118 -5.07 -6.93 19.57
N ALA E 119 -4.51 -5.76 19.89
CA ALA E 119 -3.15 -5.73 20.43
C ALA E 119 -3.05 -6.47 21.76
N LEU E 120 -3.98 -6.21 22.68
CA LEU E 120 -3.98 -6.92 23.95
C LEU E 120 -4.35 -8.38 23.76
N ALA E 121 -5.33 -8.66 22.90
CA ALA E 121 -5.72 -10.04 22.65
C ALA E 121 -4.57 -10.85 22.05
N ALA E 122 -3.85 -10.26 21.08
CA ALA E 122 -2.75 -10.99 20.46
C ALA E 122 -1.63 -11.27 21.45
N LYS E 123 -1.29 -10.29 22.29
CA LYS E 123 -0.19 -10.49 23.21
C LYS E 123 -0.57 -11.42 24.36
N GLN E 124 -1.80 -11.29 24.86
CA GLN E 124 -2.22 -12.14 25.97
C GLN E 124 -2.35 -13.59 25.51
N LEU E 125 -2.95 -13.82 24.34
CA LEU E 125 -3.07 -15.18 23.83
C LEU E 125 -1.71 -15.77 23.50
N ALA E 126 -0.75 -14.95 23.08
CA ALA E 126 0.59 -15.47 22.81
C ALA E 126 1.28 -15.92 24.08
N THR E 127 1.16 -15.13 25.16
CA THR E 127 1.77 -15.50 26.44
C THR E 127 1.16 -16.77 27.01
N ILE E 128 -0.18 -16.85 27.00
CA ILE E 128 -0.84 -18.06 27.48
C ILE E 128 -0.46 -19.27 26.63
N ASP E 129 -0.31 -19.07 25.32
CA ASP E 129 0.12 -20.16 24.45
C ASP E 129 1.49 -20.65 24.85
N GLN E 130 2.39 -19.74 25.23
CA GLN E 130 3.72 -20.14 25.68
C GLN E 130 3.65 -20.92 26.99
N LEU E 131 2.73 -20.55 27.89
CA LEU E 131 2.62 -21.20 29.19
C LEU E 131 1.86 -22.52 29.12
N THR E 132 1.17 -22.82 28.02
CA THR E 132 0.32 -23.99 27.94
C THR E 132 0.70 -24.92 26.79
N ASN E 133 1.93 -24.84 26.32
CA ASN E 133 2.45 -25.73 25.27
C ASN E 133 1.62 -25.62 23.98
N GLY E 134 1.23 -24.40 23.62
CA GLY E 134 0.53 -24.15 22.38
C GLY E 134 -0.83 -24.79 22.25
N ARG E 135 -1.66 -24.69 23.29
CA ARG E 135 -2.96 -25.35 23.31
C ARG E 135 -4.14 -24.37 23.37
N ILE E 136 -3.94 -23.12 22.98
CA ILE E 136 -4.99 -22.12 23.08
C ILE E 136 -5.45 -21.72 21.69
N ALA E 137 -6.77 -21.57 21.53
CA ALA E 137 -7.39 -21.09 20.31
C ALA E 137 -8.31 -19.93 20.66
N VAL E 138 -8.88 -19.31 19.63
CA VAL E 138 -9.70 -18.10 19.82
C VAL E 138 -10.99 -18.23 19.01
N ASN E 139 -12.10 -17.80 19.62
CA ASN E 139 -13.39 -17.73 18.96
C ASN E 139 -13.83 -16.28 18.95
N ILE E 140 -13.91 -15.68 17.76
CA ILE E 140 -14.26 -14.28 17.61
C ILE E 140 -15.78 -14.16 17.53
N VAL E 141 -16.37 -13.49 18.52
CA VAL E 141 -17.80 -13.30 18.61
C VAL E 141 -18.10 -11.86 18.26
N SER E 142 -19.10 -11.64 17.40
CA SER E 142 -19.45 -10.29 16.98
C SER E 142 -20.56 -9.66 17.81
N GLY E 143 -21.12 -10.38 18.78
CA GLY E 143 -22.11 -9.79 19.66
C GLY E 143 -23.52 -9.78 19.09
N TRP E 144 -24.53 -10.04 19.93
CA TRP E 144 -25.91 -10.05 19.47
C TRP E 144 -26.82 -9.06 20.18
N PHE E 145 -26.57 -8.74 21.45
CA PHE E 145 -27.44 -7.84 22.21
C PHE E 145 -26.70 -6.55 22.54
N ARG E 146 -27.34 -5.40 22.23
CA ARG E 146 -26.70 -4.11 22.44
C ARG E 146 -26.56 -3.75 23.91
N GLY E 147 -27.38 -4.34 24.79
CA GLY E 147 -27.35 -3.96 26.19
C GLY E 147 -26.02 -4.21 26.86
N GLU E 148 -25.31 -5.26 26.43
CA GLU E 148 -23.99 -5.52 26.99
C GLU E 148 -23.00 -4.43 26.60
N PHE E 149 -23.01 -4.00 25.34
CA PHE E 149 -22.13 -2.92 24.92
C PHE E 149 -22.51 -1.60 25.57
N GLN E 150 -23.81 -1.33 25.70
CA GLN E 150 -24.27 -0.08 26.29
C GLN E 150 -23.82 0.05 27.75
N ALA E 151 -23.84 -1.05 28.50
CA ALA E 151 -23.45 -0.98 29.90
C ALA E 151 -21.97 -0.63 30.06
N ILE E 152 -21.12 -1.09 29.15
CA ILE E 152 -19.68 -0.87 29.27
C ILE E 152 -19.21 0.30 28.40
N GLY E 153 -20.13 1.15 27.93
CA GLY E 153 -19.76 2.36 27.23
C GLY E 153 -19.41 2.18 25.77
N GLU E 154 -19.65 1.02 25.18
CA GLU E 154 -19.31 0.76 23.79
C GLU E 154 -20.51 1.08 22.89
N HIS E 155 -20.21 1.65 21.73
CA HIS E 155 -21.24 1.93 20.74
C HIS E 155 -21.68 0.66 20.03
N TRP E 156 -22.92 0.66 19.55
CA TRP E 156 -23.53 -0.50 18.92
C TRP E 156 -23.49 -0.29 17.40
N LEU E 157 -22.56 -0.95 16.74
CA LEU E 157 -22.43 -0.86 15.29
C LEU E 157 -23.50 -1.69 14.60
N GLU E 158 -23.76 -1.36 13.34
CA GLU E 158 -24.69 -2.11 12.53
C GLU E 158 -24.19 -3.54 12.34
N HIS E 159 -25.13 -4.46 12.08
CA HIS E 159 -24.84 -5.88 12.05
C HIS E 159 -23.66 -6.21 11.13
N ASP E 160 -23.75 -5.83 9.86
CA ASP E 160 -22.65 -6.10 8.94
C ASP E 160 -21.39 -5.32 9.31
N GLU E 161 -21.55 -4.14 9.91
CA GLU E 161 -20.38 -3.37 10.35
C GLU E 161 -19.64 -4.08 11.47
N ARG E 162 -20.36 -4.80 12.34
CA ARG E 162 -19.69 -5.57 13.39
C ARG E 162 -18.81 -6.67 12.80
N TYR E 163 -19.22 -7.25 11.67
CA TYR E 163 -18.39 -8.26 11.03
C TYR E 163 -17.21 -7.65 10.28
N ARG E 164 -17.35 -6.42 9.77
CA ARG E 164 -16.18 -5.74 9.20
C ARG E 164 -15.13 -5.47 10.27
N ARG E 165 -15.55 -5.06 11.47
CA ARG E 165 -14.60 -4.85 12.55
C ARG E 165 -13.98 -6.17 13.02
N SER E 166 -14.78 -7.23 13.09
CA SER E 166 -14.25 -8.53 13.49
C SER E 166 -13.23 -9.06 12.48
N GLU E 167 -13.46 -8.81 11.19
CA GLU E 167 -12.51 -9.27 10.18
C GLU E 167 -11.17 -8.55 10.31
N GLU E 168 -11.19 -7.24 10.57
CA GLU E 168 -9.94 -6.53 10.84
C GLU E 168 -9.29 -7.03 12.11
N PHE E 169 -10.10 -7.41 13.12
CA PHE E 169 -9.57 -7.99 14.34
C PHE E 169 -8.86 -9.30 14.05
N ILE E 170 -9.43 -10.13 13.18
CA ILE E 170 -8.82 -11.42 12.86
C ILE E 170 -7.54 -11.23 12.05
N ARG E 171 -7.57 -10.35 11.05
CA ARG E 171 -6.38 -10.10 10.25
C ARG E 171 -5.26 -9.53 11.11
N SER E 172 -5.60 -8.71 12.11
CA SER E 172 -4.59 -8.20 13.01
C SER E 172 -3.95 -9.32 13.82
N LEU E 173 -4.75 -10.27 14.29
CA LEU E 173 -4.20 -11.38 15.06
C LEU E 173 -3.24 -12.21 14.21
N ARG E 174 -3.65 -12.54 12.98
CA ARG E 174 -2.78 -13.34 12.11
C ARG E 174 -1.48 -12.62 11.81
N GLY E 175 -1.55 -11.31 11.53
CA GLY E 175 -0.34 -10.57 11.20
C GLY E 175 0.59 -10.40 12.39
N ILE E 176 0.02 -10.11 13.57
CA ILE E 176 0.84 -9.93 14.76
C ILE E 176 1.55 -11.23 15.12
N TRP E 177 0.84 -12.35 15.00
CA TRP E 177 1.39 -13.65 15.39
C TRP E 177 2.40 -14.18 14.38
N SER E 178 2.44 -13.64 13.16
CA SER E 178 3.23 -14.22 12.08
C SER E 178 4.35 -13.33 11.54
N GLN E 179 4.37 -12.04 11.87
CA GLN E 179 5.34 -11.12 11.29
C GLN E 179 6.12 -10.42 12.38
N ASP E 180 7.38 -10.09 12.07
CA ASP E 180 8.23 -9.36 13.01
C ASP E 180 7.82 -7.89 13.11
N ASN E 181 7.44 -7.28 11.99
CA ASN E 181 7.11 -5.86 11.94
C ASN E 181 5.77 -5.70 11.22
N PHE E 182 4.69 -5.91 11.96
CA PHE E 182 3.35 -5.88 11.38
C PHE E 182 2.84 -4.45 11.25
N THR E 183 2.30 -4.12 10.08
CA THR E 183 1.70 -2.83 9.79
C THR E 183 0.32 -3.08 9.20
N PHE E 184 -0.67 -2.36 9.70
CA PHE E 184 -2.05 -2.54 9.28
C PHE E 184 -2.76 -1.20 9.35
N ARG E 185 -3.39 -0.81 8.23
CA ARG E 185 -4.10 0.47 8.14
C ARG E 185 -5.57 0.16 7.90
N GLY E 186 -6.28 -0.16 8.99
CA GLY E 186 -7.68 -0.53 8.91
C GLY E 186 -8.61 0.63 9.25
N ASP E 187 -9.90 0.40 9.02
CA ASP E 187 -10.91 1.36 9.43
C ASP E 187 -11.18 1.32 10.93
N PHE E 188 -10.84 0.20 11.59
CA PHE E 188 -11.06 0.06 13.02
C PHE E 188 -9.78 -0.06 13.82
N TYR E 189 -8.72 -0.64 13.25
CA TYR E 189 -7.49 -0.88 13.97
C TYR E 189 -6.30 -0.47 13.12
N ARG E 190 -5.30 0.13 13.77
CA ARG E 190 -4.06 0.55 13.13
C ARG E 190 -2.88 -0.10 13.83
N PHE E 191 -1.87 -0.49 13.05
CA PHE E 191 -0.62 -0.98 13.59
C PHE E 191 0.52 -0.44 12.74
N ASP E 192 1.60 -0.02 13.38
CA ASP E 192 2.75 0.58 12.71
C ASP E 192 4.02 -0.04 13.26
N ASN E 193 4.58 -1.00 12.52
CA ASN E 193 5.83 -1.67 12.89
C ASN E 193 5.76 -2.28 14.29
N TYR E 194 4.66 -2.98 14.57
CA TYR E 194 4.47 -3.60 15.87
C TYR E 194 5.17 -4.95 15.88
N SER E 195 5.97 -5.19 16.91
CA SER E 195 6.75 -6.41 17.05
C SER E 195 6.35 -7.10 18.35
N LEU E 196 5.63 -8.21 18.23
CA LEU E 196 5.24 -9.01 19.37
C LEU E 196 6.31 -10.07 19.64
N LYS E 197 6.86 -10.06 20.85
CA LYS E 197 7.81 -11.07 21.28
C LYS E 197 7.53 -11.36 22.76
N PRO E 198 7.36 -12.64 23.12
CA PRO E 198 7.42 -13.79 22.21
C PRO E 198 6.11 -14.01 21.46
N LYS E 199 6.21 -14.69 20.32
CA LYS E 199 5.04 -15.07 19.54
C LYS E 199 4.46 -16.37 20.07
N PRO E 200 3.27 -16.77 19.60
CA PRO E 200 2.70 -18.04 20.08
C PRO E 200 3.63 -19.19 19.77
N LEU E 201 3.64 -20.19 20.67
CA LEU E 201 4.42 -21.39 20.42
C LEU E 201 3.89 -22.13 19.20
N GLY E 202 2.57 -22.26 19.08
CA GLY E 202 1.94 -22.81 17.93
C GLY E 202 1.21 -21.77 17.11
N ARG E 203 0.28 -22.23 16.29
CA ARG E 203 -0.54 -21.34 15.48
C ARG E 203 -1.97 -21.37 16.02
N PRO E 204 -2.39 -20.38 16.80
CA PRO E 204 -3.73 -20.43 17.40
C PRO E 204 -4.81 -20.45 16.33
N GLU E 205 -5.61 -21.51 16.35
CA GLU E 205 -6.72 -21.62 15.42
C GLU E 205 -7.79 -20.59 15.72
N ILE E 206 -8.46 -20.12 14.67
CA ILE E 206 -9.47 -19.07 14.78
C ILE E 206 -10.81 -19.69 14.45
N PHE E 207 -11.66 -19.83 15.48
CA PHE E 207 -13.01 -20.34 15.34
C PHE E 207 -13.97 -19.17 15.20
N GLN E 208 -15.09 -19.41 14.53
CA GLN E 208 -16.08 -18.36 14.31
C GLN E 208 -17.43 -18.99 14.03
N GLY E 209 -18.47 -18.42 14.63
CA GLY E 209 -19.84 -18.84 14.36
C GLY E 209 -20.61 -17.82 13.57
N GLY E 210 -21.93 -17.79 13.75
CA GLY E 210 -22.79 -16.88 13.03
C GLY E 210 -23.39 -17.53 11.80
N SER E 211 -24.64 -17.19 11.48
CA SER E 211 -25.32 -17.79 10.33
C SER E 211 -25.67 -16.80 9.24
N SER E 212 -25.46 -15.51 9.46
CA SER E 212 -25.82 -14.50 8.47
C SER E 212 -24.84 -14.54 7.30
N ARG E 213 -25.20 -13.81 6.24
CA ARG E 213 -24.35 -13.74 5.07
C ARG E 213 -23.00 -13.12 5.41
N ALA E 214 -23.00 -12.08 6.24
CA ALA E 214 -21.74 -11.46 6.64
C ALA E 214 -20.86 -12.43 7.43
N ALA E 215 -21.47 -13.29 8.24
CA ALA E 215 -20.69 -14.22 9.05
C ALA E 215 -19.96 -15.24 8.18
N ARG E 216 -20.61 -15.76 7.14
CA ARG E 216 -19.97 -16.78 6.31
C ARG E 216 -19.11 -16.21 5.20
N ASP E 217 -19.27 -14.92 4.88
CA ASP E 217 -18.31 -14.28 3.99
C ASP E 217 -17.00 -14.02 4.72
N MET E 218 -17.07 -13.68 6.01
CA MET E 218 -15.87 -13.50 6.81
C MET E 218 -15.15 -14.83 7.06
N ALA E 219 -15.91 -15.88 7.36
CA ALA E 219 -15.30 -17.18 7.62
C ALA E 219 -14.60 -17.70 6.37
N ALA E 220 -15.18 -17.48 5.20
CA ALA E 220 -14.59 -17.95 3.95
C ALA E 220 -13.33 -17.18 3.57
N ARG E 221 -12.93 -16.18 4.34
CA ARG E 221 -11.74 -15.39 4.05
C ARG E 221 -10.64 -15.51 5.09
N VAL E 222 -10.98 -15.46 6.39
CA VAL E 222 -9.95 -15.27 7.40
C VAL E 222 -10.00 -16.31 8.52
N SER E 223 -11.08 -17.09 8.58
CA SER E 223 -11.30 -18.00 9.71
C SER E 223 -10.83 -19.42 9.38
N ASP E 224 -10.30 -20.10 10.41
CA ASP E 224 -9.91 -21.50 10.27
C ASP E 224 -11.09 -22.45 10.42
N TRP E 225 -11.97 -22.19 11.40
CA TRP E 225 -13.15 -23.01 11.63
C TRP E 225 -14.40 -22.15 11.54
N TYR E 226 -15.48 -22.73 11.02
CA TYR E 226 -16.77 -22.07 10.95
C TYR E 226 -17.82 -22.97 11.58
N PHE E 227 -18.53 -22.45 12.57
CA PHE E 227 -19.64 -23.18 13.19
C PHE E 227 -20.91 -22.87 12.42
N THR E 228 -21.48 -23.88 11.78
CA THR E 228 -22.75 -23.73 11.10
C THR E 228 -23.90 -24.06 12.06
N ASN E 229 -25.05 -23.46 11.82
CA ASN E 229 -26.19 -23.66 12.68
C ASN E 229 -26.69 -25.09 12.59
N GLY E 230 -27.18 -25.60 13.72
CA GLY E 230 -27.76 -26.94 13.77
C GLY E 230 -28.96 -27.06 12.84
N ASN E 231 -28.99 -28.13 12.05
CA ASN E 231 -30.05 -28.33 11.08
C ASN E 231 -30.09 -29.82 10.72
N SER E 232 -30.96 -30.16 9.78
CA SER E 232 -31.04 -31.52 9.26
C SER E 232 -29.81 -31.82 8.41
N VAL E 233 -29.69 -33.10 8.02
CA VAL E 233 -28.56 -33.52 7.19
C VAL E 233 -28.60 -32.81 5.84
N GLU E 234 -29.80 -32.65 5.27
CA GLU E 234 -29.92 -32.00 3.97
C GLU E 234 -29.64 -30.50 4.07
N GLY E 235 -30.12 -29.85 5.13
CA GLY E 235 -29.89 -28.42 5.28
C GLY E 235 -28.44 -28.09 5.56
N ILE E 236 -27.77 -28.92 6.36
CA ILE E 236 -26.36 -28.68 6.66
C ILE E 236 -25.51 -28.85 5.41
N LYS E 237 -25.86 -29.83 4.55
CA LYS E 237 -25.11 -30.00 3.31
C LYS E 237 -25.19 -28.76 2.44
N ALA E 238 -26.36 -28.11 2.39
CA ALA E 238 -26.49 -26.89 1.63
C ALA E 238 -25.65 -25.76 2.23
N GLN E 239 -25.63 -25.65 3.56
CA GLN E 239 -24.81 -24.63 4.22
C GLN E 239 -23.33 -24.89 4.00
N VAL E 240 -22.92 -26.17 4.05
CA VAL E 240 -21.52 -26.51 3.82
C VAL E 240 -21.10 -26.19 2.40
N ASP E 241 -21.95 -26.53 1.43
CA ASP E 241 -21.61 -26.28 0.03
C ASP E 241 -21.50 -24.79 -0.26
N ASP E 242 -22.34 -23.97 0.37
CA ASP E 242 -22.31 -22.54 0.13
C ASP E 242 -21.00 -21.93 0.63
N ILE E 243 -20.58 -22.27 1.84
CA ILE E 243 -19.38 -21.69 2.40
C ILE E 243 -18.13 -22.21 1.70
N ARG E 244 -18.13 -23.50 1.31
CA ARG E 244 -16.96 -24.02 0.62
C ARG E 244 -16.79 -23.41 -0.77
N ALA E 245 -17.88 -23.06 -1.44
CA ALA E 245 -17.76 -22.36 -2.71
C ALA E 245 -17.15 -20.97 -2.51
N LYS E 246 -17.59 -20.25 -1.47
CA LYS E 246 -17.01 -18.95 -1.18
C LYS E 246 -15.55 -19.06 -0.76
N ALA E 247 -15.20 -20.08 0.02
CA ALA E 247 -13.82 -20.24 0.44
C ALA E 247 -12.93 -20.59 -0.75
N ALA E 248 -13.44 -21.39 -1.68
CA ALA E 248 -12.66 -21.73 -2.87
C ALA E 248 -12.40 -20.50 -3.73
N ALA E 249 -13.39 -19.60 -3.82
CA ALA E 249 -13.20 -18.37 -4.60
C ALA E 249 -12.14 -17.48 -3.97
N ASN E 250 -11.99 -17.52 -2.66
CA ASN E 250 -10.96 -16.76 -1.96
C ASN E 250 -9.66 -17.53 -1.80
N HIS E 251 -9.61 -18.77 -2.31
CA HIS E 251 -8.43 -19.62 -2.15
C HIS E 251 -8.06 -19.80 -0.68
N HIS E 252 -9.09 -19.97 0.15
CA HIS E 252 -8.95 -20.06 1.59
C HIS E 252 -9.51 -21.39 2.07
N SER E 253 -8.84 -21.99 3.05
CA SER E 253 -9.26 -23.25 3.62
C SER E 253 -9.97 -22.99 4.96
N VAL E 254 -11.15 -23.57 5.12
CA VAL E 254 -11.93 -23.44 6.34
C VAL E 254 -12.59 -24.79 6.64
N LYS E 255 -12.43 -25.26 7.86
CA LYS E 255 -13.10 -26.45 8.36
C LYS E 255 -14.44 -26.06 9.00
N ILE E 256 -15.35 -27.02 9.06
CA ILE E 256 -16.73 -26.76 9.45
C ILE E 256 -17.09 -27.58 10.68
N GLY E 257 -17.67 -26.92 11.68
CA GLY E 257 -18.23 -27.60 12.82
C GLY E 257 -19.70 -27.33 12.96
N VAL E 258 -20.43 -28.19 13.66
CA VAL E 258 -21.86 -28.04 13.84
C VAL E 258 -22.20 -28.07 15.32
N ASN E 259 -23.07 -27.16 15.74
CA ASN E 259 -23.52 -27.13 17.12
C ASN E 259 -24.63 -28.16 17.31
N ALA E 260 -24.54 -28.91 18.42
CA ALA E 260 -25.52 -29.94 18.68
C ALA E 260 -25.68 -30.11 20.19
N PHE E 261 -26.92 -30.27 20.63
CA PHE E 261 -27.24 -30.59 22.02
C PHE E 261 -27.44 -32.09 22.09
N VAL E 262 -26.48 -32.78 22.70
CA VAL E 262 -26.45 -34.24 22.68
C VAL E 262 -27.19 -34.79 23.88
N ILE E 263 -28.18 -35.64 23.63
CA ILE E 263 -28.89 -36.37 24.67
C ILE E 263 -28.71 -37.85 24.34
N ALA E 264 -27.70 -38.47 24.94
CA ALA E 264 -27.40 -39.87 24.70
C ALA E 264 -27.86 -40.68 25.92
N ARG E 265 -28.77 -41.62 25.70
CA ARG E 265 -29.27 -42.50 26.75
C ARG E 265 -29.23 -43.94 26.26
N ASP E 266 -29.42 -44.87 27.20
CA ASP E 266 -29.33 -46.29 26.87
C ASP E 266 -30.49 -46.74 25.97
N THR E 267 -31.64 -46.08 26.07
CA THR E 267 -32.79 -46.39 25.25
C THR E 267 -33.27 -45.13 24.55
N GLU E 268 -33.83 -45.31 23.35
CA GLU E 268 -34.35 -44.16 22.61
C GLU E 268 -35.53 -43.52 23.33
N GLU E 269 -36.34 -44.31 24.03
CA GLU E 269 -37.46 -43.75 24.77
C GLU E 269 -37.00 -42.86 25.90
N GLU E 270 -35.93 -43.26 26.59
CA GLU E 270 -35.41 -42.44 27.70
C GLU E 270 -34.87 -41.11 27.20
N ALA E 271 -34.18 -41.12 26.05
CA ALA E 271 -33.67 -39.88 25.49
C ALA E 271 -34.79 -38.95 25.05
N LYS E 272 -35.81 -39.49 24.38
CA LYS E 272 -36.96 -38.67 24.01
C LYS E 272 -37.73 -38.17 25.22
N ALA E 273 -37.65 -38.87 26.34
CA ALA E 273 -38.29 -38.39 27.56
C ALA E 273 -37.53 -37.21 28.15
N VAL E 274 -36.20 -37.23 28.05
CA VAL E 274 -35.41 -36.10 28.51
C VAL E 274 -35.69 -34.86 27.66
N LEU E 275 -35.78 -35.04 26.34
CA LEU E 275 -36.13 -33.93 25.47
C LEU E 275 -37.52 -33.40 25.78
N ALA E 276 -38.46 -34.30 26.06
CA ALA E 276 -39.81 -33.86 26.45
C ALA E 276 -39.77 -33.14 27.78
N GLN E 277 -38.97 -33.62 28.72
CA GLN E 277 -38.85 -32.96 30.02
C GLN E 277 -38.23 -31.57 29.88
N ILE E 278 -37.33 -31.39 28.91
CA ILE E 278 -36.76 -30.07 28.66
C ILE E 278 -37.83 -29.11 28.13
N ILE E 279 -38.66 -29.58 27.20
CA ILE E 279 -39.71 -28.74 26.63
C ILE E 279 -40.78 -28.44 27.66
N ASP E 280 -41.13 -29.42 28.49
CA ASP E 280 -42.18 -29.20 29.48
C ASP E 280 -41.76 -28.21 30.56
N GLN E 281 -40.46 -28.11 30.83
CA GLN E 281 -39.94 -27.19 31.83
C GLN E 281 -39.63 -25.81 31.25
N ALA E 282 -40.15 -25.49 30.07
CA ALA E 282 -39.90 -24.20 29.44
C ALA E 282 -40.54 -23.06 30.22
N THR E 312 -43.43 -25.33 22.05
CA THR E 312 -43.22 -26.40 21.08
C THR E 312 -41.75 -26.70 20.91
N PHE E 313 -41.43 -27.71 20.07
CA PHE E 313 -40.04 -28.04 19.80
C PHE E 313 -39.36 -26.95 18.98
N GLU E 314 -40.12 -26.23 18.15
CA GLU E 314 -39.55 -25.16 17.34
C GLU E 314 -39.05 -24.01 18.21
N ASP E 315 -39.64 -23.83 19.39
CA ASP E 315 -39.19 -22.76 20.28
C ASP E 315 -37.82 -23.07 20.88
N LEU E 316 -37.52 -24.35 21.13
CA LEU E 316 -36.20 -24.71 21.64
C LEU E 316 -35.11 -24.43 20.61
N VAL E 317 -35.42 -24.59 19.32
CA VAL E 317 -34.45 -24.29 18.27
C VAL E 317 -34.15 -22.80 18.21
N GLN E 318 -35.14 -21.95 18.50
CA GLN E 318 -34.93 -20.51 18.47
C GLN E 318 -33.89 -20.07 19.50
N TYR E 319 -33.78 -20.78 20.62
CA TYR E 319 -32.79 -20.46 21.63
C TYR E 319 -31.49 -21.23 21.41
N ASN E 320 -31.56 -22.56 21.28
CA ASN E 320 -30.41 -23.41 21.02
C ASN E 320 -30.69 -24.18 19.75
N ASP E 321 -30.00 -23.82 18.66
CA ASP E 321 -30.18 -24.50 17.39
C ASP E 321 -29.64 -25.94 17.41
N GLY E 322 -28.88 -26.31 18.44
CA GLY E 322 -28.30 -27.64 18.50
C GLY E 322 -29.31 -28.76 18.55
N PHE E 323 -30.56 -28.46 18.93
CA PHE E 323 -31.60 -29.49 18.94
C PHE E 323 -31.98 -29.89 17.52
N LYS E 324 -31.82 -28.99 16.55
CA LYS E 324 -32.14 -29.32 15.17
C LYS E 324 -31.20 -30.36 14.57
N THR E 325 -29.99 -30.50 15.13
CA THR E 325 -29.08 -31.55 14.69
C THR E 325 -29.61 -32.94 15.02
N ASN E 326 -30.47 -33.04 16.02
CA ASN E 326 -31.16 -34.29 16.36
C ASN E 326 -30.17 -35.41 16.75
N LEU E 327 -29.20 -35.05 17.58
CA LEU E 327 -28.32 -36.05 18.20
C LEU E 327 -28.89 -36.53 19.52
N ILE E 328 -30.14 -37.00 19.46
CA ILE E 328 -30.89 -37.47 20.61
C ILE E 328 -31.27 -38.93 20.36
N GLY E 329 -30.96 -39.79 21.33
CA GLY E 329 -31.27 -41.20 21.20
C GLY E 329 -30.22 -42.12 21.78
N THR E 330 -30.13 -43.34 21.25
CA THR E 330 -29.13 -44.29 21.70
C THR E 330 -27.77 -43.91 21.13
N PRO E 331 -26.68 -44.39 21.75
CA PRO E 331 -25.35 -44.09 21.18
C PRO E 331 -25.19 -44.52 19.74
N GLN E 332 -25.83 -45.63 19.33
CA GLN E 332 -25.73 -46.08 17.95
C GLN E 332 -26.41 -45.10 17.00
N GLN E 333 -27.57 -44.57 17.39
CA GLN E 333 -28.25 -43.60 16.54
C GLN E 333 -27.43 -42.32 16.40
N ILE E 334 -26.85 -41.84 17.49
CA ILE E 334 -26.07 -40.61 17.45
C ILE E 334 -24.80 -40.81 16.61
N ALA E 335 -24.14 -41.95 16.76
CA ALA E 335 -22.93 -42.21 15.99
C ALA E 335 -23.22 -42.27 14.49
N GLU E 336 -24.34 -42.88 14.11
CA GLU E 336 -24.69 -42.93 12.70
C GLU E 336 -24.98 -41.54 12.14
N ARG E 337 -25.66 -40.70 12.94
CA ARG E 337 -25.95 -39.35 12.48
C ARG E 337 -24.70 -38.49 12.43
N ILE E 338 -23.74 -38.73 13.33
CA ILE E 338 -22.48 -37.99 13.31
C ILE E 338 -21.70 -38.31 12.04
N VAL E 339 -21.58 -39.60 11.71
CA VAL E 339 -20.88 -39.99 10.49
C VAL E 339 -21.62 -39.52 9.25
N ALA E 340 -22.96 -39.49 9.29
CA ALA E 340 -23.71 -38.96 8.17
C ALA E 340 -23.43 -37.48 7.98
N LEU E 341 -23.29 -36.72 9.07
CA LEU E 341 -22.90 -35.32 8.96
C LEU E 341 -21.47 -35.18 8.44
N LYS E 342 -20.58 -36.11 8.80
CA LYS E 342 -19.24 -36.08 8.26
C LYS E 342 -19.25 -36.24 6.74
N ALA E 343 -20.22 -36.99 6.21
CA ALA E 343 -20.30 -37.22 4.77
C ALA E 343 -20.66 -35.96 4.00
N VAL E 344 -21.34 -35.01 4.63
CA VAL E 344 -21.74 -33.77 3.97
C VAL E 344 -20.76 -32.63 4.23
N GLY E 345 -19.62 -32.92 4.85
CA GLY E 345 -18.56 -31.93 5.03
C GLY E 345 -18.31 -31.48 6.45
N VAL E 346 -18.99 -32.05 7.44
CA VAL E 346 -18.79 -31.66 8.84
C VAL E 346 -17.48 -32.27 9.34
N ASP E 347 -16.64 -31.44 9.95
CA ASP E 347 -15.36 -31.88 10.48
C ASP E 347 -15.29 -31.86 12.00
N LEU E 348 -16.26 -31.23 12.67
CA LEU E 348 -16.25 -31.13 14.12
C LEU E 348 -17.67 -31.03 14.64
N VAL E 349 -17.90 -31.57 15.83
CA VAL E 349 -19.19 -31.49 16.50
C VAL E 349 -19.01 -30.76 17.82
N LEU E 350 -19.70 -29.65 17.98
CA LEU E 350 -19.71 -28.88 19.22
C LEU E 350 -20.90 -29.35 20.05
N ALA E 351 -20.62 -30.03 21.16
CA ALA E 351 -21.64 -30.71 21.93
C ALA E 351 -22.06 -29.89 23.14
N GLY E 352 -23.37 -29.82 23.38
CA GLY E 352 -23.92 -29.29 24.60
C GLY E 352 -24.63 -30.41 25.35
N PHE E 353 -24.57 -30.35 26.68
CA PHE E 353 -25.11 -31.40 27.52
C PHE E 353 -25.96 -30.82 28.64
N LEU E 354 -26.81 -31.67 29.20
CA LEU E 354 -27.64 -31.27 30.35
C LEU E 354 -26.87 -31.43 31.65
N HIS E 355 -26.23 -32.59 31.84
CA HIS E 355 -25.36 -32.83 32.99
C HIS E 355 -23.97 -33.06 32.43
N PHE E 356 -23.12 -32.02 32.48
CA PHE E 356 -21.89 -32.03 31.70
C PHE E 356 -20.92 -33.12 32.15
N GLN E 357 -20.61 -33.18 33.46
CA GLN E 357 -19.58 -34.11 33.90
C GLN E 357 -19.95 -35.56 33.62
N GLU E 358 -21.21 -35.93 33.86
CA GLU E 358 -21.60 -37.33 33.69
C GLU E 358 -21.83 -37.69 32.22
N GLU E 359 -22.35 -36.76 31.42
CA GLU E 359 -22.65 -37.07 30.02
C GLU E 359 -21.43 -36.96 29.12
N VAL E 360 -20.44 -36.14 29.49
CA VAL E 360 -19.18 -36.14 28.75
C VAL E 360 -18.47 -37.48 28.91
N GLU E 361 -18.42 -38.00 30.14
CA GLU E 361 -17.83 -39.31 30.36
C GLU E 361 -18.62 -40.40 29.65
N TYR E 362 -19.95 -40.32 29.71
CA TYR E 362 -20.78 -41.25 28.97
C TYR E 362 -20.51 -41.17 27.47
N PHE E 363 -20.31 -39.95 26.96
CA PHE E 363 -20.06 -39.77 25.53
C PHE E 363 -18.77 -40.48 25.10
N GLY E 364 -17.70 -40.33 25.88
CA GLY E 364 -16.43 -40.93 25.51
C GLY E 364 -16.38 -42.44 25.63
N GLN E 365 -17.26 -43.03 26.44
CA GLN E 365 -17.26 -44.48 26.65
C GLN E 365 -18.29 -45.20 25.79
N ARG E 366 -19.33 -44.52 25.35
CA ARG E 366 -20.45 -45.14 24.65
C ARG E 366 -20.61 -44.66 23.22
N VAL E 367 -20.55 -43.35 22.99
CA VAL E 367 -20.83 -42.80 21.67
C VAL E 367 -19.57 -42.69 20.82
N LEU E 368 -18.50 -42.15 21.39
CA LEU E 368 -17.28 -41.94 20.62
C LEU E 368 -16.67 -43.22 20.05
N PRO E 369 -16.54 -44.33 20.79
CA PRO E 369 -16.02 -45.54 20.15
C PRO E 369 -16.86 -46.02 18.98
N LEU E 370 -18.18 -45.85 19.04
CA LEU E 370 -19.02 -46.23 17.91
C LEU E 370 -18.77 -45.32 16.71
N VAL E 371 -18.51 -44.04 16.96
CA VAL E 371 -18.21 -43.12 15.87
C VAL E 371 -16.93 -43.53 15.16
N ARG E 372 -15.90 -43.90 15.94
CA ARG E 372 -14.63 -44.29 15.33
C ARG E 372 -14.78 -45.56 14.50
N GLU E 373 -15.57 -46.52 14.98
CA GLU E 373 -15.78 -47.74 14.21
C GLU E 373 -16.54 -47.46 12.92
N LEU E 374 -17.56 -46.61 12.97
CA LEU E 374 -18.29 -46.26 11.76
C LEU E 374 -17.41 -45.49 10.79
N GLU E 375 -16.46 -44.69 11.29
CA GLU E 375 -15.53 -44.00 10.41
C GLU E 375 -14.59 -44.99 9.71
N ALA E 376 -14.08 -45.97 10.45
CA ALA E 376 -13.20 -46.97 9.85
C ALA E 376 -13.93 -47.81 8.80
N LYS E 377 -15.22 -48.06 9.01
CA LYS E 377 -16.00 -48.81 8.02
C LYS E 377 -16.08 -48.04 6.70
N ALA E 378 -16.31 -46.73 6.77
CA ALA E 378 -16.39 -45.94 5.55
C ALA E 378 -15.03 -45.76 4.90
N GLN E 379 -13.96 -45.70 5.70
CA GLN E 379 -12.62 -45.54 5.13
C GLN E 379 -12.21 -46.75 4.31
N SER E 380 -12.51 -47.96 4.80
CA SER E 380 -12.14 -49.16 4.07
C SER E 380 -13.00 -49.34 2.81
N ALA E 381 -14.26 -48.91 2.86
CA ALA E 381 -15.11 -49.01 1.68
C ALA E 381 -14.70 -48.04 0.58
N ARG E 382 -14.08 -46.90 0.95
CA ARG E 382 -13.65 -45.94 -0.06
C ARG E 382 -12.41 -46.43 -0.80
N THR E 383 -11.52 -47.15 -0.13
CA THR E 383 -10.29 -47.64 -0.75
C THR E 383 -10.48 -49.03 -1.36
N ALA E 384 -11.48 -49.16 -2.22
CA ALA E 384 -11.79 -50.42 -2.91
C ALA E 384 -11.98 -51.59 -1.94
N GLN F 26 2.27 2.21 61.59
CA GLN F 26 3.54 1.73 62.13
C GLN F 26 3.60 0.20 62.14
N GLN F 27 3.00 -0.41 61.12
CA GLN F 27 3.05 -1.86 60.98
C GLN F 27 4.42 -2.30 60.47
N ALA F 28 4.59 -3.62 60.33
CA ALA F 28 5.85 -4.15 59.83
C ALA F 28 6.07 -3.74 58.39
N VAL F 29 7.32 -3.49 58.03
CA VAL F 29 7.65 -3.09 56.67
C VAL F 29 7.35 -4.24 55.72
N LYS F 30 6.60 -3.94 54.66
CA LYS F 30 6.31 -4.91 53.62
C LYS F 30 7.39 -4.85 52.54
N PHE F 31 7.56 -5.97 51.83
CA PHE F 31 8.61 -6.08 50.83
C PHE F 31 8.03 -6.56 49.51
N ALA F 32 8.47 -5.95 48.42
CA ALA F 32 8.08 -6.34 47.07
C ALA F 32 9.31 -6.36 46.19
N TYR F 33 9.23 -7.15 45.11
CA TYR F 33 10.34 -7.27 44.17
C TYR F 33 9.83 -7.10 42.75
N TRP F 34 10.70 -6.55 41.90
CA TRP F 34 10.38 -6.44 40.48
C TRP F 34 10.39 -7.82 39.84
N VAL F 35 9.25 -8.20 39.24
CA VAL F 35 9.18 -9.46 38.50
C VAL F 35 9.85 -9.25 37.16
N PRO F 36 10.89 -10.01 36.84
CA PRO F 36 11.54 -9.89 35.52
C PRO F 36 10.78 -10.63 34.42
N ASN F 37 9.55 -10.18 34.16
CA ASN F 37 8.75 -10.76 33.08
C ASN F 37 9.06 -10.17 31.72
N VAL F 38 9.99 -9.22 31.64
CA VAL F 38 10.50 -8.71 30.38
C VAL F 38 12.01 -8.97 30.33
N SER F 39 12.53 -9.17 29.13
CA SER F 39 13.93 -9.51 28.99
C SER F 39 14.80 -8.26 29.18
N GLY F 40 16.11 -8.49 29.30
CA GLY F 40 17.07 -7.43 29.42
C GLY F 40 17.48 -7.12 30.84
N GLY F 41 16.58 -7.30 31.80
CA GLY F 41 16.87 -6.96 33.18
C GLY F 41 17.17 -5.48 33.33
N LEU F 42 18.44 -5.16 33.54
CA LEU F 42 18.92 -3.77 33.60
C LEU F 42 19.84 -3.59 32.38
N VAL F 43 19.27 -3.12 31.28
CA VAL F 43 19.99 -3.04 30.01
C VAL F 43 21.02 -1.93 29.96
N VAL F 44 20.98 -0.97 30.88
CA VAL F 44 21.95 0.12 30.87
C VAL F 44 23.36 -0.35 31.19
N SER F 45 23.53 -1.59 31.66
CA SER F 45 24.84 -2.16 31.93
C SER F 45 24.98 -3.48 31.19
N ARG F 46 26.20 -3.77 30.73
CA ARG F 46 26.50 -4.98 30.00
C ARG F 46 26.99 -6.12 30.90
N ILE F 47 26.86 -5.97 32.22
CA ILE F 47 27.28 -7.02 33.13
C ILE F 47 26.38 -8.23 33.00
N GLU F 48 26.96 -9.41 33.20
CA GLU F 48 26.18 -10.65 33.13
C GLU F 48 25.18 -10.69 34.27
N GLN F 49 23.95 -11.07 33.96
CA GLN F 49 22.87 -11.10 34.94
C GLN F 49 22.18 -12.46 34.88
N ARG F 50 21.95 -13.06 36.04
CA ARG F 50 21.20 -14.31 36.16
C ARG F 50 19.72 -14.04 36.40
N THR F 51 19.11 -13.24 35.52
CA THR F 51 17.71 -12.86 35.62
C THR F 51 17.04 -13.18 34.29
N ASP F 52 16.39 -14.33 34.21
CA ASP F 52 15.70 -14.76 33.01
C ASP F 52 14.25 -14.28 33.03
N TRP F 53 13.69 -14.12 31.84
CA TRP F 53 12.30 -13.67 31.68
C TRP F 53 11.33 -14.82 31.46
N GLY F 54 11.81 -16.07 31.47
CA GLY F 54 10.93 -17.19 31.24
C GLY F 54 10.05 -17.51 32.44
N ILE F 55 9.04 -18.34 32.19
CA ILE F 55 8.09 -18.70 33.23
C ILE F 55 8.73 -19.66 34.25
N ASP F 56 9.58 -20.56 33.78
CA ASP F 56 10.22 -21.51 34.70
C ASP F 56 11.08 -20.78 35.72
N TYR F 57 11.87 -19.80 35.25
CA TYR F 57 12.69 -19.03 36.18
C TYR F 57 11.83 -18.25 37.17
N ASN F 58 10.73 -17.65 36.68
CA ASN F 58 9.91 -16.81 37.54
C ASN F 58 9.03 -17.62 38.50
N ARG F 59 8.66 -18.85 38.13
CA ARG F 59 7.94 -19.70 39.06
C ARG F 59 8.78 -19.97 40.31
N LYS F 60 10.05 -20.33 40.10
CA LYS F 60 10.94 -20.56 41.23
C LYS F 60 11.19 -19.26 42.00
N LEU F 61 11.37 -18.15 41.28
CA LEU F 61 11.64 -16.87 41.94
C LEU F 61 10.46 -16.45 42.81
N ALA F 62 9.24 -16.63 42.32
CA ALA F 62 8.07 -16.28 43.11
C ALA F 62 7.98 -17.14 44.36
N GLN F 63 8.25 -18.44 44.24
CA GLN F 63 8.25 -19.31 45.41
C GLN F 63 9.37 -18.95 46.37
N LEU F 64 10.55 -18.60 45.84
CA LEU F 64 11.64 -18.15 46.70
C LEU F 64 11.29 -16.85 47.40
N ALA F 65 10.66 -15.92 46.69
CA ALA F 65 10.30 -14.64 47.32
C ALA F 65 9.23 -14.84 48.39
N GLU F 66 8.28 -15.74 48.14
CA GLU F 66 7.25 -16.02 49.13
C GLU F 66 7.85 -16.63 50.39
N ALA F 67 8.79 -17.57 50.23
CA ALA F 67 9.45 -18.17 51.39
C ALA F 67 10.37 -17.19 52.09
N ALA F 68 10.95 -16.24 51.36
CA ALA F 68 11.85 -15.26 51.94
C ALA F 68 11.13 -14.20 52.75
N GLY F 69 9.81 -14.12 52.66
CA GLY F 69 9.04 -13.13 53.40
C GLY F 69 8.51 -11.98 52.56
N PHE F 70 8.71 -11.98 51.25
CA PHE F 70 8.15 -10.95 50.40
C PHE F 70 6.64 -11.11 50.32
N GLU F 71 5.93 -9.98 50.36
CA GLU F 71 4.47 -9.98 50.30
C GLU F 71 3.93 -9.75 48.90
N TYR F 72 4.60 -8.91 48.11
CA TYR F 72 4.10 -8.54 46.79
C TYR F 72 5.13 -8.86 45.70
N ALA F 73 4.62 -9.15 44.51
CA ALA F 73 5.41 -9.30 43.30
C ALA F 73 4.84 -8.33 42.27
N LEU F 74 5.68 -7.45 41.74
CA LEU F 74 5.24 -6.40 40.83
C LEU F 74 5.68 -6.76 39.41
N THR F 75 4.71 -6.98 38.53
CA THR F 75 4.99 -7.26 37.13
C THR F 75 5.16 -5.96 36.35
N GLN F 76 5.77 -6.08 35.17
CA GLN F 76 5.97 -4.96 34.25
C GLN F 76 5.13 -5.20 33.01
N ILE F 77 4.69 -4.11 32.39
CA ILE F 77 3.83 -4.17 31.21
C ILE F 77 4.55 -3.53 30.03
N ARG F 78 4.60 -4.27 28.92
CA ARG F 78 5.15 -3.79 27.67
C ARG F 78 4.38 -4.45 26.54
N PHE F 79 4.30 -3.77 25.39
CA PHE F 79 3.57 -4.32 24.26
C PHE F 79 4.42 -4.60 23.04
N THR F 80 5.33 -3.71 22.66
CA THR F 80 6.15 -3.92 21.48
C THR F 80 7.59 -4.23 21.87
N ALA F 81 8.26 -5.00 21.01
CA ALA F 81 9.65 -5.37 21.26
C ALA F 81 10.55 -4.16 21.08
N GLY F 82 11.53 -4.04 21.96
CA GLY F 82 12.48 -2.94 21.92
C GLY F 82 12.40 -2.10 23.18
N TYR F 83 13.04 -0.93 23.11
CA TYR F 83 13.10 0.00 24.24
C TYR F 83 13.70 -0.66 25.48
N GLY F 84 14.69 -1.53 25.26
CA GLY F 84 15.39 -2.22 26.32
C GLY F 84 14.88 -3.62 26.60
N ALA F 85 13.68 -3.96 26.15
CA ALA F 85 13.08 -5.28 26.41
C ALA F 85 12.74 -5.92 25.07
N GLU F 86 13.53 -6.91 24.67
CA GLU F 86 13.27 -7.61 23.41
C GLU F 86 12.08 -8.56 23.53
N PHE F 87 12.01 -9.32 24.62
CA PHE F 87 10.93 -10.28 24.85
C PHE F 87 10.14 -9.86 26.07
N GLN F 88 8.82 -9.83 25.95
CA GLN F 88 7.94 -9.36 27.01
C GLN F 88 6.75 -10.29 27.14
N HIS F 89 6.53 -10.82 28.34
CA HIS F 89 5.34 -11.58 28.64
C HIS F 89 4.22 -10.64 29.08
N GLU F 90 3.00 -10.95 28.68
CA GLU F 90 1.87 -10.11 29.05
C GLU F 90 1.65 -10.18 30.56
N SER F 91 1.48 -9.00 31.18
CA SER F 91 1.55 -8.90 32.63
C SER F 91 0.42 -9.64 33.33
N VAL F 92 -0.81 -9.54 32.82
CA VAL F 92 -1.96 -10.11 33.52
C VAL F 92 -1.91 -11.63 33.48
N ALA F 93 -1.68 -12.21 32.30
CA ALA F 93 -1.57 -13.66 32.20
C ALA F 93 -0.38 -14.17 33.00
N PHE F 94 0.73 -13.45 32.97
CA PHE F 94 1.90 -13.85 33.76
C PHE F 94 1.60 -13.76 35.25
N SER F 95 0.83 -12.74 35.65
CA SER F 95 0.43 -12.64 37.05
C SER F 95 -0.40 -13.84 37.47
N HIS F 96 -1.30 -14.28 36.60
CA HIS F 96 -2.11 -15.46 36.90
C HIS F 96 -1.23 -16.70 37.07
N ALA F 97 -0.18 -16.82 36.25
CA ALA F 97 0.70 -17.98 36.35
C ALA F 97 1.51 -17.96 37.65
N LEU F 98 2.00 -16.79 38.05
CA LEU F 98 2.76 -16.70 39.29
C LEU F 98 1.88 -16.99 40.51
N LEU F 99 0.62 -16.54 40.47
CA LEU F 99 -0.29 -16.81 41.58
C LEU F 99 -0.58 -18.29 41.71
N ALA F 100 -0.72 -19.00 40.58
CA ALA F 100 -1.01 -20.42 40.62
C ALA F 100 0.17 -21.23 41.15
N ALA F 101 1.37 -20.66 41.14
CA ALA F 101 2.56 -21.35 41.64
C ALA F 101 2.87 -20.98 43.09
N THR F 102 2.04 -20.16 43.74
CA THR F 102 2.27 -19.74 45.12
C THR F 102 1.00 -19.96 45.94
N SER F 103 1.09 -19.65 47.23
CA SER F 103 -0.03 -19.83 48.15
C SER F 103 -0.44 -18.53 48.82
N GLN F 104 0.51 -17.77 49.36
CA GLN F 104 0.21 -16.51 50.04
C GLN F 104 0.83 -15.30 49.37
N LEU F 105 1.70 -15.48 48.39
CA LEU F 105 2.31 -14.34 47.71
C LEU F 105 1.25 -13.59 46.91
N LYS F 106 1.30 -12.27 46.96
CA LYS F 106 0.41 -11.41 46.20
C LYS F 106 1.14 -10.89 44.97
N VAL F 107 0.44 -10.86 43.83
CA VAL F 107 1.03 -10.42 42.58
C VAL F 107 0.29 -9.19 42.08
N ILE F 108 1.05 -8.15 41.76
CA ILE F 108 0.49 -6.88 41.27
C ILE F 108 0.55 -6.91 39.75
N ALA F 109 -0.61 -6.92 39.11
CA ALA F 109 -0.69 -6.94 37.66
C ALA F 109 -0.59 -5.52 37.11
N ALA F 110 0.33 -5.32 36.16
CA ALA F 110 0.52 -4.00 35.58
C ALA F 110 -0.50 -3.77 34.47
N ILE F 111 -1.14 -2.59 34.49
CA ILE F 111 -2.19 -2.25 33.53
C ILE F 111 -1.84 -0.91 32.91
N LEU F 112 -1.96 -0.81 31.58
CA LEU F 112 -1.66 0.41 30.83
C LEU F 112 -2.92 0.92 30.15
N PRO F 113 -3.56 1.97 30.68
CA PRO F 113 -4.72 2.55 30.00
C PRO F 113 -4.37 2.99 28.59
N GLY F 114 -5.35 2.90 27.69
CA GLY F 114 -5.08 2.97 26.28
C GLY F 114 -5.35 1.62 25.64
N PRO F 115 -4.29 0.83 25.43
CA PRO F 115 -4.51 -0.55 24.97
C PRO F 115 -5.37 -1.37 25.92
N TRP F 116 -5.43 -1.00 27.20
CA TRP F 116 -6.33 -1.62 28.15
C TRP F 116 -7.55 -0.74 28.36
N GLN F 117 -8.69 -1.38 28.57
CA GLN F 117 -9.92 -0.69 28.93
C GLN F 117 -10.42 -1.19 30.28
N PRO F 118 -11.01 -0.32 31.10
CA PRO F 118 -11.35 -0.72 32.48
C PRO F 118 -12.36 -1.85 32.57
N ALA F 119 -13.32 -1.93 31.64
CA ALA F 119 -14.33 -2.98 31.73
C ALA F 119 -13.69 -4.36 31.63
N LEU F 120 -12.80 -4.55 30.65
CA LEU F 120 -12.10 -5.83 30.55
C LEU F 120 -11.13 -6.04 31.69
N ALA F 121 -10.40 -4.97 32.07
CA ALA F 121 -9.44 -5.09 33.16
C ALA F 121 -10.15 -5.45 34.47
N ALA F 122 -11.30 -4.83 34.73
CA ALA F 122 -12.02 -5.13 35.96
C ALA F 122 -12.51 -6.57 35.97
N LYS F 123 -13.05 -7.06 34.85
CA LYS F 123 -13.60 -8.40 34.83
C LYS F 123 -12.52 -9.47 34.83
N GLN F 124 -11.43 -9.24 34.11
CA GLN F 124 -10.36 -10.24 34.08
C GLN F 124 -9.68 -10.35 35.44
N LEU F 125 -9.39 -9.20 36.07
CA LEU F 125 -8.76 -9.23 37.39
C LEU F 125 -9.68 -9.81 38.45
N ALA F 126 -11.00 -9.61 38.31
CA ALA F 126 -11.93 -10.18 39.28
C ALA F 126 -11.99 -11.69 39.17
N THR F 127 -12.00 -12.23 37.94
CA THR F 127 -12.01 -13.68 37.76
C THR F 127 -10.71 -14.30 38.28
N ILE F 128 -9.57 -13.70 37.96
CA ILE F 128 -8.30 -14.20 38.47
C ILE F 128 -8.28 -14.12 39.99
N ASP F 129 -8.87 -13.06 40.56
CA ASP F 129 -8.96 -12.92 42.00
C ASP F 129 -9.76 -14.08 42.61
N GLN F 130 -10.84 -14.49 41.95
CA GLN F 130 -11.61 -15.63 42.44
C GLN F 130 -10.82 -16.92 42.36
N LEU F 131 -10.02 -17.09 41.31
CA LEU F 131 -9.27 -18.32 41.11
C LEU F 131 -8.01 -18.41 41.96
N THR F 132 -7.58 -17.31 42.58
CA THR F 132 -6.32 -17.28 43.32
C THR F 132 -6.50 -16.85 44.76
N ASN F 133 -7.71 -17.01 45.30
CA ASN F 133 -8.01 -16.70 46.71
C ASN F 133 -7.71 -15.24 47.05
N GLY F 134 -8.06 -14.34 46.13
CA GLY F 134 -7.96 -12.91 46.37
C GLY F 134 -6.56 -12.37 46.61
N ARG F 135 -5.60 -12.76 45.77
CA ARG F 135 -4.21 -12.38 45.96
C ARG F 135 -3.68 -11.50 44.82
N ILE F 136 -4.55 -10.85 44.07
CA ILE F 136 -4.13 -10.07 42.90
C ILE F 136 -4.31 -8.58 43.19
N ALA F 137 -3.35 -7.79 42.74
CA ALA F 137 -3.38 -6.33 42.82
C ALA F 137 -3.13 -5.76 41.43
N VAL F 138 -3.24 -4.44 41.31
CA VAL F 138 -3.13 -3.76 40.03
C VAL F 138 -2.22 -2.54 40.18
N ASN F 139 -1.36 -2.33 39.19
CA ASN F 139 -0.49 -1.17 39.10
C ASN F 139 -0.81 -0.41 37.81
N ILE F 140 -1.32 0.80 37.96
CA ILE F 140 -1.74 1.61 36.82
C ILE F 140 -0.56 2.41 36.31
N VAL F 141 -0.13 2.13 35.09
CA VAL F 141 1.00 2.79 34.44
C VAL F 141 0.44 3.71 33.36
N SER F 142 0.94 4.94 33.30
CA SER F 142 0.47 5.90 32.30
C SER F 142 1.30 5.91 31.02
N GLY F 143 2.35 5.09 30.94
CA GLY F 143 3.13 4.99 29.72
C GLY F 143 4.23 6.03 29.61
N TRP F 144 5.39 5.62 29.10
CA TRP F 144 6.54 6.48 28.94
C TRP F 144 7.05 6.58 27.51
N PHE F 145 6.80 5.57 26.67
CA PHE F 145 7.34 5.50 25.32
C PHE F 145 6.21 5.76 24.33
N ARG F 146 6.26 6.92 23.67
CA ARG F 146 5.24 7.25 22.69
C ARG F 146 5.26 6.28 21.52
N GLY F 147 6.45 5.81 21.13
CA GLY F 147 6.55 4.89 20.02
C GLY F 147 5.79 3.59 20.23
N GLU F 148 5.69 3.15 21.49
CA GLU F 148 4.91 1.95 21.78
C GLU F 148 3.43 2.17 21.50
N PHE F 149 2.90 3.34 21.89
CA PHE F 149 1.51 3.65 21.57
C PHE F 149 1.30 3.75 20.06
N GLN F 150 2.25 4.35 19.35
CA GLN F 150 2.13 4.48 17.90
C GLN F 150 2.09 3.12 17.22
N ALA F 151 2.89 2.17 17.71
CA ALA F 151 2.93 0.85 17.08
C ALA F 151 1.59 0.13 17.19
N ILE F 152 0.86 0.35 18.29
CA ILE F 152 -0.39 -0.34 18.53
C ILE F 152 -1.61 0.52 18.18
N GLY F 153 -1.41 1.62 17.45
CA GLY F 153 -2.52 2.40 16.96
C GLY F 153 -3.16 3.35 17.96
N GLU F 154 -2.55 3.55 19.12
CA GLU F 154 -3.11 4.44 20.13
C GLU F 154 -2.54 5.85 19.98
N HIS F 155 -3.40 6.85 20.19
CA HIS F 155 -2.96 8.23 20.15
C HIS F 155 -2.17 8.57 21.41
N TRP F 156 -1.29 9.55 21.29
CA TRP F 156 -0.40 9.96 22.38
C TRP F 156 -0.99 11.21 23.01
N LEU F 157 -1.62 11.05 24.16
CA LEU F 157 -2.20 12.18 24.88
C LEU F 157 -1.12 12.97 25.62
N GLU F 158 -1.45 14.22 25.94
CA GLU F 158 -0.54 15.07 26.71
C GLU F 158 -0.30 14.45 28.08
N HIS F 159 0.85 14.80 28.67
CA HIS F 159 1.29 14.17 29.91
C HIS F 159 0.21 14.19 30.99
N ASP F 160 -0.28 15.37 31.34
CA ASP F 160 -1.32 15.45 32.36
C ASP F 160 -2.62 14.81 31.88
N GLU F 161 -2.88 14.86 30.57
CA GLU F 161 -4.08 14.23 30.04
C GLU F 161 -4.04 12.72 30.22
N ARG F 162 -2.86 12.11 30.12
CA ARG F 162 -2.74 10.68 30.39
C ARG F 162 -3.08 10.35 31.83
N TYR F 163 -2.78 11.25 32.76
CA TYR F 163 -3.12 11.01 34.16
C TYR F 163 -4.60 11.23 34.44
N ARG F 164 -5.27 12.11 33.68
CA ARG F 164 -6.71 12.23 33.82
CA ARG F 164 -6.72 12.23 33.82
C ARG F 164 -7.40 10.93 33.39
N ARG F 165 -6.96 10.35 32.28
CA ARG F 165 -7.54 9.08 31.84
C ARG F 165 -7.27 7.95 32.82
N SER F 166 -6.07 7.91 33.39
CA SER F 166 -5.76 6.87 34.36
C SER F 166 -6.61 7.01 35.60
N GLU F 167 -6.90 8.25 36.02
CA GLU F 167 -7.76 8.45 37.18
C GLU F 167 -9.18 7.97 36.88
N GLU F 168 -9.69 8.25 35.69
CA GLU F 168 -10.98 7.67 35.31
C GLU F 168 -10.90 6.16 35.24
N PHE F 169 -9.76 5.62 34.82
CA PHE F 169 -9.56 4.18 34.81
C PHE F 169 -9.61 3.60 36.22
N ILE F 170 -8.98 4.27 37.18
CA ILE F 170 -8.96 3.77 38.55
C ILE F 170 -10.35 3.86 39.18
N ARG F 171 -11.05 4.97 38.97
CA ARG F 171 -12.39 5.12 39.51
C ARG F 171 -13.33 4.06 38.94
N SER F 172 -13.15 3.72 37.65
CA SER F 172 -13.97 2.66 37.06
C SER F 172 -13.71 1.31 37.72
N LEU F 173 -12.44 1.01 38.03
CA LEU F 173 -12.13 -0.25 38.70
C LEU F 173 -12.76 -0.30 40.08
N ARG F 174 -12.63 0.78 40.85
CA ARG F 174 -13.19 0.81 42.20
C ARG F 174 -14.71 0.69 42.19
N GLY F 175 -15.38 1.40 41.28
CA GLY F 175 -16.83 1.34 41.24
C GLY F 175 -17.36 0.00 40.80
N ILE F 176 -16.75 -0.58 39.76
CA ILE F 176 -17.20 -1.88 39.26
C ILE F 176 -17.01 -2.96 40.32
N TRP F 177 -15.88 -2.94 41.03
CA TRP F 177 -15.55 -4.00 41.97
C TRP F 177 -16.37 -3.94 43.25
N SER F 178 -16.99 -2.81 43.58
CA SER F 178 -17.62 -2.71 44.90
C SER F 178 -19.14 -2.53 44.88
N GLN F 179 -19.73 -2.07 43.78
CA GLN F 179 -21.17 -1.83 43.75
C GLN F 179 -21.79 -2.42 42.49
N ASP F 180 -23.03 -2.89 42.62
CA ASP F 180 -23.82 -3.23 41.45
C ASP F 180 -24.40 -1.96 40.84
N ASN F 181 -24.86 -2.09 39.59
CA ASN F 181 -25.40 -0.99 38.81
C ASN F 181 -24.51 0.25 38.92
N PHE F 182 -23.31 0.10 38.36
CA PHE F 182 -22.31 1.16 38.39
C PHE F 182 -22.53 2.08 37.21
N THR F 183 -22.53 3.39 37.46
CA THR F 183 -22.69 4.39 36.41
C THR F 183 -21.58 5.42 36.53
N PHE F 184 -20.93 5.72 35.41
CA PHE F 184 -19.80 6.63 35.38
C PHE F 184 -19.85 7.36 34.06
N ARG F 185 -19.82 8.70 34.11
CA ARG F 185 -19.89 9.54 32.92
C ARG F 185 -18.59 10.31 32.84
N GLY F 186 -17.55 9.66 32.34
CA GLY F 186 -16.24 10.26 32.26
C GLY F 186 -15.94 10.82 30.87
N ASP F 187 -14.82 11.54 30.79
CA ASP F 187 -14.36 12.03 29.50
C ASP F 187 -13.73 10.92 28.66
N PHE F 188 -13.26 9.85 29.30
CA PHE F 188 -12.62 8.74 28.61
C PHE F 188 -13.39 7.44 28.69
N TYR F 189 -14.13 7.19 29.77
CA TYR F 189 -14.84 5.94 29.96
C TYR F 189 -16.25 6.20 30.46
N ARG F 190 -17.20 5.42 29.95
CA ARG F 190 -18.61 5.49 30.32
C ARG F 190 -19.07 4.14 30.82
N PHE F 191 -19.95 4.16 31.84
CA PHE F 191 -20.62 2.96 32.33
C PHE F 191 -22.06 3.32 32.66
N ASP F 192 -22.98 2.41 32.32
CA ASP F 192 -24.42 2.65 32.48
C ASP F 192 -25.05 1.42 33.14
N ASN F 193 -25.26 1.50 34.45
CA ASN F 193 -25.90 0.43 35.22
C ASN F 193 -25.20 -0.90 35.01
N TYR F 194 -23.87 -0.87 35.06
CA TYR F 194 -23.07 -2.07 34.85
C TYR F 194 -22.91 -2.82 36.16
N SER F 195 -23.20 -4.12 36.11
CA SER F 195 -23.11 -5.00 37.28
C SER F 195 -22.15 -6.13 36.93
N LEU F 196 -20.98 -6.15 37.56
CA LEU F 196 -20.00 -7.20 37.37
C LEU F 196 -20.27 -8.32 38.37
N LYS F 197 -20.46 -9.54 37.85
CA LYS F 197 -20.64 -10.72 38.69
C LYS F 197 -19.91 -11.87 38.01
N PRO F 198 -19.02 -12.57 38.72
CA PRO F 198 -18.70 -12.32 40.13
C PRO F 198 -17.66 -11.21 40.32
N LYS F 199 -17.69 -10.60 41.50
CA LYS F 199 -16.74 -9.58 41.91
C LYS F 199 -15.51 -10.23 42.53
N PRO F 200 -14.44 -9.47 42.76
CA PRO F 200 -13.27 -10.04 43.42
C PRO F 200 -13.59 -10.57 44.81
N LEU F 201 -12.87 -11.62 45.21
CA LEU F 201 -13.02 -12.15 46.56
C LEU F 201 -12.62 -11.12 47.60
N GLY F 202 -11.50 -10.44 47.38
CA GLY F 202 -11.05 -9.38 48.24
C GLY F 202 -11.20 -8.01 47.60
N ARG F 203 -10.46 -7.05 48.13
CA ARG F 203 -10.44 -5.70 47.58
C ARG F 203 -9.05 -5.49 46.97
N PRO F 204 -8.91 -5.59 45.64
CA PRO F 204 -7.58 -5.46 45.03
C PRO F 204 -7.00 -4.08 45.29
N GLU F 205 -5.82 -4.05 45.91
CA GLU F 205 -5.14 -2.80 46.16
C GLU F 205 -4.65 -2.20 44.85
N ILE F 206 -4.61 -0.87 44.80
CA ILE F 206 -4.25 -0.14 43.59
C ILE F 206 -2.92 0.57 43.86
N PHE F 207 -1.87 0.09 43.21
CA PHE F 207 -0.55 0.67 43.30
C PHE F 207 -0.33 1.64 42.14
N GLN F 208 0.49 2.65 42.38
CA GLN F 208 0.74 3.66 41.36
C GLN F 208 2.08 4.33 41.63
N GLY F 209 2.86 4.53 40.57
CA GLY F 209 4.12 5.25 40.69
C GLY F 209 4.05 6.62 40.05
N GLY F 210 5.18 7.11 39.57
CA GLY F 210 5.25 8.42 38.95
C GLY F 210 5.68 9.50 39.93
N SER F 211 6.45 10.47 39.45
CA SER F 211 6.96 11.54 40.29
C SER F 211 6.47 12.93 39.92
N SER F 212 5.75 13.06 38.81
CA SER F 212 5.27 14.37 38.37
C SER F 212 4.14 14.85 39.28
N ARG F 213 3.77 16.12 39.10
CA ARG F 213 2.70 16.69 39.92
C ARG F 213 1.38 15.95 39.69
N ALA F 214 1.07 15.64 38.43
CA ALA F 214 -0.15 14.92 38.13
C ALA F 214 -0.13 13.51 38.72
N ALA F 215 1.04 12.86 38.73
CA ALA F 215 1.12 11.50 39.24
C ALA F 215 0.81 11.44 40.73
N ARG F 216 1.33 12.39 41.51
CA ARG F 216 1.10 12.36 42.94
C ARG F 216 -0.18 13.07 43.37
N ASP F 217 -0.77 13.89 42.48
CA ASP F 217 -2.11 14.40 42.74
C ASP F 217 -3.15 13.31 42.53
N MET F 218 -2.93 12.44 41.55
CA MET F 218 -3.84 11.31 41.35
C MET F 218 -3.70 10.30 42.48
N ALA F 219 -2.46 10.03 42.90
CA ALA F 219 -2.24 9.08 43.99
C ALA F 219 -2.87 9.56 45.27
N ALA F 220 -2.83 10.86 45.53
CA ALA F 220 -3.42 11.44 46.74
C ALA F 220 -4.93 11.42 46.72
N ARG F 221 -5.56 10.94 45.65
CA ARG F 221 -7.01 10.91 45.55
C ARG F 221 -7.58 9.50 45.45
N VAL F 222 -6.99 8.61 44.64
CA VAL F 222 -7.66 7.36 44.31
C VAL F 222 -6.81 6.12 44.54
N SER F 223 -5.52 6.30 44.79
CA SER F 223 -4.60 5.17 44.90
C SER F 223 -4.42 4.72 46.35
N ASP F 224 -4.26 3.41 46.53
CA ASP F 224 -4.01 2.87 47.86
C ASP F 224 -2.53 2.96 48.22
N TRP F 225 -1.65 2.65 47.27
CA TRP F 225 -0.21 2.71 47.45
C TRP F 225 0.39 3.66 46.44
N TYR F 226 1.43 4.38 46.85
CA TYR F 226 2.16 5.27 45.97
C TYR F 226 3.64 4.94 46.05
N PHE F 227 4.25 4.68 44.91
CA PHE F 227 5.68 4.43 44.82
C PHE F 227 6.39 5.77 44.65
N THR F 228 7.18 6.15 45.65
CA THR F 228 7.99 7.36 45.55
C THR F 228 9.36 7.02 44.97
N ASN F 229 9.95 7.99 44.29
CA ASN F 229 11.23 7.77 43.64
C ASN F 229 12.33 7.54 44.67
N GLY F 230 13.29 6.70 44.31
CA GLY F 230 14.42 6.44 45.18
C GLY F 230 15.23 7.68 45.46
N ASN F 231 15.55 7.92 46.74
CA ASN F 231 16.26 9.12 47.14
C ASN F 231 16.90 8.86 48.49
N SER F 232 17.54 9.90 49.04
CA SER F 232 18.14 9.80 50.36
C SER F 232 17.06 9.78 51.44
N VAL F 233 17.48 9.51 52.67
CA VAL F 233 16.54 9.47 53.79
C VAL F 233 15.88 10.83 53.99
N GLU F 234 16.64 11.91 53.80
CA GLU F 234 16.07 13.25 53.94
C GLU F 234 15.13 13.57 52.78
N GLY F 235 15.49 13.17 51.56
CA GLY F 235 14.63 13.43 50.42
C GLY F 235 13.33 12.65 50.47
N ILE F 236 13.38 11.41 50.94
CA ILE F 236 12.18 10.59 51.03
C ILE F 236 11.20 11.18 52.04
N LYS F 237 11.72 11.74 53.14
CA LYS F 237 10.86 12.35 54.15
C LYS F 237 10.08 13.52 53.57
N ALA F 238 10.72 14.33 52.71
CA ALA F 238 10.03 15.45 52.10
C ALA F 238 8.93 14.97 51.16
N GLN F 239 9.20 13.92 50.38
CA GLN F 239 8.19 13.39 49.48
C GLN F 239 7.01 12.80 50.25
N VAL F 240 7.28 12.13 51.36
CA VAL F 240 6.20 11.55 52.16
C VAL F 240 5.31 12.64 52.74
N ASP F 241 5.92 13.71 53.26
CA ASP F 241 5.13 14.79 53.85
C ASP F 241 4.26 15.47 52.81
N ASP F 242 4.78 15.62 51.58
CA ASP F 242 4.00 16.26 50.53
C ASP F 242 2.81 15.40 50.14
N ILE F 243 3.03 14.09 49.97
CA ILE F 243 1.94 13.21 49.52
C ILE F 243 0.90 13.05 50.61
N ARG F 244 1.34 12.95 51.88
CA ARG F 244 0.38 12.81 52.96
C ARG F 244 -0.43 14.09 53.18
N ALA F 245 0.18 15.25 52.95
CA ALA F 245 -0.55 16.50 53.05
C ALA F 245 -1.63 16.60 51.98
N LYS F 246 -1.32 16.21 50.74
CA LYS F 246 -2.32 16.21 49.68
C LYS F 246 -3.42 15.19 49.97
N ALA F 247 -3.05 14.01 50.46
CA ALA F 247 -4.04 12.98 50.74
C ALA F 247 -4.97 13.39 51.88
N ALA F 248 -4.43 14.07 52.90
CA ALA F 248 -5.27 14.52 54.01
C ALA F 248 -6.30 15.53 53.54
N ALA F 249 -5.91 16.42 52.62
CA ALA F 249 -6.85 17.41 52.11
C ALA F 249 -8.00 16.76 51.33
N ASN F 250 -7.75 15.62 50.70
CA ASN F 250 -8.78 14.89 49.97
C ASN F 250 -9.52 13.89 50.83
N HIS F 251 -9.18 13.80 52.13
CA HIS F 251 -9.75 12.78 53.02
C HIS F 251 -9.51 11.38 52.47
N HIS F 252 -8.30 11.15 51.95
CA HIS F 252 -7.93 9.89 51.32
C HIS F 252 -6.70 9.34 52.04
N SER F 253 -6.68 8.02 52.22
CA SER F 253 -5.57 7.35 52.85
C SER F 253 -4.72 6.65 51.80
N VAL F 254 -3.42 6.86 51.84
CA VAL F 254 -2.50 6.24 50.90
C VAL F 254 -1.22 5.83 51.63
N LYS F 255 -0.80 4.59 51.45
CA LYS F 255 0.47 4.11 51.95
C LYS F 255 1.56 4.34 50.91
N ILE F 256 2.80 4.39 51.39
CA ILE F 256 3.93 4.82 50.58
C ILE F 256 4.98 3.71 50.53
N GLY F 257 5.43 3.38 49.32
CA GLY F 257 6.54 2.49 49.10
C GLY F 257 7.64 3.20 48.34
N VAL F 258 8.87 2.70 48.44
CA VAL F 258 10.02 3.32 47.78
C VAL F 258 10.74 2.28 46.93
N ASN F 259 11.10 2.68 45.71
CA ASN F 259 11.85 1.81 44.83
C ASN F 259 13.33 1.83 45.20
N ALA F 260 13.94 0.66 45.22
CA ALA F 260 15.34 0.54 45.60
C ALA F 260 15.96 -0.65 44.89
N PHE F 261 17.20 -0.47 44.42
CA PHE F 261 17.98 -1.54 43.83
C PHE F 261 18.91 -2.06 44.92
N VAL F 262 18.62 -3.25 45.43
CA VAL F 262 19.32 -3.80 46.58
C VAL F 262 20.49 -4.65 46.11
N ILE F 263 21.68 -4.32 46.56
CA ILE F 263 22.89 -5.13 46.32
C ILE F 263 23.45 -5.46 47.70
N ALA F 264 23.08 -6.63 48.22
CA ALA F 264 23.49 -7.06 49.55
C ALA F 264 24.59 -8.10 49.43
N ARG F 265 25.75 -7.81 50.01
CA ARG F 265 26.89 -8.71 50.03
C ARG F 265 27.39 -8.85 51.47
N ASP F 266 28.28 -9.84 51.67
CA ASP F 266 28.80 -10.09 53.01
C ASP F 266 29.72 -8.97 53.49
N THR F 267 30.38 -8.27 52.57
CA THR F 267 31.28 -7.17 52.92
C THR F 267 30.86 -5.92 52.16
N GLU F 268 31.07 -4.77 52.80
CA GLU F 268 30.74 -3.50 52.16
C GLU F 268 31.61 -3.25 50.93
N GLU F 269 32.87 -3.68 50.96
CA GLU F 269 33.74 -3.51 49.80
C GLU F 269 33.25 -4.36 48.63
N GLU F 270 32.79 -5.58 48.90
CA GLU F 270 32.29 -6.45 47.84
C GLU F 270 31.03 -5.86 47.20
N ALA F 271 30.14 -5.29 48.02
CA ALA F 271 28.94 -4.67 47.48
C ALA F 271 29.28 -3.47 46.61
N LYS F 272 30.21 -2.63 47.07
CA LYS F 272 30.64 -1.49 46.27
C LYS F 272 31.37 -1.92 45.00
N ALA F 273 31.95 -3.12 44.98
CA ALA F 273 32.60 -3.62 43.77
C ALA F 273 31.58 -4.04 42.72
N VAL F 274 30.45 -4.59 43.16
CA VAL F 274 29.39 -4.98 42.23
C VAL F 274 28.81 -3.74 41.55
N LEU F 275 28.60 -2.66 42.31
CA LEU F 275 28.11 -1.43 41.72
C LEU F 275 29.10 -0.87 40.70
N ALA F 276 30.40 -1.01 40.97
CA ALA F 276 31.41 -0.53 40.03
C ALA F 276 31.35 -1.32 38.72
N GLN F 277 31.13 -2.63 38.79
CA GLN F 277 31.03 -3.43 37.57
C GLN F 277 29.80 -3.03 36.75
N ILE F 278 28.72 -2.62 37.41
CA ILE F 278 27.54 -2.14 36.69
C ILE F 278 27.86 -0.84 35.97
N ILE F 279 28.55 0.08 36.66
CA ILE F 279 28.87 1.37 36.06
C ILE F 279 29.91 1.21 34.95
N ASP F 280 30.91 0.35 35.18
CA ASP F 280 31.98 0.20 34.19
C ASP F 280 31.46 -0.39 32.88
N GLN F 281 30.55 -1.35 32.97
CA GLN F 281 30.01 -2.02 31.78
C GLN F 281 28.76 -1.33 31.22
N ALA F 282 28.62 -0.03 31.47
CA ALA F 282 27.47 0.71 30.96
C ALA F 282 27.66 1.10 29.50
N THR F 312 28.99 6.61 34.22
CA THR F 312 29.16 7.13 35.58
C THR F 312 27.94 6.82 36.45
N PHE F 313 28.06 7.06 37.76
CA PHE F 313 26.96 6.81 38.66
C PHE F 313 25.83 7.81 38.46
N GLU F 314 26.15 9.07 38.13
CA GLU F 314 25.11 10.05 37.88
C GLU F 314 24.27 9.68 36.67
N ASP F 315 24.85 8.97 35.70
CA ASP F 315 24.08 8.49 34.56
C ASP F 315 23.23 7.28 34.92
N LEU F 316 23.70 6.45 35.85
CA LEU F 316 22.96 5.25 36.22
C LEU F 316 21.63 5.58 36.89
N VAL F 317 21.63 6.60 37.75
CA VAL F 317 20.40 6.99 38.45
C VAL F 317 19.36 7.59 37.51
N GLN F 318 19.79 8.07 36.34
CA GLN F 318 18.83 8.60 35.37
C GLN F 318 17.96 7.51 34.78
N TYR F 319 18.45 6.27 34.73
CA TYR F 319 17.70 5.16 34.16
C TYR F 319 16.94 4.38 35.23
N ASN F 320 17.59 4.07 36.35
CA ASN F 320 16.97 3.36 37.45
C ASN F 320 17.15 4.20 38.70
N ASP F 321 16.06 4.78 39.20
CA ASP F 321 16.14 5.65 40.38
C ASP F 321 16.32 4.88 41.68
N GLY F 322 16.28 3.53 41.63
CA GLY F 322 16.42 2.75 42.84
C GLY F 322 17.81 2.78 43.44
N PHE F 323 18.82 3.17 42.66
CA PHE F 323 20.18 3.25 43.19
C PHE F 323 20.33 4.40 44.18
N LYS F 324 19.51 5.45 44.04
CA LYS F 324 19.61 6.59 44.95
C LYS F 324 19.17 6.24 46.36
N THR F 325 18.37 5.19 46.54
CA THR F 325 18.00 4.74 47.87
C THR F 325 19.19 4.21 48.65
N ASN F 326 20.24 3.78 47.95
CA ASN F 326 21.50 3.37 48.58
C ASN F 326 21.33 2.19 49.54
N LEU F 327 20.60 1.18 49.08
CA LEU F 327 20.52 -0.09 49.81
C LEU F 327 21.62 -1.04 49.35
N ILE F 328 22.86 -0.55 49.41
CA ILE F 328 24.04 -1.29 48.98
C ILE F 328 24.97 -1.42 50.18
N GLY F 329 25.42 -2.65 50.45
CA GLY F 329 26.33 -2.89 51.55
C GLY F 329 26.08 -4.20 52.27
N THR F 330 26.45 -4.26 53.54
CA THR F 330 26.25 -5.46 54.34
C THR F 330 24.78 -5.57 54.76
N PRO F 331 24.31 -6.78 55.08
CA PRO F 331 22.93 -6.92 55.55
C PRO F 331 22.60 -6.07 56.76
N GLN F 332 23.57 -5.87 57.66
CA GLN F 332 23.32 -5.01 58.82
C GLN F 332 23.14 -3.55 58.40
N GLN F 333 23.95 -3.09 57.43
CA GLN F 333 23.82 -1.72 56.96
C GLN F 333 22.47 -1.49 56.28
N ILE F 334 22.03 -2.44 55.46
CA ILE F 334 20.77 -2.30 54.75
C ILE F 334 19.60 -2.30 55.70
N ALA F 335 19.63 -3.18 56.72
CA ALA F 335 18.53 -3.24 57.67
C ALA F 335 18.40 -1.94 58.44
N GLU F 336 19.52 -1.30 58.79
CA GLU F 336 19.46 -0.01 59.48
C GLU F 336 18.87 1.07 58.57
N ARG F 337 19.23 1.06 57.29
CA ARG F 337 18.71 2.07 56.37
C ARG F 337 17.22 1.86 56.09
N ILE F 338 16.76 0.61 56.08
CA ILE F 338 15.34 0.35 55.87
C ILE F 338 14.51 0.92 57.01
N VAL F 339 14.95 0.69 58.24
CA VAL F 339 14.22 1.24 59.39
C VAL F 339 14.28 2.76 59.40
N ALA F 340 15.38 3.34 58.93
CA ALA F 340 15.45 4.80 58.82
C ALA F 340 14.41 5.33 57.85
N LEU F 341 14.20 4.64 56.73
CA LEU F 341 13.13 5.01 55.81
C LEU F 341 11.76 4.80 56.44
N LYS F 342 11.61 3.74 57.25
CA LYS F 342 10.34 3.52 57.93
C LYS F 342 10.02 4.68 58.87
N ALA F 343 11.04 5.31 59.45
CA ALA F 343 10.82 6.43 60.35
C ALA F 343 10.30 7.66 59.64
N VAL F 344 10.59 7.81 58.35
CA VAL F 344 10.16 8.98 57.58
C VAL F 344 8.87 8.71 56.81
N GLY F 345 8.22 7.58 57.05
CA GLY F 345 6.92 7.30 56.47
C GLY F 345 6.87 6.18 55.45
N VAL F 346 7.97 5.49 55.20
CA VAL F 346 7.99 4.40 54.23
C VAL F 346 7.33 3.17 54.84
N ASP F 347 6.39 2.58 54.11
CA ASP F 347 5.68 1.40 54.56
C ASP F 347 6.01 0.15 53.78
N LEU F 348 6.68 0.28 52.62
CA LEU F 348 7.01 -0.85 51.78
C LEU F 348 8.28 -0.54 51.01
N VAL F 349 9.06 -1.58 50.73
CA VAL F 349 10.30 -1.45 49.95
C VAL F 349 10.16 -2.32 48.71
N LEU F 350 10.25 -1.68 47.54
CA LEU F 350 10.22 -2.38 46.26
C LEU F 350 11.66 -2.64 45.84
N ALA F 351 12.07 -3.91 45.83
CA ALA F 351 13.46 -4.30 45.66
C ALA F 351 13.75 -4.76 44.25
N GLY F 352 14.87 -4.27 43.69
CA GLY F 352 15.40 -4.78 42.45
C GLY F 352 16.75 -5.43 42.69
N PHE F 353 17.03 -6.47 41.91
CA PHE F 353 18.24 -7.25 42.09
C PHE F 353 18.92 -7.51 40.75
N LEU F 354 20.21 -7.85 40.82
CA LEU F 354 20.97 -8.21 39.63
C LEU F 354 20.78 -9.69 39.29
N HIS F 355 20.92 -10.56 40.29
CA HIS F 355 20.67 -11.99 40.17
C HIS F 355 19.52 -12.32 41.11
N PHE F 356 18.31 -12.42 40.54
CA PHE F 356 17.09 -12.44 41.35
C PHE F 356 17.00 -13.65 42.24
N GLN F 357 17.16 -14.85 41.69
CA GLN F 357 16.94 -16.07 42.47
C GLN F 357 17.88 -16.16 43.66
N GLU F 358 19.16 -15.86 43.46
CA GLU F 358 20.11 -15.98 44.57
C GLU F 358 20.03 -14.81 45.54
N GLU F 359 19.80 -13.58 45.04
CA GLU F 359 19.77 -12.43 45.93
C GLU F 359 18.46 -12.32 46.71
N VAL F 360 17.35 -12.80 46.14
CA VAL F 360 16.09 -12.83 46.90
C VAL F 360 16.20 -13.82 48.06
N GLU F 361 16.76 -15.00 47.82
CA GLU F 361 16.97 -15.96 48.90
C GLU F 361 17.97 -15.41 49.92
N TYR F 362 19.00 -14.72 49.43
CA TYR F 362 19.94 -14.07 50.35
C TYR F 362 19.24 -13.00 51.18
N PHE F 363 18.34 -12.24 50.56
CA PHE F 363 17.62 -11.19 51.28
C PHE F 363 16.78 -11.76 52.41
N GLY F 364 16.06 -12.86 52.14
CA GLY F 364 15.17 -13.43 53.14
C GLY F 364 15.89 -14.13 54.27
N GLN F 365 17.13 -14.55 54.07
CA GLN F 365 17.88 -15.24 55.10
C GLN F 365 18.84 -14.34 55.87
N ARG F 366 19.25 -13.21 55.28
CA ARG F 366 20.27 -12.35 55.87
C ARG F 366 19.75 -10.96 56.20
N VAL F 367 19.05 -10.32 55.28
CA VAL F 367 18.63 -8.93 55.46
C VAL F 367 17.28 -8.81 56.15
N LEU F 368 16.29 -9.59 55.67
CA LEU F 368 14.95 -9.50 56.25
C LEU F 368 14.88 -9.86 57.72
N PRO F 369 15.51 -10.93 58.22
CA PRO F 369 15.48 -11.18 59.67
C PRO F 369 16.06 -10.04 60.49
N LEU F 370 17.09 -9.36 59.98
CA LEU F 370 17.63 -8.20 60.70
C LEU F 370 16.64 -7.05 60.77
N VAL F 371 15.84 -6.86 59.72
CA VAL F 371 14.81 -5.82 59.75
C VAL F 371 13.77 -6.11 60.82
N ARG F 372 13.35 -7.37 60.95
CA ARG F 372 12.39 -7.72 61.98
C ARG F 372 12.96 -7.52 63.37
N GLU F 373 14.25 -7.84 63.57
CA GLU F 373 14.87 -7.63 64.86
C GLU F 373 14.96 -6.14 65.20
N LEU F 374 15.31 -5.32 64.21
CA LEU F 374 15.37 -3.88 64.43
C LEU F 374 14.00 -3.28 64.71
N GLU F 375 12.95 -3.85 64.11
CA GLU F 375 11.60 -3.38 64.41
C GLU F 375 11.19 -3.69 65.84
N ALA F 376 11.66 -4.81 66.38
CA ALA F 376 11.39 -5.13 67.79
C ALA F 376 12.23 -4.28 68.73
N LYS F 377 13.44 -3.90 68.32
CA LYS F 377 14.28 -3.04 69.14
C LYS F 377 13.65 -1.67 69.33
N ALA F 378 13.09 -1.10 68.26
CA ALA F 378 12.46 0.21 68.34
C ALA F 378 10.98 0.09 68.71
N ALA G 28 6.97 40.23 -5.79
CA ALA G 28 6.22 41.34 -5.21
C ALA G 28 5.67 40.97 -3.82
N VAL G 29 5.77 41.92 -2.89
CA VAL G 29 5.33 41.68 -1.52
C VAL G 29 3.80 41.73 -1.46
N LYS G 30 3.20 40.73 -0.82
CA LYS G 30 1.77 40.69 -0.60
C LYS G 30 1.47 41.15 0.82
N PHE G 31 0.26 41.65 1.04
CA PHE G 31 -0.11 42.21 2.33
C PHE G 31 -1.42 41.61 2.81
N ALA G 32 -1.47 41.29 4.10
CA ALA G 32 -2.65 40.75 4.75
C ALA G 32 -2.82 41.44 6.10
N TYR G 33 -4.06 41.43 6.59
CA TYR G 33 -4.39 42.05 7.86
C TYR G 33 -5.16 41.07 8.75
N TRP G 34 -4.96 41.23 10.06
CA TRP G 34 -5.70 40.44 11.04
C TRP G 34 -7.15 40.87 11.07
N VAL G 35 -8.06 39.93 10.82
CA VAL G 35 -9.49 40.21 10.94
C VAL G 35 -9.88 40.18 12.41
N PRO G 36 -10.40 41.27 12.97
CA PRO G 36 -10.85 41.26 14.36
C PRO G 36 -12.24 40.63 14.53
N ASN G 37 -12.34 39.35 14.20
CA ASN G 37 -13.59 38.61 14.35
C ASN G 37 -13.78 38.05 15.76
N VAL G 38 -12.85 38.31 16.66
CA VAL G 38 -13.02 38.00 18.07
C VAL G 38 -12.91 39.29 18.88
N SER G 39 -13.60 39.33 20.01
CA SER G 39 -13.65 40.54 20.84
C SER G 39 -12.37 40.72 21.66
N THR G 51 -12.27 49.32 17.21
CA THR G 51 -12.42 48.06 16.48
C THR G 51 -13.39 47.13 17.19
N ASP G 52 -14.41 46.66 16.47
CA ASP G 52 -15.46 45.84 17.04
C ASP G 52 -15.50 44.49 16.34
N TRP G 53 -15.99 43.49 17.05
CA TRP G 53 -16.13 42.14 16.50
C TRP G 53 -17.39 41.98 15.65
N GLY G 54 -18.20 43.02 15.52
CA GLY G 54 -19.41 42.94 14.73
C GLY G 54 -19.13 42.85 13.24
N ILE G 55 -20.18 42.51 12.49
CA ILE G 55 -20.03 42.27 11.07
C ILE G 55 -19.95 43.58 10.28
N ASP G 56 -20.71 44.59 10.69
CA ASP G 56 -20.75 45.84 9.93
C ASP G 56 -19.39 46.53 9.91
N TYR G 57 -18.66 46.49 11.04
CA TYR G 57 -17.32 47.03 11.07
C TYR G 57 -16.38 46.26 10.15
N ASN G 58 -16.47 44.93 10.16
CA ASN G 58 -15.55 44.11 9.38
C ASN G 58 -15.87 44.12 7.90
N ARG G 59 -17.15 44.25 7.53
CA ARG G 59 -17.48 44.37 6.11
C ARG G 59 -16.87 45.63 5.50
N LYS G 60 -16.94 46.75 6.22
CA LYS G 60 -16.30 47.97 5.74
C LYS G 60 -14.78 47.83 5.73
N LEU G 61 -14.22 47.19 6.76
CA LEU G 61 -12.79 46.98 6.82
C LEU G 61 -12.30 46.12 5.66
N ALA G 62 -13.06 45.08 5.32
CA ALA G 62 -12.69 44.25 4.17
C ALA G 62 -12.74 45.03 2.87
N GLN G 63 -13.74 45.90 2.71
CA GLN G 63 -13.81 46.74 1.51
C GLN G 63 -12.69 47.77 1.49
N LEU G 64 -12.36 48.36 2.65
CA LEU G 64 -11.23 49.29 2.71
C LEU G 64 -9.92 48.58 2.43
N ALA G 65 -9.75 47.37 2.94
CA ALA G 65 -8.52 46.62 2.71
C ALA G 65 -8.38 46.23 1.24
N GLU G 66 -9.49 45.89 0.59
CA GLU G 66 -9.45 45.57 -0.82
C GLU G 66 -9.01 46.78 -1.64
N ALA G 67 -9.55 47.96 -1.32
CA ALA G 67 -9.16 49.17 -2.03
C ALA G 67 -7.75 49.60 -1.68
N ALA G 68 -7.28 49.30 -0.47
CA ALA G 68 -5.94 49.67 -0.05
C ALA G 68 -4.85 48.81 -0.70
N GLY G 69 -5.21 47.72 -1.36
CA GLY G 69 -4.23 46.86 -1.97
C GLY G 69 -3.92 45.58 -1.23
N PHE G 70 -4.61 45.31 -0.13
CA PHE G 70 -4.42 44.06 0.59
C PHE G 70 -4.98 42.89 -0.21
N GLU G 71 -4.26 41.78 -0.21
CA GLU G 71 -4.67 40.60 -0.96
C GLU G 71 -5.38 39.58 -0.09
N TYR G 72 -4.97 39.43 1.18
CA TYR G 72 -5.52 38.41 2.04
C TYR G 72 -6.09 39.02 3.32
N ALA G 73 -7.11 38.36 3.87
CA ALA G 73 -7.66 38.67 5.18
C ALA G 73 -7.60 37.40 6.01
N LEU G 74 -6.97 37.47 7.19
CA LEU G 74 -6.76 36.31 8.03
C LEU G 74 -7.71 36.34 9.22
N THR G 75 -8.61 35.36 9.28
CA THR G 75 -9.55 35.21 10.38
C THR G 75 -8.92 34.39 11.51
N GLN G 76 -9.54 34.48 12.69
CA GLN G 76 -9.12 33.72 13.87
C GLN G 76 -10.21 32.72 14.23
N ILE G 77 -9.82 31.59 14.81
CA ILE G 77 -10.75 30.55 15.22
C ILE G 77 -10.67 30.36 16.73
N ARG G 78 -11.83 30.41 17.38
CA ARG G 78 -11.95 30.13 18.81
C ARG G 78 -13.33 29.54 19.06
N PHE G 79 -13.43 28.74 20.11
CA PHE G 79 -14.70 28.12 20.50
C PHE G 79 -15.18 28.60 21.86
N THR G 80 -14.29 28.72 22.84
CA THR G 80 -14.61 29.20 24.16
C THR G 80 -14.00 30.57 24.38
N ALA G 81 -14.62 31.35 25.27
CA ALA G 81 -14.11 32.69 25.56
C ALA G 81 -12.77 32.58 26.30
N GLY G 82 -11.84 33.45 25.94
CA GLY G 82 -10.53 33.45 26.56
C GLY G 82 -9.89 34.82 26.65
N ALA G 85 -11.32 37.81 25.31
CA ALA G 85 -12.25 37.71 24.19
C ALA G 85 -13.53 36.99 24.60
N GLU G 86 -14.57 37.78 24.91
CA GLU G 86 -15.83 37.20 25.35
C GLU G 86 -16.62 36.61 24.18
N PHE G 87 -16.57 37.26 23.01
CA PHE G 87 -17.33 36.86 21.85
C PHE G 87 -16.40 36.54 20.69
N GLN G 88 -16.68 35.45 19.98
CA GLN G 88 -15.90 35.04 18.82
C GLN G 88 -16.87 34.56 17.75
N HIS G 89 -16.79 35.14 16.55
CA HIS G 89 -17.56 34.63 15.43
C HIS G 89 -16.89 33.41 14.83
N GLU G 90 -17.70 32.52 14.27
CA GLU G 90 -17.17 31.33 13.63
C GLU G 90 -16.40 31.73 12.38
N SER G 91 -15.15 31.25 12.27
CA SER G 91 -14.23 31.78 11.27
C SER G 91 -14.70 31.51 9.85
N VAL G 92 -15.21 30.30 9.59
CA VAL G 92 -15.57 29.93 8.23
C VAL G 92 -16.80 30.72 7.76
N ALA G 93 -17.83 30.78 8.59
CA ALA G 93 -19.02 31.56 8.24
C ALA G 93 -18.68 33.04 8.10
N PHE G 94 -17.81 33.55 8.97
CA PHE G 94 -17.37 34.93 8.87
C PHE G 94 -16.57 35.15 7.60
N SER G 95 -15.75 34.16 7.20
CA SER G 95 -15.02 34.26 5.95
C SER G 95 -15.97 34.33 4.76
N HIS G 96 -17.03 33.53 4.78
CA HIS G 96 -18.01 33.58 3.71
C HIS G 96 -18.69 34.94 3.64
N ALA G 97 -18.95 35.56 4.79
CA ALA G 97 -19.59 36.87 4.81
C ALA G 97 -18.68 37.96 4.27
N LEU G 98 -17.39 37.93 4.64
CA LEU G 98 -16.46 38.94 4.15
C LEU G 98 -16.22 38.80 2.65
N LEU G 99 -16.19 37.56 2.15
CA LEU G 99 -16.02 37.36 0.71
C LEU G 99 -17.21 37.91 -0.06
N ALA G 100 -18.42 37.73 0.47
CA ALA G 100 -19.61 38.25 -0.20
C ALA G 100 -19.65 39.78 -0.16
N ALA G 101 -18.90 40.40 0.73
CA ALA G 101 -18.83 41.85 0.83
C ALA G 101 -17.67 42.45 0.04
N THR G 102 -16.89 41.62 -0.65
CA THR G 102 -15.76 42.07 -1.43
C THR G 102 -15.85 41.48 -2.83
N SER G 103 -14.89 41.83 -3.68
CA SER G 103 -14.85 41.36 -5.06
C SER G 103 -13.60 40.56 -5.39
N GLN G 104 -12.42 41.07 -5.02
CA GLN G 104 -11.16 40.40 -5.30
C GLN G 104 -10.38 40.02 -4.05
N LEU G 105 -10.81 40.47 -2.87
CA LEU G 105 -10.10 40.13 -1.65
C LEU G 105 -10.25 38.64 -1.34
N LYS G 106 -9.15 38.03 -0.90
CA LYS G 106 -9.14 36.64 -0.48
C LYS G 106 -9.17 36.58 1.05
N VAL G 107 -9.95 35.65 1.58
CA VAL G 107 -10.12 35.50 3.03
C VAL G 107 -9.63 34.12 3.43
N ILE G 108 -8.77 34.08 4.45
CA ILE G 108 -8.19 32.85 4.96
C ILE G 108 -9.04 32.37 6.12
N ALA G 109 -9.71 31.23 5.94
CA ALA G 109 -10.56 30.68 6.99
C ALA G 109 -9.72 29.83 7.95
N ALA G 110 -9.84 30.11 9.24
CA ALA G 110 -9.08 29.38 10.24
C ALA G 110 -9.80 28.08 10.59
N ILE G 111 -9.04 26.98 10.62
CA ILE G 111 -9.58 25.64 10.86
C ILE G 111 -8.78 25.02 11.99
N LEU G 112 -9.47 24.40 12.95
CA LEU G 112 -8.84 23.78 14.11
C LEU G 112 -9.13 22.29 14.09
N PRO G 113 -8.16 21.45 13.70
CA PRO G 113 -8.38 20.00 13.76
C PRO G 113 -8.71 19.55 15.17
N GLY G 114 -9.55 18.52 15.27
CA GLY G 114 -10.23 18.21 16.50
C GLY G 114 -11.71 18.47 16.36
N PRO G 115 -12.17 19.64 16.82
CA PRO G 115 -13.55 20.03 16.57
C PRO G 115 -13.91 20.08 15.09
N TRP G 116 -12.93 20.26 14.21
CA TRP G 116 -13.15 20.19 12.77
C TRP G 116 -12.71 18.83 12.25
N GLN G 117 -13.42 18.33 11.25
CA GLN G 117 -13.02 17.11 10.57
C GLN G 117 -12.75 17.40 9.10
N PRO G 118 -11.76 16.74 8.50
CA PRO G 118 -11.34 17.12 7.13
C PRO G 118 -12.42 16.95 6.08
N ALA G 119 -13.29 15.95 6.21
CA ALA G 119 -14.32 15.74 5.19
C ALA G 119 -15.26 16.94 5.11
N LEU G 120 -15.73 17.43 6.26
CA LEU G 120 -16.60 18.59 6.26
C LEU G 120 -15.85 19.85 5.85
N ALA G 121 -14.61 20.00 6.34
CA ALA G 121 -13.83 21.19 5.99
C ALA G 121 -13.55 21.24 4.49
N ALA G 122 -13.21 20.11 3.89
CA ALA G 122 -12.93 20.08 2.46
C ALA G 122 -14.16 20.44 1.64
N LYS G 123 -15.32 19.90 2.01
CA LYS G 123 -16.52 20.15 1.22
C LYS G 123 -17.05 21.55 1.43
N GLN G 124 -17.00 22.05 2.66
CA GLN G 124 -17.50 23.39 2.93
C GLN G 124 -16.63 24.45 2.28
N LEU G 125 -15.30 24.31 2.36
CA LEU G 125 -14.42 25.26 1.69
C LEU G 125 -14.56 25.18 0.17
N ALA G 126 -14.87 24.00 -0.36
CA ALA G 126 -15.07 23.87 -1.80
C ALA G 126 -16.34 24.58 -2.24
N THR G 127 -17.43 24.44 -1.49
CA THR G 127 -18.67 25.12 -1.84
C THR G 127 -18.51 26.63 -1.75
N ILE G 128 -17.89 27.12 -0.67
CA ILE G 128 -17.64 28.56 -0.54
C ILE G 128 -16.73 29.04 -1.66
N ASP G 129 -15.77 28.22 -2.05
CA ASP G 129 -14.90 28.58 -3.17
C ASP G 129 -15.70 28.75 -4.45
N GLN G 130 -16.69 27.89 -4.67
CA GLN G 130 -17.56 28.02 -5.84
C GLN G 130 -18.38 29.31 -5.77
N LEU G 131 -18.84 29.67 -4.56
CA LEU G 131 -19.70 30.83 -4.41
C LEU G 131 -18.93 32.15 -4.39
N THR G 132 -17.61 32.13 -4.26
CA THR G 132 -16.83 33.35 -4.14
C THR G 132 -15.74 33.48 -5.19
N ASN G 133 -15.87 32.77 -6.32
CA ASN G 133 -14.92 32.86 -7.42
C ASN G 133 -13.50 32.47 -6.99
N GLY G 134 -13.40 31.42 -6.19
CA GLY G 134 -12.12 30.87 -5.78
C GLY G 134 -11.26 31.79 -4.93
N ARG G 135 -11.87 32.41 -3.93
CA ARG G 135 -11.20 33.40 -3.10
C ARG G 135 -11.07 32.97 -1.64
N ILE G 136 -11.16 31.67 -1.36
CA ILE G 136 -11.10 31.15 0.01
C ILE G 136 -9.77 30.43 0.21
N ALA G 137 -9.16 30.68 1.37
CA ALA G 137 -7.95 29.99 1.78
C ALA G 137 -8.18 29.44 3.18
N VAL G 138 -7.20 28.68 3.68
CA VAL G 138 -7.35 27.99 4.96
C VAL G 138 -6.08 28.17 5.77
N ASN G 139 -6.25 28.42 7.07
CA ASN G 139 -5.14 28.50 8.02
C ASN G 139 -5.36 27.41 9.06
N ILE G 140 -4.45 26.43 9.09
CA ILE G 140 -4.57 25.28 9.98
C ILE G 140 -3.88 25.60 11.30
N VAL G 141 -4.67 25.65 12.36
CA VAL G 141 -4.17 25.95 13.70
C VAL G 141 -4.19 24.66 14.51
N SER G 142 -3.10 24.39 15.21
CA SER G 142 -3.01 23.17 16.00
C SER G 142 -3.48 23.34 17.44
N GLY G 143 -3.86 24.55 17.85
CA GLY G 143 -4.41 24.77 19.17
C GLY G 143 -3.35 24.95 20.23
N TRP G 144 -3.58 25.88 21.16
CA TRP G 144 -2.64 26.16 22.23
C TRP G 144 -3.23 25.98 23.63
N PHE G 145 -4.54 26.18 23.79
CA PHE G 145 -5.18 26.10 25.10
C PHE G 145 -6.06 24.86 25.14
N ARG G 146 -5.84 24.01 26.15
CA ARG G 146 -6.62 22.79 26.29
C ARG G 146 -8.02 23.01 26.87
N GLY G 147 -8.29 24.21 27.41
CA GLY G 147 -9.59 24.45 27.99
C GLY G 147 -10.72 24.49 26.98
N GLU G 148 -10.45 24.99 25.76
CA GLU G 148 -11.47 24.97 24.72
C GLU G 148 -11.77 23.55 24.28
N PHE G 149 -10.73 22.72 24.13
CA PHE G 149 -10.94 21.34 23.71
C PHE G 149 -11.73 20.56 24.77
N GLN G 150 -11.33 20.69 26.03
CA GLN G 150 -11.99 19.92 27.09
C GLN G 150 -13.44 20.35 27.26
N ALA G 151 -13.72 21.65 27.09
CA ALA G 151 -15.08 22.13 27.24
C ALA G 151 -16.02 21.53 26.20
N ILE G 152 -15.52 21.26 25.00
CA ILE G 152 -16.34 20.71 23.93
C ILE G 152 -16.16 19.19 23.79
N GLY G 153 -15.59 18.54 24.80
CA GLY G 153 -15.47 17.10 24.83
C GLY G 153 -14.31 16.51 24.05
N GLU G 154 -13.36 17.33 23.60
CA GLU G 154 -12.22 16.84 22.85
C GLU G 154 -11.05 16.54 23.77
N HIS G 155 -10.34 15.44 23.48
CA HIS G 155 -9.14 15.07 24.22
C HIS G 155 -7.97 15.95 23.81
N TRP G 156 -7.01 16.10 24.72
CA TRP G 156 -5.85 16.97 24.52
C TRP G 156 -4.65 16.10 24.15
N LEU G 157 -4.31 16.11 22.86
CA LEU G 157 -3.16 15.35 22.40
C LEU G 157 -1.86 16.07 22.75
N GLU G 158 -0.78 15.32 22.77
CA GLU G 158 0.54 15.89 23.01
C GLU G 158 0.89 16.87 21.89
N HIS G 159 1.77 17.82 22.22
CA HIS G 159 2.09 18.92 21.31
C HIS G 159 2.48 18.41 19.93
N ASP G 160 3.51 17.56 19.85
CA ASP G 160 3.90 17.02 18.55
C ASP G 160 2.83 16.13 17.95
N GLU G 161 2.03 15.47 18.79
CA GLU G 161 0.94 14.65 18.29
C GLU G 161 -0.14 15.48 17.61
N ARG G 162 -0.39 16.70 18.10
CA ARG G 162 -1.36 17.57 17.46
C ARG G 162 -0.91 17.97 16.06
N TYR G 163 0.40 18.11 15.85
CA TYR G 163 0.90 18.45 14.52
C TYR G 163 0.86 17.26 13.57
N ARG G 164 0.99 16.04 14.09
CA ARG G 164 0.79 14.87 13.24
C ARG G 164 -0.65 14.79 12.75
N ARG G 165 -1.61 15.09 13.62
CA ARG G 165 -3.01 15.13 13.19
C ARG G 165 -3.25 16.24 12.17
N SER G 166 -2.61 17.40 12.38
CA SER G 166 -2.80 18.51 11.44
C SER G 166 -2.21 18.19 10.06
N GLU G 167 -1.08 17.47 10.03
CA GLU G 167 -0.50 17.12 8.73
C GLU G 167 -1.40 16.15 7.97
N GLU G 168 -1.98 15.16 8.66
CA GLU G 168 -2.97 14.30 8.01
C GLU G 168 -4.20 15.09 7.61
N PHE G 169 -4.57 16.11 8.40
CA PHE G 169 -5.67 16.98 8.02
C PHE G 169 -5.36 17.74 6.75
N ILE G 170 -4.12 18.23 6.62
CA ILE G 170 -3.74 18.98 5.42
C ILE G 170 -3.67 18.06 4.21
N ARG G 171 -3.06 16.88 4.35
CA ARG G 171 -2.98 15.95 3.24
C ARG G 171 -4.36 15.50 2.79
N SER G 172 -5.28 15.35 3.74
CA SER G 172 -6.65 14.97 3.37
C SER G 172 -7.31 16.07 2.54
N LEU G 173 -7.10 17.33 2.90
CA LEU G 173 -7.68 18.43 2.12
C LEU G 173 -7.11 18.43 0.70
N ARG G 174 -5.79 18.27 0.57
CA ARG G 174 -5.16 18.29 -0.74
C ARG G 174 -5.67 17.15 -1.62
N GLY G 175 -5.77 15.95 -1.04
CA GLY G 175 -6.21 14.80 -1.83
C GLY G 175 -7.66 14.90 -2.26
N ILE G 176 -8.53 15.35 -1.36
CA ILE G 176 -9.95 15.47 -1.68
C ILE G 176 -10.16 16.48 -2.80
N TRP G 177 -9.43 17.60 -2.75
CA TRP G 177 -9.60 18.67 -3.73
C TRP G 177 -8.98 18.33 -5.09
N SER G 178 -8.09 17.34 -5.15
CA SER G 178 -7.28 17.10 -6.33
C SER G 178 -7.53 15.76 -7.01
N GLN G 179 -8.24 14.83 -6.38
CA GLN G 179 -8.43 13.49 -6.92
C GLN G 179 -9.91 13.15 -7.04
N ASP G 180 -10.21 12.33 -8.03
CA ASP G 180 -11.59 11.89 -8.24
C ASP G 180 -12.02 10.89 -7.17
N ASN G 181 -11.10 10.02 -6.73
CA ASN G 181 -11.39 8.96 -5.76
C ASN G 181 -10.27 8.94 -4.74
N PHE G 182 -10.39 9.78 -3.71
CA PHE G 182 -9.33 9.91 -2.72
C PHE G 182 -9.43 8.81 -1.68
N THR G 183 -8.31 8.16 -1.41
CA THR G 183 -8.19 7.12 -0.40
C THR G 183 -7.02 7.47 0.50
N PHE G 184 -7.23 7.41 1.81
CA PHE G 184 -6.21 7.80 2.78
C PHE G 184 -6.36 6.91 4.00
N ARG G 185 -5.27 6.27 4.42
CA ARG G 185 -5.29 5.36 5.56
C ARG G 185 -4.37 5.94 6.62
N GLY G 186 -4.89 6.92 7.37
CA GLY G 186 -4.12 7.60 8.37
C GLY G 186 -4.35 7.08 9.78
N ASP G 187 -3.51 7.57 10.70
CA ASP G 187 -3.70 7.26 12.11
C ASP G 187 -4.83 8.05 12.72
N PHE G 188 -5.22 9.17 12.12
CA PHE G 188 -6.30 10.01 12.61
C PHE G 188 -7.50 10.08 11.68
N TYR G 189 -7.30 10.01 10.36
CA TYR G 189 -8.39 10.15 9.41
C TYR G 189 -8.30 9.08 8.34
N ARG G 190 -9.47 8.57 7.95
CA ARG G 190 -9.60 7.53 6.93
C ARG G 190 -10.50 8.03 5.81
N PHE G 191 -10.15 7.66 4.58
CA PHE G 191 -10.99 7.91 3.42
C PHE G 191 -10.92 6.70 2.50
N ASP G 192 -12.06 6.33 1.93
CA ASP G 192 -12.16 5.14 1.07
C ASP G 192 -12.96 5.54 -0.17
N ASN G 193 -12.25 5.86 -1.24
CA ASN G 193 -12.87 6.21 -2.53
C ASN G 193 -13.87 7.37 -2.38
N TYR G 194 -13.45 8.42 -1.68
CA TYR G 194 -14.29 9.57 -1.47
C TYR G 194 -14.17 10.50 -2.68
N SER G 195 -15.31 10.90 -3.23
CA SER G 195 -15.36 11.73 -4.43
C SER G 195 -16.11 13.02 -4.11
N LEU G 196 -15.38 14.13 -4.04
CA LEU G 196 -15.99 15.43 -3.80
C LEU G 196 -16.32 16.06 -5.14
N LYS G 197 -17.60 16.40 -5.33
CA LYS G 197 -18.08 17.10 -6.52
C LYS G 197 -19.18 18.06 -6.07
N PRO G 198 -19.08 19.35 -6.43
CA PRO G 198 -18.01 19.90 -7.25
C PRO G 198 -16.76 20.21 -6.43
N LYS G 199 -15.62 20.26 -7.10
CA LYS G 199 -14.35 20.61 -6.48
C LYS G 199 -14.19 22.12 -6.46
N PRO G 200 -13.20 22.64 -5.73
CA PRO G 200 -12.98 24.09 -5.74
C PRO G 200 -12.66 24.60 -7.14
N LEU G 201 -13.09 25.84 -7.41
CA LEU G 201 -12.75 26.48 -8.68
C LEU G 201 -11.24 26.65 -8.81
N GLY G 202 -10.58 27.12 -7.74
CA GLY G 202 -9.16 27.22 -7.69
C GLY G 202 -8.53 26.19 -6.77
N ARG G 203 -7.29 26.48 -6.38
CA ARG G 203 -6.56 25.64 -5.43
C ARG G 203 -6.43 26.41 -4.13
N PRO G 204 -7.26 26.13 -3.13
CA PRO G 204 -7.21 26.91 -1.87
C PRO G 204 -5.85 26.78 -1.20
N GLU G 205 -5.21 27.93 -0.99
CA GLU G 205 -3.91 27.97 -0.34
C GLU G 205 -4.03 27.58 1.13
N ILE G 206 -2.97 26.96 1.65
CA ILE G 206 -2.93 26.47 3.01
C ILE G 206 -1.89 27.27 3.77
N PHE G 207 -2.36 28.12 4.69
CA PHE G 207 -1.50 28.92 5.54
C PHE G 207 -1.30 28.21 6.87
N GLN G 208 -0.15 28.46 7.50
CA GLN G 208 0.17 27.79 8.75
C GLN G 208 1.20 28.60 9.53
N GLY G 209 0.98 28.73 10.83
CA GLY G 209 1.94 29.39 11.70
C GLY G 209 2.65 28.42 12.63
N GLY G 210 3.06 28.91 13.80
CA GLY G 210 3.76 28.08 14.75
C GLY G 210 5.26 28.20 14.62
N SER G 211 5.98 28.16 15.76
CA SER G 211 7.43 28.30 15.75
C SER G 211 8.17 27.08 16.26
N SER G 212 7.48 26.07 16.77
CA SER G 212 8.14 24.89 17.31
C SER G 212 8.73 24.05 16.17
N ARG G 213 9.56 23.08 16.56
CA ARG G 213 10.18 22.20 15.57
C ARG G 213 9.13 21.43 14.79
N ALA G 214 8.08 20.95 15.47
CA ALA G 214 7.03 20.23 14.77
C ALA G 214 6.27 21.13 13.81
N ALA G 215 6.08 22.41 14.18
CA ALA G 215 5.31 23.31 13.34
C ALA G 215 6.01 23.59 12.02
N ARG G 216 7.32 23.80 12.04
CA ARG G 216 8.03 24.12 10.81
C ARG G 216 8.50 22.89 10.05
N ASP G 217 8.48 21.71 10.68
CA ASP G 217 8.67 20.49 9.91
C ASP G 217 7.43 20.16 9.11
N MET G 218 6.25 20.44 9.68
CA MET G 218 5.00 20.25 8.94
C MET G 218 4.87 21.26 7.81
N ALA G 219 5.23 22.52 8.09
CA ALA G 219 5.12 23.56 7.07
C ALA G 219 6.03 23.28 5.89
N ALA G 220 7.23 22.75 6.17
CA ALA G 220 8.19 22.44 5.12
C ALA G 220 7.78 21.24 4.27
N ARG G 221 6.65 20.60 4.57
CA ARG G 221 6.20 19.43 3.83
C ARG G 221 4.88 19.64 3.10
N VAL G 222 3.90 20.28 3.73
CA VAL G 222 2.54 20.26 3.20
C VAL G 222 1.92 21.65 3.08
N SER G 223 2.60 22.67 3.62
CA SER G 223 2.01 24.00 3.69
C SER G 223 2.43 24.86 2.50
N ASP G 224 1.51 25.69 2.04
CA ASP G 224 1.81 26.64 0.97
C ASP G 224 2.47 27.91 1.50
N TRP G 225 1.94 28.45 2.59
CA TRP G 225 2.47 29.65 3.23
C TRP G 225 2.82 29.32 4.68
N TYR G 226 3.90 29.93 5.18
CA TYR G 226 4.32 29.77 6.55
C TYR G 226 4.49 31.14 7.19
N PHE G 227 3.82 31.36 8.31
CA PHE G 227 3.95 32.60 9.07
C PHE G 227 5.10 32.43 10.06
N THR G 228 6.16 33.21 9.87
CA THR G 228 7.27 33.23 10.82
C THR G 228 7.03 34.34 11.85
N ASN G 229 7.57 34.13 13.05
CA ASN G 229 7.39 35.09 14.11
C ASN G 229 8.10 36.40 13.82
N GLY G 230 7.50 37.50 14.28
CA GLY G 230 8.10 38.81 14.13
C GLY G 230 9.44 38.91 14.83
N ASN G 231 10.44 39.46 14.15
CA ASN G 231 11.79 39.54 14.69
C ASN G 231 12.54 40.63 13.93
N SER G 232 13.82 40.78 14.26
CA SER G 232 14.67 41.71 13.55
C SER G 232 15.00 41.18 12.15
N VAL G 233 15.63 42.03 11.34
CA VAL G 233 15.97 41.63 9.98
C VAL G 233 16.95 40.46 10.00
N GLU G 234 17.89 40.46 10.94
CA GLU G 234 18.83 39.35 11.05
C GLU G 234 18.14 38.09 11.58
N GLY G 235 17.24 38.25 12.55
CA GLY G 235 16.54 37.10 13.10
C GLY G 235 15.58 36.46 12.10
N ILE G 236 14.90 37.29 11.31
CA ILE G 236 13.98 36.76 10.30
C ILE G 236 14.74 36.02 9.22
N LYS G 237 15.91 36.52 8.84
CA LYS G 237 16.73 35.84 7.83
C LYS G 237 17.13 34.45 8.31
N ALA G 238 17.47 34.32 9.59
CA ALA G 238 17.81 33.01 10.12
C ALA G 238 16.61 32.08 10.12
N GLN G 239 15.43 32.61 10.47
CA GLN G 239 14.22 31.80 10.43
C GLN G 239 13.87 31.39 9.00
N VAL G 240 14.05 32.30 8.05
CA VAL G 240 13.77 31.99 6.65
C VAL G 240 14.76 30.94 6.13
N ASP G 241 16.04 31.07 6.48
CA ASP G 241 17.03 30.12 5.99
C ASP G 241 16.77 28.71 6.52
N ASP G 242 16.33 28.61 7.78
CA ASP G 242 16.06 27.29 8.35
C ASP G 242 14.87 26.62 7.68
N ILE G 243 13.78 27.36 7.47
CA ILE G 243 12.58 26.76 6.90
C ILE G 243 12.79 26.39 5.44
N ARG G 244 13.53 27.21 4.69
CA ARG G 244 13.78 26.88 3.29
C ARG G 244 14.71 25.68 3.15
N ALA G 245 15.65 25.51 4.07
CA ALA G 245 16.50 24.32 4.04
C ALA G 245 15.68 23.06 4.29
N LYS G 246 14.75 23.11 5.24
CA LYS G 246 13.89 21.96 5.50
C LYS G 246 12.98 21.68 4.31
N ALA G 247 12.44 22.73 3.69
CA ALA G 247 11.56 22.55 2.53
C ALA G 247 12.34 21.98 1.34
N ALA G 248 13.59 22.41 1.17
CA ALA G 248 14.40 21.90 0.07
C ALA G 248 14.67 20.41 0.24
N ALA G 249 14.89 19.98 1.49
CA ALA G 249 15.13 18.56 1.74
C ALA G 249 13.91 17.71 1.40
N ASN G 250 12.71 18.27 1.54
CA ASN G 250 11.48 17.58 1.19
C ASN G 250 11.05 17.84 -0.25
N HIS G 251 11.80 18.64 -1.00
CA HIS G 251 11.44 19.02 -2.36
C HIS G 251 10.07 19.69 -2.40
N HIS G 252 9.83 20.57 -1.43
CA HIS G 252 8.55 21.24 -1.25
C HIS G 252 8.75 22.74 -1.32
N SER G 253 7.79 23.44 -1.93
CA SER G 253 7.84 24.89 -2.05
C SER G 253 6.92 25.52 -1.01
N VAL G 254 7.44 26.50 -0.29
CA VAL G 254 6.66 27.22 0.72
C VAL G 254 7.05 28.69 0.67
N LYS G 255 6.06 29.56 0.60
CA LYS G 255 6.28 31.00 0.71
C LYS G 255 6.17 31.43 2.16
N ILE G 256 6.81 32.55 2.48
CA ILE G 256 7.01 32.96 3.87
C ILE G 256 6.38 34.31 4.10
N GLY G 257 5.59 34.42 5.17
CA GLY G 257 5.08 35.69 5.63
C GLY G 257 5.52 35.96 7.05
N VAL G 258 5.51 37.23 7.47
CA VAL G 258 5.93 37.61 8.81
C VAL G 258 4.82 38.44 9.44
N ASN G 259 4.51 38.13 10.70
CA ASN G 259 3.52 38.89 11.45
C ASN G 259 4.16 40.18 11.97
N ALA G 260 3.42 41.28 11.83
CA ALA G 260 3.95 42.58 12.22
C ALA G 260 2.81 43.49 12.66
N PHE G 261 3.04 44.24 13.73
CA PHE G 261 2.10 45.25 14.21
C PHE G 261 2.56 46.60 13.65
N VAL G 262 1.81 47.11 12.68
CA VAL G 262 2.20 48.32 11.95
C VAL G 262 1.57 49.52 12.64
N ILE G 263 2.42 50.49 13.01
CA ILE G 263 1.96 51.76 13.56
C ILE G 263 2.53 52.84 12.65
N ALA G 264 1.74 53.28 11.68
CA ALA G 264 2.17 54.27 10.70
C ALA G 264 1.54 55.62 11.06
N ARG G 265 2.38 56.61 11.33
CA ARG G 265 1.93 57.96 11.64
C ARG G 265 2.69 58.94 10.76
N ASP G 266 2.23 60.20 10.75
CA ASP G 266 2.85 61.21 9.91
C ASP G 266 4.25 61.56 10.40
N THR G 267 4.48 61.47 11.71
CA THR G 267 5.78 61.75 12.31
C THR G 267 6.22 60.56 13.14
N GLU G 268 7.54 60.37 13.22
CA GLU G 268 8.11 59.28 14.00
C GLU G 268 7.80 59.43 15.48
N GLU G 269 7.73 60.67 15.98
CA GLU G 269 7.43 60.87 17.39
C GLU G 269 6.03 60.40 17.74
N GLU G 270 5.06 60.64 16.85
CA GLU G 270 3.70 60.19 17.12
C GLU G 270 3.59 58.67 17.15
N ALA G 271 4.30 58.00 16.25
CA ALA G 271 4.29 56.54 16.26
C ALA G 271 4.93 55.98 17.53
N LYS G 272 6.06 56.54 17.94
CA LYS G 272 6.69 56.12 19.19
C LYS G 272 5.86 56.46 20.41
N ALA G 273 4.99 57.46 20.32
CA ALA G 273 4.10 57.78 21.43
C ALA G 273 2.99 56.74 21.58
N VAL G 274 2.52 56.21 20.45
CA VAL G 274 1.48 55.16 20.50
C VAL G 274 2.02 53.91 21.16
N LEU G 275 3.27 53.53 20.85
CA LEU G 275 3.87 52.38 21.49
C LEU G 275 4.01 52.58 23.00
N ALA G 276 4.36 53.79 23.43
CA ALA G 276 4.47 54.06 24.86
C ALA G 276 3.12 53.97 25.55
N GLN G 277 2.06 54.48 24.91
CA GLN G 277 0.74 54.40 25.53
C GLN G 277 0.24 52.96 25.62
N ILE G 278 0.59 52.11 24.65
CA ILE G 278 0.19 50.71 24.70
C ILE G 278 0.88 49.98 25.85
N ILE G 279 2.18 50.18 25.98
CA ILE G 279 2.95 49.51 27.03
C ILE G 279 2.62 50.09 28.41
N ASN G 320 2.16 39.44 21.66
CA ASN G 320 2.14 39.71 20.23
C ASN G 320 3.55 39.96 19.70
N ASP G 321 4.09 38.97 18.99
CA ASP G 321 5.45 39.06 18.46
C ASP G 321 5.59 40.05 17.31
N GLY G 322 4.48 40.57 16.78
CA GLY G 322 4.54 41.48 15.66
C GLY G 322 5.24 42.79 15.96
N PHE G 323 5.36 43.15 17.24
CA PHE G 323 6.06 44.38 17.60
C PHE G 323 7.55 44.28 17.34
N LYS G 324 8.12 43.07 17.40
CA LYS G 324 9.55 42.90 17.17
C LYS G 324 9.95 43.21 15.74
N THR G 325 9.01 43.14 14.78
CA THR G 325 9.32 43.48 13.40
C THR G 325 9.67 44.95 13.25
N ASN G 326 9.22 45.81 14.16
CA ASN G 326 9.59 47.23 14.19
C ASN G 326 9.13 47.95 12.91
N LEU G 327 7.89 47.69 12.52
CA LEU G 327 7.25 48.46 11.45
C LEU G 327 6.46 49.65 12.01
N ILE G 328 7.14 50.47 12.81
CA ILE G 328 6.53 51.63 13.45
C ILE G 328 7.26 52.89 13.00
N GLY G 329 6.51 53.88 12.55
CA GLY G 329 7.09 55.14 12.12
C GLY G 329 6.41 55.78 10.93
N THR G 330 7.16 56.57 10.17
CA THR G 330 6.65 57.24 8.99
C THR G 330 6.50 56.23 7.85
N PRO G 331 5.65 56.53 6.86
CA PRO G 331 5.53 55.61 5.71
C PRO G 331 6.83 55.33 4.99
N GLN G 332 7.75 56.30 4.93
CA GLN G 332 9.03 56.05 4.29
C GLN G 332 9.85 55.02 5.07
N GLN G 333 9.86 55.12 6.40
CA GLN G 333 10.60 54.16 7.21
C GLN G 333 10.01 52.76 7.09
N ILE G 334 8.68 52.65 7.12
CA ILE G 334 8.04 51.34 7.04
C ILE G 334 8.24 50.72 5.67
N ALA G 335 8.10 51.52 4.60
CA ALA G 335 8.29 50.99 3.25
C ALA G 335 9.71 50.49 3.05
N GLU G 336 10.70 51.22 3.58
CA GLU G 336 12.09 50.77 3.46
C GLU G 336 12.32 49.48 4.25
N ARG G 337 11.72 49.38 5.43
CA ARG G 337 11.89 48.17 6.23
C ARG G 337 11.16 46.97 5.62
N ILE G 338 10.01 47.22 4.96
CA ILE G 338 9.29 46.13 4.30
C ILE G 338 10.11 45.57 3.15
N VAL G 339 10.69 46.45 2.33
CA VAL G 339 11.54 45.99 1.22
C VAL G 339 12.78 45.30 1.76
N ALA G 340 13.30 45.76 2.90
CA ALA G 340 14.44 45.08 3.52
C ALA G 340 14.08 43.66 3.94
N LEU G 341 12.85 43.46 4.43
CA LEU G 341 12.40 42.12 4.76
C LEU G 341 12.27 41.26 3.51
N LYS G 342 11.85 41.85 2.38
CA LYS G 342 11.78 41.09 1.14
C LYS G 342 13.14 40.55 0.73
N ALA G 343 14.22 41.27 1.07
CA ALA G 343 15.56 40.83 0.70
C ALA G 343 16.00 39.59 1.47
N VAL G 344 15.44 39.35 2.66
CA VAL G 344 15.82 38.18 3.45
C VAL G 344 14.87 37.00 3.25
N GLY G 345 13.94 37.11 2.30
CA GLY G 345 13.07 36.00 1.93
C GLY G 345 11.61 36.17 2.29
N VAL G 346 11.21 37.31 2.84
CA VAL G 346 9.82 37.52 3.21
C VAL G 346 9.00 37.82 1.96
N ASP G 347 7.88 37.11 1.79
CA ASP G 347 7.00 37.29 0.66
C ASP G 347 5.66 37.91 1.01
N LEU G 348 5.32 38.00 2.29
CA LEU G 348 4.04 38.52 2.72
C LEU G 348 4.20 39.18 4.08
N VAL G 349 3.42 40.23 4.31
CA VAL G 349 3.41 40.94 5.59
C VAL G 349 2.02 40.85 6.16
N LEU G 350 1.90 40.24 7.34
CA LEU G 350 0.64 40.15 8.07
C LEU G 350 0.59 41.31 9.05
N ALA G 351 -0.30 42.27 8.80
CA ALA G 351 -0.32 43.54 9.51
C ALA G 351 -1.41 43.52 10.58
N GLY G 352 -1.06 44.00 11.77
CA GLY G 352 -2.02 44.26 12.82
C GLY G 352 -2.04 45.75 13.12
N PHE G 353 -3.22 46.26 13.47
CA PHE G 353 -3.41 47.69 13.69
C PHE G 353 -4.18 47.91 14.98
N LEU G 354 -4.07 49.15 15.49
CA LEU G 354 -4.83 49.54 16.66
C LEU G 354 -6.23 50.00 16.27
N HIS G 355 -6.33 50.86 15.26
CA HIS G 355 -7.60 51.28 14.68
C HIS G 355 -7.63 50.77 13.25
N PHE G 356 -8.32 49.66 13.02
CA PHE G 356 -8.20 48.94 11.76
C PHE G 356 -8.72 49.76 10.59
N GLN G 357 -9.95 50.27 10.71
CA GLN G 357 -10.55 50.99 9.58
C GLN G 357 -9.75 52.23 9.20
N GLU G 358 -9.21 52.94 10.19
CA GLU G 358 -8.53 54.20 9.93
C GLU G 358 -7.12 53.98 9.37
N GLU G 359 -6.39 52.98 9.86
CA GLU G 359 -5.01 52.78 9.44
C GLU G 359 -4.87 51.96 8.17
N VAL G 360 -5.85 51.11 7.85
CA VAL G 360 -5.79 50.34 6.61
C VAL G 360 -5.86 51.27 5.40
N GLU G 361 -6.80 52.22 5.42
CA GLU G 361 -6.88 53.18 4.33
C GLU G 361 -5.63 54.06 4.28
N TYR G 362 -5.09 54.41 5.46
CA TYR G 362 -3.82 55.13 5.51
C TYR G 362 -2.70 54.29 4.91
N PHE G 363 -2.69 52.99 5.18
CA PHE G 363 -1.64 52.12 4.65
C PHE G 363 -1.68 52.08 3.13
N GLY G 364 -2.87 51.95 2.55
CA GLY G 364 -3.00 51.84 1.10
C GLY G 364 -2.72 53.12 0.35
N GLN G 365 -2.82 54.27 1.02
CA GLN G 365 -2.57 55.56 0.38
C GLN G 365 -1.18 56.11 0.65
N ARG G 366 -0.54 55.69 1.74
CA ARG G 366 0.73 56.26 2.17
C ARG G 366 1.87 55.26 2.18
N VAL G 367 1.65 54.07 2.74
CA VAL G 367 2.74 53.10 2.90
C VAL G 367 2.85 52.17 1.70
N LEU G 368 1.71 51.62 1.26
CA LEU G 368 1.73 50.69 0.13
C LEU G 368 2.26 51.30 -1.16
N PRO G 369 1.84 52.51 -1.57
CA PRO G 369 2.43 53.09 -2.80
C PRO G 369 3.94 53.25 -2.74
N LEU G 370 4.50 53.56 -1.57
CA LEU G 370 5.94 53.67 -1.44
C LEU G 370 6.63 52.32 -1.63
N VAL G 371 6.00 51.24 -1.15
CA VAL G 371 6.55 49.91 -1.35
C VAL G 371 6.59 49.55 -2.83
N ARG G 372 5.51 49.87 -3.56
CA ARG G 372 5.50 49.60 -4.99
C ARG G 372 6.53 50.43 -5.73
N GLU G 373 6.74 51.68 -5.31
CA GLU G 373 7.75 52.51 -5.96
C GLU G 373 9.15 51.95 -5.72
N LEU G 374 9.44 51.48 -4.51
CA LEU G 374 10.73 50.89 -4.23
C LEU G 374 10.92 49.59 -5.01
N GLU G 375 9.85 48.84 -5.23
CA GLU G 375 9.92 47.62 -6.02
C GLU G 375 10.18 47.94 -7.49
N ALA H 28 -52.18 29.64 10.43
CA ALA H 28 -52.06 29.59 8.98
C ALA H 28 -51.08 28.49 8.55
N VAL H 29 -51.45 27.74 7.51
CA VAL H 29 -50.60 26.66 7.02
C VAL H 29 -49.35 27.23 6.39
N LYS H 30 -48.20 26.75 6.83
CA LYS H 30 -46.91 27.17 6.30
C LYS H 30 -46.49 26.28 5.13
N PHE H 31 -45.65 26.84 4.26
CA PHE H 31 -45.22 26.15 3.05
C PHE H 31 -43.71 26.17 2.95
N ALA H 32 -43.14 25.03 2.55
CA ALA H 32 -41.71 24.89 2.35
C ALA H 32 -41.46 24.12 1.07
N TYR H 33 -40.27 24.31 0.50
CA TYR H 33 -39.89 23.64 -0.74
C TYR H 33 -38.52 23.00 -0.58
N TRP H 34 -38.32 21.88 -1.27
CA TRP H 34 -37.01 21.23 -1.30
C TRP H 34 -36.04 22.07 -2.12
N VAL H 35 -34.93 22.45 -1.51
CA VAL H 35 -33.87 23.17 -2.22
C VAL H 35 -33.09 22.17 -3.05
N PRO H 36 -33.06 22.31 -4.37
CA PRO H 36 -32.26 21.40 -5.22
C PRO H 36 -30.77 21.77 -5.23
N ASN H 37 -30.13 21.68 -4.06
CA ASN H 37 -28.71 21.94 -3.95
C ASN H 37 -27.86 20.71 -4.28
N VAL H 38 -28.48 19.58 -4.63
CA VAL H 38 -27.79 18.42 -5.16
C VAL H 38 -28.32 18.13 -6.55
N SER H 39 -27.47 17.56 -7.40
CA SER H 39 -27.82 17.32 -8.79
C SER H 39 -28.74 16.09 -8.90
N GLY H 40 -29.29 15.91 -10.10
CA GLY H 40 -30.12 14.76 -10.38
C GLY H 40 -31.61 15.03 -10.28
N GLY H 41 -32.02 15.83 -9.29
CA GLY H 41 -33.43 16.11 -9.08
C GLY H 41 -34.20 14.85 -8.75
N LEU H 42 -35.03 14.39 -9.68
CA LEU H 42 -35.76 13.13 -9.56
C LEU H 42 -35.06 12.13 -10.48
N VAL H 43 -34.21 11.28 -9.90
CA VAL H 43 -33.37 10.39 -10.68
C VAL H 43 -34.12 9.17 -11.20
N VAL H 44 -35.29 8.85 -10.64
CA VAL H 44 -36.07 7.71 -11.11
C VAL H 44 -36.86 8.00 -12.38
N SER H 45 -36.77 9.23 -12.90
CA SER H 45 -37.44 9.61 -14.14
C SER H 45 -36.47 10.42 -14.98
N ARG H 46 -36.43 10.13 -16.28
CA ARG H 46 -35.56 10.82 -17.21
C ARG H 46 -36.24 11.99 -17.91
N ILE H 47 -37.25 12.59 -17.29
CA ILE H 47 -37.98 13.69 -17.90
C ILE H 47 -37.12 14.94 -18.07
N ASP H 52 -32.03 22.49 -11.60
CA ASP H 52 -30.58 22.65 -11.64
C ASP H 52 -30.04 22.94 -10.24
N TRP H 53 -28.78 22.54 -10.01
CA TRP H 53 -28.15 22.66 -8.70
C TRP H 53 -27.24 23.89 -8.59
N GLY H 54 -27.23 24.76 -9.60
CA GLY H 54 -26.35 25.91 -9.57
C GLY H 54 -26.75 26.93 -8.53
N ILE H 55 -25.79 27.79 -8.18
CA ILE H 55 -26.06 28.84 -7.20
C ILE H 55 -27.01 29.89 -7.76
N ASP H 56 -26.81 30.27 -9.02
CA ASP H 56 -27.68 31.29 -9.63
C ASP H 56 -29.12 30.80 -9.73
N TYR H 57 -29.31 29.53 -10.09
CA TYR H 57 -30.66 28.99 -10.19
C TYR H 57 -31.36 29.00 -8.84
N ASN H 58 -30.63 28.66 -7.76
CA ASN H 58 -31.23 28.61 -6.44
C ASN H 58 -31.44 29.99 -5.83
N ARG H 59 -30.57 30.96 -6.15
CA ARG H 59 -30.77 32.32 -5.64
C ARG H 59 -32.06 32.92 -6.18
N LYS H 60 -32.31 32.77 -7.48
CA LYS H 60 -33.58 33.22 -8.05
C LYS H 60 -34.73 32.37 -7.53
N LEU H 61 -34.50 31.07 -7.33
CA LEU H 61 -35.53 30.20 -6.79
C LEU H 61 -35.91 30.60 -5.37
N ALA H 62 -34.92 30.96 -4.56
CA ALA H 62 -35.21 31.39 -3.19
C ALA H 62 -35.98 32.71 -3.17
N GLN H 63 -35.66 33.61 -4.11
CA GLN H 63 -36.37 34.88 -4.17
C GLN H 63 -37.79 34.69 -4.69
N LEU H 64 -37.97 33.83 -5.70
CA LEU H 64 -39.31 33.52 -6.19
C LEU H 64 -40.15 32.85 -5.11
N ALA H 65 -39.55 31.93 -4.36
CA ALA H 65 -40.27 31.25 -3.29
C ALA H 65 -40.65 32.22 -2.18
N GLU H 66 -39.77 33.18 -1.88
CA GLU H 66 -40.09 34.19 -0.88
C GLU H 66 -41.26 35.04 -1.36
N ALA H 67 -41.25 35.43 -2.63
CA ALA H 67 -42.35 36.23 -3.18
C ALA H 67 -43.62 35.40 -3.34
N ALA H 68 -43.49 34.09 -3.57
CA ALA H 68 -44.65 33.23 -3.74
C ALA H 68 -45.36 32.92 -2.43
N GLY H 69 -44.77 33.25 -1.29
CA GLY H 69 -45.39 33.00 -0.01
C GLY H 69 -44.81 31.83 0.75
N PHE H 70 -43.77 31.17 0.25
CA PHE H 70 -43.13 30.10 0.98
C PHE H 70 -42.35 30.68 2.17
N GLU H 71 -42.44 29.99 3.31
CA GLU H 71 -41.77 30.45 4.52
C GLU H 71 -40.44 29.76 4.76
N TYR H 72 -40.30 28.49 4.40
CA TYR H 72 -39.08 27.73 4.66
C TYR H 72 -38.51 27.18 3.37
N ALA H 73 -37.19 27.04 3.35
CA ALA H 73 -36.46 26.36 2.28
C ALA H 73 -35.63 25.26 2.93
N LEU H 74 -35.83 24.02 2.47
CA LEU H 74 -35.19 22.85 3.06
C LEU H 74 -34.05 22.39 2.16
N THR H 75 -32.83 22.46 2.66
CA THR H 75 -31.66 22.00 1.94
C THR H 75 -31.46 20.50 2.18
N GLN H 76 -30.65 19.89 1.31
CA GLN H 76 -30.29 18.48 1.43
C GLN H 76 -28.80 18.38 1.72
N ILE H 77 -28.42 17.32 2.44
CA ILE H 77 -27.03 17.12 2.84
C ILE H 77 -26.51 15.82 2.22
N ARG H 78 -25.36 15.93 1.56
CA ARG H 78 -24.67 14.79 0.97
C ARG H 78 -23.17 15.08 1.02
N PHE H 79 -22.37 14.03 1.08
CA PHE H 79 -20.92 14.20 1.14
C PHE H 79 -20.15 13.63 -0.05
N THR H 80 -20.48 12.43 -0.50
CA THR H 80 -19.75 11.81 -1.60
C THR H 80 -20.62 11.77 -2.86
N ALA H 81 -19.94 11.81 -4.00
CA ALA H 81 -20.62 11.77 -5.29
C ALA H 81 -21.22 10.39 -5.53
N GLY H 82 -22.42 10.37 -6.08
CA GLY H 82 -23.13 9.14 -6.36
C GLY H 82 -24.39 9.02 -5.52
N TYR H 83 -24.96 7.81 -5.55
CA TYR H 83 -26.18 7.49 -4.81
C TYR H 83 -27.35 8.37 -5.24
N GLY H 84 -27.34 8.80 -6.51
CA GLY H 84 -28.38 9.65 -7.08
C GLY H 84 -27.90 11.05 -7.40
N ALA H 85 -27.02 11.61 -6.59
CA ALA H 85 -26.52 12.97 -6.78
C ALA H 85 -25.04 12.91 -7.13
N GLU H 86 -24.70 13.45 -8.30
CA GLU H 86 -23.30 13.52 -8.71
C GLU H 86 -22.62 14.77 -8.18
N PHE H 87 -23.33 15.90 -8.13
CA PHE H 87 -22.79 17.16 -7.65
C PHE H 87 -23.63 17.63 -6.47
N GLN H 88 -22.97 18.01 -5.39
CA GLN H 88 -23.65 18.39 -4.15
C GLN H 88 -22.96 19.61 -3.56
N HIS H 89 -23.75 20.62 -3.21
CA HIS H 89 -23.23 21.78 -2.49
C HIS H 89 -23.39 21.56 -1.00
N GLU H 90 -22.38 21.99 -0.23
CA GLU H 90 -22.43 21.84 1.22
C GLU H 90 -23.64 22.60 1.77
N SER H 91 -24.42 21.91 2.61
CA SER H 91 -25.74 22.41 2.98
C SER H 91 -25.66 23.71 3.79
N VAL H 92 -24.74 23.78 4.74
CA VAL H 92 -24.69 24.95 5.64
C VAL H 92 -24.22 26.19 4.88
N ALA H 93 -23.15 26.06 4.09
CA ALA H 93 -22.66 27.18 3.31
C ALA H 93 -23.71 27.62 2.28
N PHE H 94 -24.38 26.66 1.67
CA PHE H 94 -25.45 26.99 0.72
C PHE H 94 -26.62 27.67 1.42
N SER H 95 -26.92 27.24 2.66
CA SER H 95 -27.95 27.91 3.43
C SER H 95 -27.58 29.36 3.70
N HIS H 96 -26.30 29.61 4.02
CA HIS H 96 -25.84 30.97 4.24
C HIS H 96 -25.99 31.81 2.97
N ALA H 97 -25.72 31.21 1.81
CA ALA H 97 -25.82 31.94 0.55
C ALA H 97 -27.28 32.25 0.20
N LEU H 98 -28.18 31.29 0.41
CA LEU H 98 -29.59 31.53 0.12
C LEU H 98 -30.18 32.58 1.05
N LEU H 99 -29.75 32.59 2.31
CA LEU H 99 -30.25 33.60 3.25
C LEU H 99 -29.78 35.00 2.85
N ALA H 100 -28.54 35.12 2.38
CA ALA H 100 -28.02 36.42 1.96
C ALA H 100 -28.71 36.94 0.71
N ALA H 101 -29.36 36.08 -0.06
CA ALA H 101 -30.06 36.47 -1.27
C ALA H 101 -31.54 36.75 -1.03
N THR H 102 -32.00 36.65 0.20
CA THR H 102 -33.40 36.87 0.55
C THR H 102 -33.49 37.85 1.70
N SER H 103 -34.72 38.16 2.10
CA SER H 103 -34.97 39.12 3.19
C SER H 103 -35.71 38.50 4.36
N GLN H 104 -36.82 37.80 4.10
CA GLN H 104 -37.62 37.21 5.16
C GLN H 104 -37.71 35.69 5.08
N LEU H 105 -37.22 35.07 4.01
CA LEU H 105 -37.27 33.62 3.88
C LEU H 105 -36.33 32.97 4.89
N LYS H 106 -36.80 31.90 5.51
CA LYS H 106 -36.00 31.11 6.43
C LYS H 106 -35.52 29.84 5.73
N VAL H 107 -34.26 29.48 5.99
CA VAL H 107 -33.62 28.33 5.35
C VAL H 107 -33.26 27.31 6.41
N ILE H 108 -33.66 26.07 6.18
CA ILE H 108 -33.40 24.96 7.09
C ILE H 108 -32.14 24.27 6.62
N ALA H 109 -31.07 24.35 7.40
CA ALA H 109 -29.81 23.72 7.06
C ALA H 109 -29.81 22.26 7.51
N ALA H 110 -29.47 21.36 6.60
CA ALA H 110 -29.44 19.94 6.91
C ALA H 110 -28.11 19.59 7.57
N ILE H 111 -28.18 18.83 8.66
CA ILE H 111 -27.01 18.45 9.44
C ILE H 111 -27.01 16.94 9.60
N LEU H 112 -25.85 16.33 9.41
CA LEU H 112 -25.69 14.87 9.49
C LEU H 112 -24.73 14.53 10.62
N PRO H 113 -25.22 14.07 11.77
CA PRO H 113 -24.31 13.63 12.83
C PRO H 113 -23.40 12.51 12.33
N GLY H 114 -22.18 12.48 12.84
CA GLY H 114 -21.13 11.72 12.23
C GLY H 114 -20.06 12.64 11.69
N PRO H 115 -20.09 12.93 10.39
CA PRO H 115 -19.20 13.97 9.85
C PRO H 115 -19.39 15.32 10.50
N TRP H 116 -20.57 15.60 11.06
CA TRP H 116 -20.81 16.81 11.83
C TRP H 116 -20.73 16.50 13.33
N GLN H 117 -20.24 17.49 14.08
CA GLN H 117 -20.23 17.45 15.53
C GLN H 117 -21.02 18.64 16.07
N PRO H 118 -21.72 18.47 17.20
CA PRO H 118 -22.63 19.54 17.66
C PRO H 118 -21.92 20.84 18.01
N ALA H 119 -20.69 20.79 18.53
CA ALA H 119 -20.01 22.02 18.92
C ALA H 119 -19.78 22.92 17.72
N LEU H 120 -19.30 22.35 16.61
CA LEU H 120 -19.12 23.15 15.40
C LEU H 120 -20.45 23.56 14.80
N ALA H 121 -21.43 22.64 14.79
CA ALA H 121 -22.74 22.97 14.24
C ALA H 121 -23.42 24.08 15.03
N ALA H 122 -23.33 24.02 16.36
CA ALA H 122 -23.97 25.04 17.19
C ALA H 122 -23.34 26.41 16.95
N LYS H 123 -22.01 26.48 16.87
CA LYS H 123 -21.35 27.77 16.73
C LYS H 123 -21.51 28.32 15.32
N GLN H 124 -21.43 27.47 14.30
CA GLN H 124 -21.55 27.96 12.93
C GLN H 124 -22.97 28.44 12.65
N LEU H 125 -23.98 27.68 13.08
CA LEU H 125 -25.36 28.10 12.88
C LEU H 125 -25.68 29.36 13.67
N ALA H 126 -25.04 29.55 14.83
CA ALA H 126 -25.28 30.76 15.61
C ALA H 126 -24.73 31.98 14.91
N THR H 127 -23.52 31.88 14.33
CA THR H 127 -22.94 33.01 13.62
C THR H 127 -23.77 33.36 12.39
N ILE H 128 -24.18 32.35 11.62
CA ILE H 128 -25.03 32.60 10.46
C ILE H 128 -26.35 33.21 10.90
N ASP H 129 -26.89 32.75 12.03
CA ASP H 129 -28.12 33.33 12.54
C ASP H 129 -27.96 34.81 12.84
N GLN H 130 -26.81 35.19 13.40
CA GLN H 130 -26.55 36.61 13.67
C GLN H 130 -26.42 37.40 12.37
N LEU H 131 -25.80 36.81 11.35
CA LEU H 131 -25.58 37.50 10.09
C LEU H 131 -26.80 37.54 9.19
N THR H 132 -27.85 36.77 9.50
CA THR H 132 -29.03 36.66 8.63
C THR H 132 -30.31 37.03 9.36
N ASN H 133 -30.22 37.80 10.44
CA ASN H 133 -31.39 38.29 11.18
C ASN H 133 -32.24 37.13 11.71
N GLY H 134 -31.58 36.09 12.20
CA GLY H 134 -32.25 34.98 12.85
C GLY H 134 -33.19 34.19 11.97
N ARG H 135 -32.75 33.84 10.76
CA ARG H 135 -33.62 33.16 9.79
C ARG H 135 -33.12 31.76 9.44
N ILE H 136 -32.30 31.16 10.30
CA ILE H 136 -31.73 29.84 10.01
C ILE H 136 -32.33 28.81 10.94
N ALA H 137 -32.64 27.64 10.39
CA ALA H 137 -33.15 26.50 11.12
C ALA H 137 -32.26 25.30 10.80
N VAL H 138 -32.53 24.17 11.43
CA VAL H 138 -31.70 22.98 11.29
C VAL H 138 -32.60 21.76 11.08
N ASN H 139 -32.19 20.90 10.16
CA ASN H 139 -32.86 19.62 9.91
C ASN H 139 -31.84 18.52 10.19
N ILE H 140 -32.13 17.70 11.20
CA ILE H 140 -31.22 16.64 11.63
C ILE H 140 -31.53 15.39 10.83
N VAL H 141 -30.55 14.96 10.02
CA VAL H 141 -30.68 13.77 9.18
C VAL H 141 -29.85 12.66 9.80
N SER H 142 -30.42 11.47 9.88
CA SER H 142 -29.73 10.32 10.46
C SER H 142 -28.98 9.47 9.44
N GLY H 143 -29.03 9.84 8.16
CA GLY H 143 -28.26 9.12 7.14
C GLY H 143 -28.95 7.90 6.58
N TRP H 144 -28.81 7.68 5.27
CA TRP H 144 -29.43 6.55 4.61
C TRP H 144 -28.44 5.61 3.92
N PHE H 145 -27.29 6.11 3.49
CA PHE H 145 -26.33 5.32 2.72
C PHE H 145 -25.10 5.02 3.57
N ARG H 146 -24.88 3.73 3.84
CA ARG H 146 -23.68 3.33 4.57
CA ARG H 146 -23.68 3.33 4.57
C ARG H 146 -22.42 3.69 3.80
N GLY H 147 -22.44 3.48 2.47
CA GLY H 147 -21.26 3.76 1.66
C GLY H 147 -20.77 5.19 1.77
N GLU H 148 -21.70 6.14 2.00
CA GLU H 148 -21.26 7.52 2.20
C GLU H 148 -20.47 7.67 3.48
N PHE H 149 -20.90 7.01 4.56
CA PHE H 149 -20.15 7.03 5.81
C PHE H 149 -18.81 6.32 5.66
N GLN H 150 -18.80 5.19 4.95
CA GLN H 150 -17.55 4.46 4.73
C GLN H 150 -16.56 5.29 3.93
N ALA H 151 -17.04 6.07 2.97
CA ALA H 151 -16.15 6.87 2.14
C ALA H 151 -15.42 7.94 2.95
N ILE H 152 -16.08 8.51 3.95
CA ILE H 152 -15.49 9.59 4.75
C ILE H 152 -14.93 9.11 6.08
N GLY H 153 -14.74 7.80 6.24
CA GLY H 153 -14.08 7.27 7.42
C GLY H 153 -14.94 7.12 8.65
N GLU H 154 -16.25 7.28 8.54
CA GLU H 154 -17.14 7.13 9.69
C GLU H 154 -17.67 5.71 9.79
N HIS H 155 -17.79 5.22 11.03
CA HIS H 155 -18.38 3.91 11.27
C HIS H 155 -19.89 3.99 11.12
N TRP H 156 -20.49 2.85 10.77
CA TRP H 156 -21.93 2.76 10.50
C TRP H 156 -22.60 2.17 11.73
N LEU H 157 -23.28 3.01 12.51
CA LEU H 157 -23.99 2.56 13.69
C LEU H 157 -25.31 1.89 13.32
N GLU H 158 -25.82 1.10 14.25
CA GLU H 158 -27.12 0.46 14.06
C GLU H 158 -28.22 1.51 13.96
N HIS H 159 -29.32 1.15 13.29
CA HIS H 159 -30.37 2.11 12.95
C HIS H 159 -30.85 2.88 14.16
N ASP H 160 -31.31 2.17 15.19
CA ASP H 160 -31.77 2.85 16.40
C ASP H 160 -30.63 3.56 17.12
N GLU H 161 -29.41 3.03 17.00
CA GLU H 161 -28.25 3.70 17.61
C GLU H 161 -27.96 5.03 16.94
N ARG H 162 -28.21 5.14 15.63
CA ARG H 162 -28.01 6.42 14.96
C ARG H 162 -28.97 7.48 15.49
N TYR H 163 -30.18 7.07 15.88
CA TYR H 163 -31.13 8.03 16.44
C TYR H 163 -30.79 8.42 17.87
N ARG H 164 -30.18 7.53 18.64
CA ARG H 164 -29.69 7.92 19.96
C ARG H 164 -28.60 8.98 19.84
N ARG H 165 -27.69 8.82 18.88
CA ARG H 165 -26.67 9.84 18.65
C ARG H 165 -27.31 11.14 18.17
N SER H 166 -28.33 11.06 17.32
CA SER H 166 -29.01 12.25 16.86
C SER H 166 -29.71 12.98 18.01
N GLU H 167 -30.31 12.23 18.94
CA GLU H 167 -30.97 12.86 20.07
C GLU H 167 -29.98 13.60 20.96
N GLU H 168 -28.83 12.99 21.24
CA GLU H 168 -27.78 13.71 21.96
C GLU H 168 -27.28 14.91 21.17
N PHE H 169 -27.23 14.79 19.84
CA PHE H 169 -26.85 15.93 19.02
C PHE H 169 -27.85 17.06 19.17
N ILE H 170 -29.15 16.74 19.17
CA ILE H 170 -30.19 17.75 19.28
C ILE H 170 -30.17 18.39 20.67
N ARG H 171 -30.06 17.57 21.72
CA ARG H 171 -30.01 18.10 23.07
C ARG H 171 -28.80 19.01 23.26
N SER H 172 -27.68 18.67 22.62
CA SER H 172 -26.51 19.53 22.70
C SER H 172 -26.76 20.87 22.02
N LEU H 173 -27.45 20.86 20.87
CA LEU H 173 -27.75 22.13 20.19
C LEU H 173 -28.64 23.01 21.05
N ARG H 174 -29.69 22.43 21.63
CA ARG H 174 -30.59 23.21 22.48
C ARG H 174 -29.87 23.77 23.71
N GLY H 175 -29.02 22.93 24.34
CA GLY H 175 -28.32 23.39 25.52
C GLY H 175 -27.29 24.46 25.23
N ILE H 176 -26.52 24.28 24.16
CA ILE H 176 -25.51 25.26 23.81
C ILE H 176 -26.14 26.60 23.42
N TRP H 177 -27.23 26.55 22.66
CA TRP H 177 -27.84 27.79 22.16
C TRP H 177 -28.59 28.56 23.24
N SER H 178 -28.96 27.91 24.34
CA SER H 178 -29.84 28.54 25.31
C SER H 178 -29.22 28.75 26.69
N GLN H 179 -28.13 28.07 27.02
CA GLN H 179 -27.58 28.15 28.36
C GLN H 179 -26.10 28.48 28.34
N ASP H 180 -25.67 29.28 29.31
CA ASP H 180 -24.27 29.44 29.61
C ASP H 180 -23.82 28.28 30.49
N ASN H 181 -22.51 28.04 30.52
CA ASN H 181 -21.92 26.95 31.29
C ASN H 181 -22.70 25.65 31.08
N PHE H 182 -22.68 25.16 29.85
CA PHE H 182 -23.44 23.97 29.49
C PHE H 182 -22.63 22.72 29.77
N THR H 183 -23.26 21.74 30.42
CA THR H 183 -22.64 20.45 30.69
C THR H 183 -23.57 19.34 30.24
N PHE H 184 -23.01 18.38 29.50
CA PHE H 184 -23.76 17.27 28.95
C PHE H 184 -22.83 16.06 28.96
N ARG H 185 -23.28 14.97 29.55
CA ARG H 185 -22.46 13.76 29.68
C ARG H 185 -23.18 12.66 28.91
N GLY H 186 -22.99 12.65 27.59
CA GLY H 186 -23.65 11.69 26.73
C GLY H 186 -22.74 10.53 26.36
N ASP H 187 -23.35 9.54 25.74
CA ASP H 187 -22.59 8.40 25.21
C ASP H 187 -21.86 8.76 23.93
N PHE H 188 -22.31 9.79 23.21
CA PHE H 188 -21.70 10.21 21.96
C PHE H 188 -21.05 11.57 22.02
N TYR H 189 -21.58 12.50 22.83
CA TYR H 189 -21.06 13.86 22.90
C TYR H 189 -20.95 14.29 24.35
N ARG H 190 -19.87 15.00 24.65
CA ARG H 190 -19.60 15.51 25.99
C ARG H 190 -19.40 17.02 25.93
N PHE H 191 -19.89 17.71 26.96
CA PHE H 191 -19.64 19.14 27.13
C PHE H 191 -19.40 19.40 28.61
N ASP H 192 -18.42 20.26 28.90
CA ASP H 192 -18.00 20.54 30.27
C ASP H 192 -17.85 22.05 30.46
N ASN H 193 -18.86 22.67 31.07
CA ASN H 193 -18.84 24.10 31.39
C ASN H 193 -18.58 24.93 30.13
N TYR H 194 -19.26 24.57 29.04
CA TYR H 194 -19.09 25.25 27.76
C TYR H 194 -20.04 26.43 27.65
N SER H 195 -19.51 27.59 27.29
CA SER H 195 -20.29 28.81 27.12
C SER H 195 -20.08 29.31 25.70
N LEU H 196 -21.10 29.20 24.86
CA LEU H 196 -21.04 29.69 23.49
C LEU H 196 -21.47 31.15 23.46
N LYS H 197 -20.60 32.01 22.92
CA LYS H 197 -20.91 33.42 22.75
C LYS H 197 -20.29 33.84 21.42
N PRO H 198 -21.06 34.47 20.52
CA PRO H 198 -22.48 34.79 20.73
C PRO H 198 -23.43 33.64 20.42
N LYS H 199 -24.59 33.68 21.02
CA LYS H 199 -25.66 32.71 20.79
C LYS H 199 -26.51 33.18 19.61
N PRO H 200 -27.40 32.31 19.10
CA PRO H 200 -28.26 32.73 18.00
C PRO H 200 -29.13 33.93 18.38
N LEU H 201 -29.41 34.75 17.37
CA LEU H 201 -30.30 35.89 17.56
C LEU H 201 -31.70 35.42 17.96
N GLY H 202 -32.22 34.41 17.27
CA GLY H 202 -33.48 33.79 17.60
C GLY H 202 -33.30 32.40 18.17
N ARG H 203 -34.38 31.62 18.10
CA ARG H 203 -34.34 30.22 18.54
C ARG H 203 -34.48 29.34 17.31
N PRO H 204 -33.39 28.78 16.78
CA PRO H 204 -33.48 27.99 15.54
C PRO H 204 -34.34 26.76 15.73
N GLU H 205 -35.37 26.63 14.89
CA GLU H 205 -36.25 25.48 14.93
C GLU H 205 -35.52 24.22 14.46
N ILE H 206 -35.93 23.08 15.02
CA ILE H 206 -35.30 21.79 14.74
C ILE H 206 -36.32 20.95 14.00
N PHE H 207 -36.07 20.72 12.71
CA PHE H 207 -36.91 19.87 11.88
C PHE H 207 -36.32 18.47 11.83
N GLN H 208 -37.20 17.49 11.65
CA GLN H 208 -36.75 16.10 11.63
C GLN H 208 -37.78 15.25 10.88
N GLY H 209 -37.28 14.37 10.03
CA GLY H 209 -38.14 13.43 9.32
C GLY H 209 -37.98 12.01 9.83
N GLY H 210 -38.20 11.04 8.94
CA GLY H 210 -38.09 9.64 9.33
C GLY H 210 -39.42 9.04 9.70
N SER H 211 -39.63 7.77 9.36
CA SER H 211 -40.88 7.09 9.62
C SER H 211 -40.77 5.93 10.59
N SER H 212 -39.56 5.54 11.00
CA SER H 212 -39.38 4.42 11.90
C SER H 212 -39.84 4.80 13.30
N ARG H 213 -39.93 3.78 14.17
CA ARG H 213 -40.33 4.02 15.55
C ARG H 213 -39.32 4.93 16.26
N ALA H 214 -38.03 4.71 16.02
CA ALA H 214 -37.01 5.54 16.64
C ALA H 214 -37.10 6.99 16.18
N ALA H 215 -37.46 7.21 14.92
CA ALA H 215 -37.54 8.57 14.40
C ALA H 215 -38.65 9.37 15.06
N ARG H 216 -39.81 8.75 15.26
CA ARG H 216 -40.93 9.46 15.86
C ARG H 216 -40.94 9.41 17.38
N ASP H 217 -40.15 8.53 18.00
CA ASP H 217 -39.94 8.62 19.44
C ASP H 217 -39.01 9.79 19.76
N MET H 218 -38.01 10.04 18.91
CA MET H 218 -37.12 11.18 19.11
C MET H 218 -37.85 12.49 18.83
N ALA H 219 -38.67 12.53 17.78
CA ALA H 219 -39.39 13.75 17.44
C ALA H 219 -40.36 14.15 18.55
N ALA H 220 -40.99 13.15 19.18
CA ALA H 220 -41.93 13.42 20.27
C ALA H 220 -41.24 13.89 21.55
N ARG H 221 -39.92 13.99 21.57
CA ARG H 221 -39.20 14.42 22.76
C ARG H 221 -38.44 15.72 22.57
N VAL H 222 -37.74 15.91 21.46
CA VAL H 222 -36.77 17.01 21.36
C VAL H 222 -36.96 17.87 20.12
N SER H 223 -37.81 17.43 19.19
CA SER H 223 -37.95 18.12 17.91
C SER H 223 -39.11 19.11 17.94
N ASP H 224 -38.93 20.23 17.25
CA ASP H 224 -40.00 21.22 17.12
C ASP H 224 -40.95 20.84 15.99
N TRP H 225 -40.43 20.38 14.86
CA TRP H 225 -41.22 19.97 13.72
C TRP H 225 -40.93 18.51 13.38
N TYR H 226 -41.95 17.79 12.94
CA TYR H 226 -41.82 16.41 12.49
C TYR H 226 -42.42 16.27 11.11
N PHE H 227 -41.63 15.78 10.17
CA PHE H 227 -42.11 15.50 8.81
C PHE H 227 -42.67 14.08 8.78
N THR H 228 -43.97 13.95 8.56
CA THR H 228 -44.60 12.64 8.43
C THR H 228 -44.60 12.22 6.97
N ASN H 229 -44.56 10.91 6.76
CA ASN H 229 -44.49 10.36 5.41
C ASN H 229 -45.78 10.65 4.64
N GLY H 230 -45.63 10.87 3.34
CA GLY H 230 -46.77 11.10 2.47
C GLY H 230 -47.73 9.92 2.44
N ASN H 231 -49.02 10.20 2.58
CA ASN H 231 -50.04 9.17 2.63
C ASN H 231 -51.38 9.81 2.30
N SER H 232 -52.44 9.01 2.38
CA SER H 232 -53.78 9.54 2.17
C SER H 232 -54.20 10.39 3.36
N VAL H 233 -55.33 11.08 3.21
CA VAL H 233 -55.82 11.94 4.27
C VAL H 233 -56.18 11.12 5.51
N GLU H 234 -56.73 9.91 5.30
CA GLU H 234 -57.07 9.05 6.42
C GLU H 234 -55.82 8.50 7.10
N GLY H 235 -54.82 8.12 6.31
CA GLY H 235 -53.58 7.61 6.89
C GLY H 235 -52.81 8.66 7.65
N ILE H 236 -52.79 9.89 7.13
CA ILE H 236 -52.07 10.98 7.80
C ILE H 236 -52.72 11.32 9.14
N LYS H 237 -54.05 11.25 9.21
CA LYS H 237 -54.73 11.53 10.47
C LYS H 237 -54.32 10.53 11.55
N ALA H 238 -54.17 9.26 11.18
CA ALA H 238 -53.74 8.25 12.14
C ALA H 238 -52.30 8.50 12.59
N GLN H 239 -51.42 8.87 11.66
CA GLN H 239 -50.03 9.15 12.03
C GLN H 239 -49.93 10.39 12.89
N VAL H 240 -50.73 11.41 12.60
CA VAL H 240 -50.69 12.65 13.39
C VAL H 240 -51.15 12.40 14.83
N ASP H 241 -52.23 11.64 15.00
CA ASP H 241 -52.74 11.38 16.34
C ASP H 241 -51.76 10.56 17.17
N ASP H 242 -51.07 9.61 16.53
CA ASP H 242 -50.15 8.75 17.26
C ASP H 242 -48.95 9.53 17.80
N ILE H 243 -48.35 10.38 16.97
CA ILE H 243 -47.16 11.11 17.39
C ILE H 243 -47.51 12.16 18.44
N ARG H 244 -48.67 12.79 18.31
CA ARG H 244 -49.07 13.77 19.32
C ARG H 244 -49.35 13.11 20.66
N ALA H 245 -49.84 11.87 20.64
CA ALA H 245 -50.05 11.14 21.89
C ALA H 245 -48.73 10.85 22.58
N LYS H 246 -47.71 10.44 21.82
CA LYS H 246 -46.39 10.24 22.42
C LYS H 246 -45.79 11.54 22.91
N ALA H 247 -45.98 12.63 22.15
CA ALA H 247 -45.44 13.92 22.55
C ALA H 247 -46.12 14.43 23.82
N ALA H 248 -47.43 14.17 23.95
CA ALA H 248 -48.14 14.59 25.16
C ALA H 248 -47.62 13.86 26.39
N ALA H 249 -47.28 12.58 26.24
CA ALA H 249 -46.75 11.82 27.36
C ALA H 249 -45.41 12.38 27.83
N ASN H 250 -44.63 12.96 26.92
CA ASN H 250 -43.36 13.58 27.25
C ASN H 250 -43.49 15.05 27.61
N HIS H 251 -44.71 15.59 27.61
CA HIS H 251 -44.96 17.01 27.86
C HIS H 251 -44.17 17.89 26.88
N HIS H 252 -44.14 17.47 25.62
CA HIS H 252 -43.40 18.14 24.57
C HIS H 252 -44.36 18.54 23.45
N SER H 253 -44.12 19.72 22.87
CA SER H 253 -44.93 20.23 21.77
C SER H 253 -44.18 20.05 20.47
N VAL H 254 -44.85 19.49 19.46
CA VAL H 254 -44.26 19.27 18.15
C VAL H 254 -45.29 19.58 17.07
N LYS H 255 -44.90 20.38 16.09
CA LYS H 255 -45.73 20.65 14.92
C LYS H 255 -45.43 19.64 13.82
N ILE H 256 -46.39 19.44 12.93
CA ILE H 256 -46.36 18.37 11.95
C ILE H 256 -46.43 18.94 10.55
N GLY H 257 -45.51 18.49 9.68
CA GLY H 257 -45.54 18.78 8.27
C GLY H 257 -45.61 17.51 7.45
N VAL H 258 -46.06 17.61 6.20
CA VAL H 258 -46.17 16.44 5.32
C VAL H 258 -45.42 16.72 4.03
N ASN H 259 -44.65 15.74 3.57
CA ASN H 259 -43.93 15.85 2.31
C ASN H 259 -44.86 15.55 1.15
N ALA H 260 -44.79 16.38 0.11
CA ALA H 260 -45.66 16.22 -1.05
C ALA H 260 -44.95 16.72 -2.30
N PHE H 261 -45.11 15.98 -3.39
CA PHE H 261 -44.61 16.38 -4.71
C PHE H 261 -45.78 17.01 -5.45
N VAL H 262 -45.74 18.33 -5.60
CA VAL H 262 -46.86 19.09 -6.14
C VAL H 262 -46.68 19.26 -7.65
N ILE H 263 -47.68 18.82 -8.41
CA ILE H 263 -47.75 19.03 -9.85
C ILE H 263 -49.07 19.75 -10.12
N ALA H 264 -49.02 21.07 -10.20
CA ALA H 264 -50.21 21.90 -10.38
C ALA H 264 -50.29 22.36 -11.83
N ARG H 265 -51.38 21.99 -12.51
CA ARG H 265 -51.64 22.39 -13.89
C ARG H 265 -53.04 22.97 -13.99
N ASP H 266 -53.31 23.60 -15.13
CA ASP H 266 -54.61 24.26 -15.34
C ASP H 266 -55.76 23.27 -15.43
N THR H 267 -55.50 22.05 -15.93
CA THR H 267 -56.53 21.04 -16.06
C THR H 267 -56.08 19.75 -15.36
N GLU H 268 -57.07 19.01 -14.85
CA GLU H 268 -56.76 17.75 -14.18
C GLU H 268 -56.14 16.74 -15.15
N GLU H 269 -56.60 16.75 -16.41
CA GLU H 269 -56.01 15.84 -17.39
C GLU H 269 -54.56 16.20 -17.68
N GLU H 270 -54.25 17.50 -17.73
CA GLU H 270 -52.87 17.93 -17.98
C GLU H 270 -51.97 17.54 -16.83
N ALA H 271 -52.45 17.68 -15.59
CA ALA H 271 -51.65 17.30 -14.42
C ALA H 271 -51.38 15.81 -14.40
N LYS H 272 -52.40 15.00 -14.69
CA LYS H 272 -52.23 13.55 -14.75
C LYS H 272 -51.30 13.12 -15.87
N ALA H 273 -51.15 13.96 -16.91
CA ALA H 273 -50.21 13.63 -17.98
C ALA H 273 -48.76 13.80 -17.53
N VAL H 274 -48.50 14.79 -16.67
CA VAL H 274 -47.15 14.98 -16.15
C VAL H 274 -46.72 13.79 -15.30
N LEU H 275 -47.64 13.28 -14.48
CA LEU H 275 -47.33 12.10 -13.67
C LEU H 275 -47.02 10.90 -14.56
N ALA H 276 -47.76 10.76 -15.66
CA ALA H 276 -47.49 9.65 -16.58
C ALA H 276 -46.11 9.79 -17.23
N GLN H 277 -45.72 11.02 -17.59
CA GLN H 277 -44.41 11.23 -18.19
C GLN H 277 -43.28 10.90 -17.23
N ILE H 278 -43.49 11.13 -15.93
CA ILE H 278 -42.47 10.78 -14.95
C ILE H 278 -42.29 9.26 -14.88
N ILE H 279 -43.39 8.52 -14.86
CA ILE H 279 -43.35 7.07 -14.80
C ILE H 279 -42.85 6.48 -16.12
N ASP H 321 -41.84 9.65 -1.39
CA ASP H 321 -43.13 9.37 -0.76
C ASP H 321 -44.09 10.55 -0.91
N GLY H 322 -43.63 11.59 -1.61
CA GLY H 322 -44.46 12.77 -1.79
C GLY H 322 -45.62 12.56 -2.75
N PHE H 323 -45.57 11.51 -3.57
CA PHE H 323 -46.67 11.24 -4.49
C PHE H 323 -47.91 10.74 -3.76
N LYS H 324 -47.73 10.09 -2.60
CA LYS H 324 -48.87 9.56 -1.87
C LYS H 324 -49.77 10.64 -1.29
N THR H 325 -49.25 11.85 -1.09
CA THR H 325 -50.09 12.96 -0.63
C THR H 325 -51.14 13.35 -1.67
N ASN H 326 -50.89 13.05 -2.95
CA ASN H 326 -51.85 13.27 -4.02
C ASN H 326 -52.22 14.75 -4.17
N LEU H 327 -51.20 15.60 -4.16
CA LEU H 327 -51.38 17.02 -4.49
C LEU H 327 -51.16 17.27 -5.98
N ILE H 328 -51.87 16.51 -6.81
CA ILE H 328 -51.75 16.59 -8.26
C ILE H 328 -53.11 16.96 -8.82
N GLY H 329 -53.15 17.97 -9.68
CA GLY H 329 -54.40 18.39 -10.30
C GLY H 329 -54.53 19.89 -10.50
N THR H 330 -55.77 20.37 -10.52
CA THR H 330 -56.03 21.78 -10.70
C THR H 330 -55.74 22.53 -9.40
N PRO H 331 -55.48 23.84 -9.49
CA PRO H 331 -55.27 24.61 -8.26
C PRO H 331 -56.43 24.53 -7.28
N GLN H 332 -57.67 24.46 -7.78
CA GLN H 332 -58.81 24.32 -6.87
C GLN H 332 -58.80 22.97 -6.17
N GLN H 333 -58.46 21.90 -6.90
CA GLN H 333 -58.41 20.58 -6.29
C GLN H 333 -57.28 20.50 -5.25
N ILE H 334 -56.11 21.06 -5.57
CA ILE H 334 -54.99 21.02 -4.64
C ILE H 334 -55.27 21.85 -3.40
N ALA H 335 -55.86 23.04 -3.59
CA ALA H 335 -56.17 23.91 -2.45
C ALA H 335 -57.17 23.25 -1.51
N GLU H 336 -58.17 22.54 -2.07
CA GLU H 336 -59.13 21.84 -1.23
C GLU H 336 -58.46 20.71 -0.44
N ARG H 337 -57.53 20.00 -1.09
CA ARG H 337 -56.83 18.92 -0.40
C ARG H 337 -55.88 19.43 0.68
N ILE H 338 -55.30 20.62 0.47
CA ILE H 338 -54.44 21.21 1.49
C ILE H 338 -55.24 21.53 2.75
N VAL H 339 -56.42 22.13 2.57
CA VAL H 339 -57.27 22.45 3.71
C VAL H 339 -57.76 21.17 4.39
N ALA H 340 -58.00 20.11 3.62
CA ALA H 340 -58.38 18.83 4.22
C ALA H 340 -57.27 18.28 5.10
N LEU H 341 -56.02 18.43 4.68
CA LEU H 341 -54.90 18.00 5.50
C LEU H 341 -54.77 18.84 6.76
N LYS H 342 -55.08 20.14 6.68
CA LYS H 342 -55.03 20.98 7.88
C LYS H 342 -56.02 20.50 8.94
N ALA H 343 -57.15 19.93 8.51
CA ALA H 343 -58.15 19.46 9.45
C ALA H 343 -57.69 18.24 10.25
N VAL H 344 -56.74 17.46 9.73
CA VAL H 344 -56.27 16.27 10.42
C VAL H 344 -54.98 16.52 11.20
N GLY H 345 -54.54 17.77 11.29
CA GLY H 345 -53.40 18.13 12.12
C GLY H 345 -52.15 18.56 11.37
N VAL H 346 -52.20 18.66 10.04
CA VAL H 346 -51.03 19.07 9.28
C VAL H 346 -50.86 20.58 9.40
N ASP H 347 -49.66 21.02 9.75
CA ASP H 347 -49.36 22.44 9.93
C ASP H 347 -48.45 23.00 8.85
N LEU H 348 -47.82 22.16 8.05
CA LEU H 348 -46.88 22.62 7.03
C LEU H 348 -46.88 21.63 5.87
N VAL H 349 -46.66 22.15 4.67
CA VAL H 349 -46.58 21.33 3.47
C VAL H 349 -45.20 21.54 2.87
N LEU H 350 -44.43 20.45 2.77
CA LEU H 350 -43.12 20.48 2.14
C LEU H 350 -43.31 20.07 0.68
N ALA H 351 -43.09 21.02 -0.23
CA ALA H 351 -43.43 20.86 -1.64
C ALA H 351 -42.19 20.53 -2.45
N GLY H 352 -42.34 19.55 -3.34
CA GLY H 352 -41.33 19.27 -4.35
C GLY H 352 -41.92 19.54 -5.73
N PHE H 353 -41.06 19.98 -6.64
CA PHE H 353 -41.49 20.36 -7.97
C PHE H 353 -40.56 19.76 -9.02
N LEU H 354 -41.07 19.67 -10.25
CA LEU H 354 -40.26 19.18 -11.36
C LEU H 354 -39.43 20.29 -11.97
N HIS H 355 -40.05 21.43 -12.27
CA HIS H 355 -39.37 22.63 -12.73
C HIS H 355 -39.57 23.68 -11.64
N PHE H 356 -38.56 23.85 -10.79
CA PHE H 356 -38.74 24.62 -9.57
C PHE H 356 -39.03 26.10 -9.86
N GLN H 357 -38.17 26.74 -10.66
CA GLN H 357 -38.34 28.17 -10.90
C GLN H 357 -39.64 28.51 -11.62
N GLU H 358 -40.25 27.54 -12.30
CA GLU H 358 -41.49 27.78 -13.02
C GLU H 358 -42.74 27.37 -12.25
N GLU H 359 -42.67 26.31 -11.45
CA GLU H 359 -43.83 25.86 -10.69
C GLU H 359 -43.99 26.57 -9.36
N VAL H 360 -42.89 27.03 -8.75
CA VAL H 360 -42.99 27.81 -7.52
C VAL H 360 -43.71 29.13 -7.78
N GLU H 361 -43.37 29.81 -8.88
CA GLU H 361 -44.10 31.03 -9.24
C GLU H 361 -45.56 30.71 -9.55
N TYR H 362 -45.82 29.61 -10.24
CA TYR H 362 -47.20 29.19 -10.51
C TYR H 362 -47.93 28.86 -9.21
N PHE H 363 -47.24 28.21 -8.27
CA PHE H 363 -47.87 27.84 -7.01
C PHE H 363 -48.30 29.07 -6.22
N GLY H 364 -47.43 30.09 -6.16
CA GLY H 364 -47.74 31.29 -5.40
C GLY H 364 -48.79 32.16 -6.02
N GLN H 365 -49.04 32.01 -7.33
CA GLN H 365 -50.03 32.81 -8.02
C GLN H 365 -51.36 32.10 -8.22
N ARG H 366 -51.39 30.77 -8.18
CA ARG H 366 -52.58 30.00 -8.49
C ARG H 366 -53.08 29.17 -7.33
N VAL H 367 -52.20 28.43 -6.65
CA VAL H 367 -52.63 27.50 -5.61
C VAL H 367 -52.64 28.16 -4.24
N LEU H 368 -51.57 28.86 -3.89
CA LEU H 368 -51.49 29.48 -2.56
C LEU H 368 -52.57 30.51 -2.29
N PRO H 369 -52.89 31.45 -3.19
CA PRO H 369 -54.00 32.38 -2.91
C PRO H 369 -55.32 31.70 -2.65
N LEU H 370 -55.61 30.58 -3.33
CA LEU H 370 -56.84 29.86 -3.07
C LEU H 370 -56.85 29.26 -1.67
N VAL H 371 -55.69 28.80 -1.19
CA VAL H 371 -55.61 28.28 0.17
C VAL H 371 -55.91 29.36 1.19
N ARG H 372 -55.38 30.56 0.99
CA ARG H 372 -55.67 31.66 1.90
C ARG H 372 -57.15 32.03 1.85
N GLU H 373 -57.75 32.02 0.65
CA GLU H 373 -59.16 32.33 0.53
C GLU H 373 -60.02 31.26 1.21
N LEU H 374 -59.67 29.98 1.04
CA LEU H 374 -60.42 28.92 1.69
C LEU H 374 -60.22 28.94 3.21
N GLU H 375 -59.04 29.34 3.68
CA GLU H 375 -58.84 29.47 5.12
C GLU H 375 -59.65 30.63 5.69
N ALA H 376 -59.74 31.74 4.96
CA ALA H 376 -60.48 32.90 5.44
C ALA H 376 -61.97 32.58 5.58
N LYS H 377 -62.53 31.83 4.64
CA LYS H 377 -63.94 31.49 4.72
C LYS H 377 -64.24 30.65 5.96
N ALA H 378 -63.38 29.70 6.27
CA ALA H 378 -63.57 28.85 7.45
C ALA H 378 -63.19 29.60 8.72
S SO4 I . 34.08 6.61 -14.02
O1 SO4 I . 32.69 6.83 -14.42
O2 SO4 I . 34.65 7.85 -13.53
O3 SO4 I . 34.13 5.60 -12.95
O4 SO4 I . 34.85 6.13 -15.16
S SO4 J . 29.42 1.64 -8.53
O1 SO4 J . 28.49 2.46 -7.76
O2 SO4 J . 30.43 2.50 -9.14
O3 SO4 J . 28.70 0.92 -9.56
O4 SO4 J . 30.07 0.68 -7.63
S SO4 K . -7.82 0.38 -30.53
O1 SO4 K . -8.20 1.23 -31.65
O2 SO4 K . -6.39 0.56 -30.26
O3 SO4 K . -8.59 0.76 -29.34
O4 SO4 K . -8.09 -1.01 -30.85
S SO4 L . -2.89 -7.03 -31.64
O1 SO4 L . -3.54 -5.73 -31.49
O2 SO4 L . -1.93 -6.98 -32.75
O3 SO4 L . -3.90 -8.05 -31.94
O4 SO4 L . -2.19 -7.39 -30.41
S SO4 M . -13.19 -4.79 -28.31
O1 SO4 M . -13.55 -3.52 -28.92
O2 SO4 M . -12.08 -4.59 -27.37
O3 SO4 M . -14.34 -5.32 -27.57
O4 SO4 M . -12.78 -5.74 -29.34
S SO4 N . -3.20 -22.18 -29.57
O1 SO4 N . -3.72 -20.87 -29.96
O2 SO4 N . -2.36 -22.69 -30.66
O3 SO4 N . -4.31 -23.09 -29.34
O4 SO4 N . -2.41 -22.07 -28.36
S SO4 O . -4.48 -14.08 -26.44
O1 SO4 O . -5.54 -13.83 -27.42
O2 SO4 O . -3.31 -13.26 -26.76
O3 SO4 O . -4.96 -13.73 -25.10
O4 SO4 O . -4.11 -15.50 -26.49
S SO4 P . 29.76 -11.22 -0.09
O1 SO4 P . 29.12 -10.77 1.15
O2 SO4 P . 30.12 -10.07 -0.90
O3 SO4 P . 28.84 -12.07 -0.82
O4 SO4 P . 30.96 -11.97 0.26
S SO4 Q . 31.23 -7.05 -7.78
O1 SO4 Q . 32.56 -6.60 -7.39
O2 SO4 Q . 30.33 -5.90 -7.83
O3 SO4 Q . 30.73 -8.02 -6.80
O4 SO4 Q . 31.29 -7.66 -9.10
S SO4 R . 31.65 -4.05 2.80
O1 SO4 R . 31.22 -2.75 2.29
O2 SO4 R . 32.27 -3.89 4.12
O3 SO4 R . 30.50 -4.94 2.93
O4 SO4 R . 32.62 -4.66 1.88
S SO4 S . -25.14 -13.71 12.99
O1 SO4 S . -25.98 -12.63 12.51
O2 SO4 S . -24.12 -13.18 13.90
O3 SO4 S . -25.94 -14.71 13.70
O4 SO4 S . -24.48 -14.36 11.85
S SO4 T . -28.59 -5.73 15.09
O1 SO4 T . -29.28 -5.21 13.91
O2 SO4 T . -27.24 -5.17 15.14
O3 SO4 T . -29.32 -5.36 16.29
O4 SO4 T . -28.51 -7.20 15.00
S SO4 U . 5.66 10.81 35.47
O1 SO4 U . 5.65 12.03 34.67
O2 SO4 U . 4.99 11.05 36.74
O3 SO4 U . 7.05 10.40 35.71
O4 SO4 U . 4.96 9.74 34.74
S SO4 V . 5.17 13.62 27.03
O1 SO4 V . 5.94 13.36 25.81
O2 SO4 V . 5.25 15.04 27.36
O3 SO4 V . 5.74 12.83 28.13
O4 SO4 V . 3.79 13.25 26.81
S SO4 W . 5.67 18.15 36.66
O1 SO4 W . 5.55 19.60 36.82
O2 SO4 W . 6.14 17.84 35.31
O3 SO4 W . 6.62 17.63 37.65
O4 SO4 W . 4.36 17.54 36.87
S SO4 X . 3.80 26.08 18.29
O1 SO4 X . 4.69 25.77 17.17
O2 SO4 X . 3.85 27.51 18.57
O3 SO4 X . 4.25 25.34 19.46
O4 SO4 X . 2.43 25.70 17.94
S SO4 Y . 1.17 21.24 25.21
O1 SO4 Y . 1.55 22.32 24.29
O2 SO4 Y . 0.31 21.76 26.26
O3 SO4 Y . 2.37 20.66 25.79
O4 SO4 Y . 0.43 20.22 24.47
S SO4 Z . 10.81 22.87 19.97
O1 SO4 Z . 10.78 23.90 18.94
O2 SO4 Z . 10.11 23.35 21.15
O3 SO4 Z . 12.20 22.57 20.32
O4 SO4 Z . 10.16 21.66 19.48
S SO4 AA . -35.95 6.10 9.20
O1 SO4 AA . -36.88 6.09 8.07
O2 SO4 AA . -34.85 7.01 8.92
O3 SO4 AA . -36.66 6.54 10.41
O4 SO4 AA . -35.44 4.76 9.43
S SO4 BA . -29.57 0.19 8.41
O1 SO4 BA . -30.13 1.53 8.23
O2 SO4 BA . -28.84 -0.19 7.21
O3 SO4 BA . -30.65 -0.75 8.65
O4 SO4 BA . -28.65 0.19 9.54
#